data_4KI3
#
_entry.id   4KI3
#
_cell.length_a   67.201
_cell.length_b   67.130
_cell.length_c   132.563
_cell.angle_alpha   94.30
_cell.angle_beta   94.01
_cell.angle_gamma   120.01
#
_symmetry.space_group_name_H-M   'P 1'
#
loop_
_entity.id
_entity.type
_entity.pdbx_description
1 polymer 'Outer-membrane lipoprotein carrier protein'
2 non-polymer 'ACETATE ION'
3 non-polymer DI(HYDROXYETHYL)ETHER
4 non-polymer GLYCEROL
5 water water
#
_entity_poly.entity_id   1
_entity_poly.type   'polypeptide(L)'
_entity_poly.pdbx_seq_one_letter_code
;SNADASTDLQNRLSKVNSFHASFSQAVTSSDGAVVQEGEGELWVKRPNLFNWHMTSPDESVLISDGETLWFYNPFVEQAT
ATWLKNATGNTPFMLITRNNPDDWKQYNVKQKGDDFELTPKSASGNLKQFAISVTPSGTIKSFTAVEQDGQRSAYTLKSQ
QSSVVDASKFTFTPPKGVTLDDQR
;
_entity_poly.pdbx_strand_id   A,B,C,D,E,F,G,H,I,J,K,L
#
loop_
_chem_comp.id
_chem_comp.type
_chem_comp.name
_chem_comp.formula
ACT non-polymer 'ACETATE ION' 'C2 H3 O2 -1'
GOL non-polymer GLYCEROL 'C3 H8 O3'
PEG non-polymer DI(HYDROXYETHYL)ETHER 'C4 H10 O3'
#
# COMPACT_ATOMS: atom_id res chain seq x y z
N ASP A 4 47.60 -46.30 -5.65
CA ASP A 4 46.66 -46.13 -4.51
C ASP A 4 45.72 -44.93 -4.77
N ALA A 5 46.18 -43.71 -4.50
CA ALA A 5 45.36 -42.49 -4.70
C ALA A 5 44.95 -42.21 -6.14
N SER A 6 45.87 -42.39 -7.08
CA SER A 6 45.56 -42.14 -8.49
C SER A 6 44.50 -43.13 -8.96
N THR A 7 44.62 -44.36 -8.50
CA THR A 7 43.65 -45.40 -8.87
C THR A 7 42.27 -45.05 -8.29
N ASP A 8 42.26 -44.53 -7.06
CA ASP A 8 40.97 -44.16 -6.43
C ASP A 8 40.34 -42.95 -7.11
N LEU A 9 41.17 -41.97 -7.47
CA LEU A 9 40.67 -40.76 -8.16
C LEU A 9 40.05 -41.18 -9.48
N GLN A 10 40.78 -41.99 -10.25
CA GLN A 10 40.27 -42.48 -11.55
C GLN A 10 38.98 -43.27 -11.35
N ASN A 11 38.93 -44.14 -10.34
CA ASN A 11 37.73 -44.97 -10.11
C ASN A 11 36.49 -44.09 -9.88
N ARG A 12 36.63 -43.05 -9.04
CA ARG A 12 35.53 -42.10 -8.76
C ARG A 12 35.14 -41.33 -10.03
N LEU A 13 36.12 -40.87 -10.81
CA LEU A 13 35.80 -40.13 -12.02
C LEU A 13 35.07 -41.01 -13.06
N SER A 14 35.42 -42.31 -13.07
CA SER A 14 34.79 -43.24 -14.02
C SER A 14 33.32 -43.54 -13.76
N LYS A 15 32.81 -43.18 -12.57
CA LYS A 15 31.39 -43.43 -12.23
C LYS A 15 30.34 -42.52 -12.91
N VAL A 16 30.75 -41.33 -13.39
CA VAL A 16 29.84 -40.37 -14.00
C VAL A 16 30.51 -39.87 -15.29
N ASN A 17 30.13 -40.47 -16.40
CA ASN A 17 30.73 -40.09 -17.68
C ASN A 17 29.94 -39.07 -18.48
N SER A 18 28.73 -38.77 -18.05
CA SER A 18 27.91 -37.78 -18.72
C SER A 18 27.27 -36.95 -17.60
N PHE A 19 27.63 -35.68 -17.57
CA PHE A 19 27.10 -34.82 -16.54
C PHE A 19 27.18 -33.34 -16.88
N HIS A 20 26.44 -32.55 -16.10
N HIS A 20 26.54 -32.51 -16.08
CA HIS A 20 26.37 -31.09 -16.22
CA HIS A 20 26.67 -31.08 -16.27
C HIS A 20 26.56 -30.47 -14.85
C HIS A 20 26.64 -30.49 -14.89
N ALA A 21 27.11 -29.26 -14.80
CA ALA A 21 27.26 -28.56 -13.55
C ALA A 21 27.34 -27.07 -13.78
N SER A 22 26.98 -26.31 -12.74
CA SER A 22 27.16 -24.89 -12.79
C SER A 22 28.42 -24.69 -11.95
N PHE A 23 29.18 -23.66 -12.28
CA PHE A 23 30.40 -23.36 -11.55
C PHE A 23 30.62 -21.88 -11.23
N SER A 24 31.36 -21.63 -10.15
CA SER A 24 31.82 -20.29 -9.77
C SER A 24 33.33 -20.44 -9.84
N GLN A 25 34.02 -19.37 -10.17
CA GLN A 25 35.48 -19.37 -10.32
C GLN A 25 36.03 -18.14 -9.65
N ALA A 26 37.24 -18.28 -9.06
CA ALA A 26 37.94 -17.17 -8.41
C ALA A 26 39.44 -17.34 -8.68
N VAL A 27 40.04 -16.36 -9.37
CA VAL A 27 41.48 -16.39 -9.67
C VAL A 27 42.09 -15.45 -8.65
N THR A 28 42.98 -16.01 -7.80
N THR A 28 42.98 -15.99 -7.82
CA THR A 28 43.62 -15.30 -6.70
CA THR A 28 43.64 -15.19 -6.78
C THR A 28 45.16 -15.36 -6.76
C THR A 28 45.13 -15.32 -6.91
N SER A 29 45.81 -14.20 -6.69
CA SER A 29 47.27 -14.16 -6.75
C SER A 29 47.83 -14.63 -5.39
N SER A 30 49.14 -14.92 -5.35
CA SER A 30 49.72 -15.42 -4.13
C SER A 30 49.62 -14.48 -2.95
N ASP A 31 49.39 -13.17 -3.22
CA ASP A 31 49.24 -12.16 -2.14
C ASP A 31 47.78 -12.06 -1.64
N GLY A 32 46.92 -12.94 -2.16
CA GLY A 32 45.50 -12.95 -1.81
C GLY A 32 44.64 -11.99 -2.62
N ALA A 33 45.22 -11.25 -3.56
CA ALA A 33 44.43 -10.31 -4.37
C ALA A 33 43.63 -11.03 -5.46
N VAL A 34 42.33 -10.77 -5.50
CA VAL A 34 41.47 -11.33 -6.54
C VAL A 34 41.76 -10.66 -7.88
N VAL A 35 42.16 -11.45 -8.86
CA VAL A 35 42.42 -10.96 -10.19
C VAL A 35 41.09 -10.94 -10.95
N GLN A 36 40.31 -12.01 -10.79
CA GLN A 36 39.01 -12.11 -11.43
C GLN A 36 38.08 -13.16 -10.80
N GLU A 37 36.79 -12.88 -10.91
CA GLU A 37 35.74 -13.76 -10.41
C GLU A 37 34.78 -14.02 -11.56
N GLY A 38 34.22 -15.21 -11.62
CA GLY A 38 33.28 -15.50 -12.69
C GLY A 38 32.37 -16.67 -12.40
N GLU A 39 31.46 -16.92 -13.34
CA GLU A 39 30.54 -18.04 -13.24
C GLU A 39 30.09 -18.55 -14.60
N GLY A 40 29.61 -19.76 -14.61
CA GLY A 40 29.13 -20.34 -15.84
C GLY A 40 28.61 -21.73 -15.62
N GLU A 41 28.64 -22.50 -16.71
CA GLU A 41 28.21 -23.88 -16.67
C GLU A 41 28.97 -24.74 -17.66
N LEU A 42 28.89 -26.03 -17.43
CA LEU A 42 29.61 -26.96 -18.24
C LEU A 42 28.87 -28.28 -18.41
N TRP A 43 29.18 -28.95 -19.52
CA TRP A 43 28.60 -30.24 -19.84
C TRP A 43 29.73 -31.11 -20.32
N VAL A 44 29.68 -32.37 -19.96
CA VAL A 44 30.73 -33.32 -20.35
C VAL A 44 30.09 -34.65 -20.69
N LYS A 45 30.57 -35.24 -21.77
CA LYS A 45 30.18 -36.58 -22.17
C LYS A 45 31.41 -37.28 -22.68
N ARG A 46 31.95 -38.18 -21.86
CA ARG A 46 33.07 -38.97 -22.28
C ARG A 46 32.51 -40.09 -23.21
N PRO A 47 33.26 -40.41 -24.25
CA PRO A 47 34.56 -39.77 -24.47
C PRO A 47 34.62 -38.55 -25.39
N ASN A 48 35.57 -37.69 -25.12
CA ASN A 48 35.91 -36.57 -25.98
C ASN A 48 34.93 -35.46 -26.33
N LEU A 49 33.83 -35.35 -25.62
CA LEU A 49 32.85 -34.29 -25.87
C LEU A 49 32.67 -33.42 -24.65
N PHE A 50 32.62 -32.11 -24.87
CA PHE A 50 32.34 -31.16 -23.80
C PHE A 50 31.98 -29.77 -24.30
N ASN A 51 31.24 -29.07 -23.45
CA ASN A 51 30.83 -27.69 -23.67
C ASN A 51 31.03 -26.95 -22.35
N TRP A 52 31.98 -26.02 -22.35
CA TRP A 52 32.38 -25.20 -21.20
C TRP A 52 32.00 -23.76 -21.55
N HIS A 53 31.15 -23.15 -20.72
CA HIS A 53 30.61 -21.82 -21.00
C HIS A 53 30.67 -20.85 -19.81
N MET A 54 31.47 -19.81 -19.93
CA MET A 54 31.56 -18.79 -18.91
C MET A 54 30.59 -17.70 -19.32
N THR A 55 29.73 -17.30 -18.38
CA THR A 55 28.77 -16.24 -18.64
C THR A 55 29.23 -14.88 -18.05
N SER A 56 29.87 -14.90 -16.88
N SER A 56 29.87 -14.91 -16.88
CA SER A 56 30.40 -13.67 -16.23
CA SER A 56 30.39 -13.71 -16.19
C SER A 56 31.86 -13.91 -15.82
C SER A 56 31.86 -13.93 -15.81
N PRO A 57 32.72 -12.88 -15.85
CA PRO A 57 32.53 -11.45 -16.18
C PRO A 57 32.20 -11.19 -17.64
N ASP A 58 32.70 -12.04 -18.52
CA ASP A 58 32.43 -11.89 -19.94
C ASP A 58 32.23 -13.26 -20.56
N GLU A 59 31.52 -13.31 -21.67
CA GLU A 59 31.32 -14.60 -22.34
C GLU A 59 32.60 -15.23 -22.88
N SER A 60 32.72 -16.54 -22.68
CA SER A 60 33.83 -17.31 -23.23
C SER A 60 33.29 -18.73 -23.42
N VAL A 61 33.67 -19.36 -24.51
CA VAL A 61 33.16 -20.66 -24.93
C VAL A 61 34.29 -21.59 -25.31
N LEU A 62 34.25 -22.80 -24.79
CA LEU A 62 35.28 -23.82 -25.09
C LEU A 62 34.49 -25.08 -25.34
N ILE A 63 34.50 -25.58 -26.57
CA ILE A 63 33.73 -26.76 -26.96
C ILE A 63 34.54 -27.81 -27.76
N SER A 64 34.32 -29.07 -27.42
CA SER A 64 34.92 -30.17 -28.18
C SER A 64 33.75 -30.91 -28.79
N ASP A 65 33.71 -30.98 -30.13
CA ASP A 65 32.69 -31.70 -30.84
C ASP A 65 33.13 -33.19 -31.09
N GLY A 66 34.26 -33.58 -30.47
CA GLY A 66 34.83 -34.95 -30.58
C GLY A 66 36.00 -35.09 -31.54
N GLU A 67 36.17 -34.09 -32.40
N GLU A 67 36.10 -34.12 -32.45
CA GLU A 67 37.27 -34.07 -33.38
CA GLU A 67 37.15 -34.06 -33.47
C GLU A 67 37.98 -32.74 -33.32
C GLU A 67 37.95 -32.75 -33.36
N THR A 68 37.22 -31.64 -33.31
CA THR A 68 37.79 -30.31 -33.21
C THR A 68 37.49 -29.69 -31.81
N LEU A 69 38.49 -28.99 -31.29
CA LEU A 69 38.42 -28.21 -30.04
C LEU A 69 38.30 -26.75 -30.48
N TRP A 70 37.25 -26.07 -30.01
CA TRP A 70 36.98 -24.70 -30.36
C TRP A 70 37.06 -23.73 -29.17
N PHE A 71 37.76 -22.61 -29.33
CA PHE A 71 37.81 -21.52 -28.34
C PHE A 71 37.14 -20.32 -29.05
N TYR A 72 36.20 -19.69 -28.38
CA TYR A 72 35.49 -18.53 -28.90
C TYR A 72 35.27 -17.41 -27.88
N ASN A 73 35.63 -16.20 -28.32
CA ASN A 73 35.45 -14.99 -27.52
C ASN A 73 34.60 -14.01 -28.34
N PRO A 74 33.34 -13.78 -27.89
CA PRO A 74 32.53 -12.91 -28.74
C PRO A 74 32.96 -11.47 -28.76
N PHE A 75 33.56 -10.99 -27.67
CA PHE A 75 33.94 -9.59 -27.60
C PHE A 75 34.96 -9.20 -28.65
N VAL A 76 36.04 -9.98 -28.79
CA VAL A 76 37.03 -9.70 -29.81
C VAL A 76 36.65 -10.35 -31.17
N GLU A 77 35.50 -11.06 -31.25
N GLU A 77 35.51 -11.07 -31.21
CA GLU A 77 35.02 -11.71 -32.48
CA GLU A 77 34.98 -11.72 -32.40
C GLU A 77 36.03 -12.69 -33.04
C GLU A 77 36.00 -12.68 -33.02
N GLN A 78 36.59 -13.52 -32.15
CA GLN A 78 37.60 -14.50 -32.56
C GLN A 78 37.32 -15.90 -32.08
N ALA A 79 37.62 -16.84 -32.97
CA ALA A 79 37.54 -18.25 -32.69
C ALA A 79 38.87 -18.89 -33.09
N THR A 80 39.18 -20.01 -32.42
CA THR A 80 40.37 -20.81 -32.66
C THR A 80 39.97 -22.30 -32.73
N ALA A 81 40.37 -22.98 -33.82
CA ALA A 81 40.08 -24.41 -33.98
C ALA A 81 41.37 -25.20 -34.05
N THR A 82 41.41 -26.32 -33.34
CA THR A 82 42.56 -27.24 -33.32
C THR A 82 42.02 -28.67 -33.28
N TRP A 83 42.81 -29.65 -33.73
CA TRP A 83 42.35 -31.04 -33.62
C TRP A 83 42.46 -31.49 -32.14
N LEU A 84 41.39 -32.12 -31.65
CA LEU A 84 41.31 -32.61 -30.27
C LEU A 84 42.41 -33.65 -30.02
N LYS A 85 42.76 -34.43 -31.03
CA LYS A 85 43.80 -35.45 -30.89
C LYS A 85 45.13 -34.88 -30.41
N ASN A 86 45.37 -33.59 -30.66
CA ASN A 86 46.60 -32.88 -30.26
C ASN A 86 46.48 -32.20 -28.90
N ALA A 87 45.26 -32.21 -28.34
CA ALA A 87 45.05 -31.61 -27.04
C ALA A 87 45.79 -32.43 -25.98
N THR A 88 46.04 -31.81 -24.83
CA THR A 88 46.69 -32.46 -23.68
C THR A 88 45.83 -32.15 -22.45
N GLY A 89 46.10 -32.85 -21.34
CA GLY A 89 45.39 -32.62 -20.09
C GLY A 89 46.16 -31.53 -19.38
N ASN A 90 46.07 -30.31 -19.91
CA ASN A 90 46.83 -29.16 -19.39
C ASN A 90 46.17 -28.28 -18.33
N THR A 91 44.92 -28.61 -18.02
CA THR A 91 44.15 -27.91 -17.02
C THR A 91 43.35 -28.98 -16.27
N PRO A 92 42.91 -28.67 -15.04
CA PRO A 92 42.08 -29.61 -14.29
C PRO A 92 40.81 -29.99 -15.10
N PHE A 93 40.15 -28.99 -15.70
CA PHE A 93 38.99 -29.28 -16.52
C PHE A 93 39.34 -30.32 -17.64
N MET A 94 40.43 -30.11 -18.39
CA MET A 94 40.75 -31.07 -19.47
C MET A 94 41.07 -32.47 -18.94
N LEU A 95 41.74 -32.53 -17.79
CA LEU A 95 42.07 -33.81 -17.13
C LEU A 95 40.81 -34.59 -16.75
N ILE A 96 39.82 -33.85 -16.29
CA ILE A 96 38.55 -34.40 -15.91
C ILE A 96 37.75 -34.92 -17.12
N THR A 97 37.74 -34.17 -18.22
CA THR A 97 37.03 -34.60 -19.45
C THR A 97 37.65 -35.83 -20.05
N ARG A 98 38.96 -35.96 -19.93
CA ARG A 98 39.67 -37.09 -20.53
C ARG A 98 39.69 -38.36 -19.69
N ASN A 99 39.85 -38.21 -18.39
CA ASN A 99 40.01 -39.29 -17.43
C ASN A 99 40.81 -40.41 -18.11
N ASN A 100 42.04 -40.04 -18.46
CA ASN A 100 42.99 -40.89 -19.19
C ASN A 100 44.13 -41.37 -18.30
N PRO A 101 44.26 -42.70 -18.11
CA PRO A 101 45.36 -43.19 -17.25
C PRO A 101 46.73 -42.61 -17.62
N ASP A 102 46.97 -42.43 -18.93
CA ASP A 102 48.23 -41.86 -19.46
C ASP A 102 48.47 -40.39 -19.05
N ASP A 103 47.41 -39.68 -18.67
CA ASP A 103 47.57 -38.35 -18.15
C ASP A 103 47.89 -38.44 -16.67
N TRP A 104 47.12 -39.24 -15.96
CA TRP A 104 47.25 -39.36 -14.53
C TRP A 104 48.63 -39.84 -14.08
N LYS A 105 49.28 -40.64 -14.93
CA LYS A 105 50.59 -41.20 -14.62
C LYS A 105 51.69 -40.15 -14.59
N GLN A 106 51.42 -38.99 -15.19
CA GLN A 106 52.39 -37.90 -15.21
C GLN A 106 52.36 -37.06 -13.93
N TYR A 107 51.58 -37.51 -12.95
CA TYR A 107 51.44 -36.82 -11.69
C TYR A 107 51.57 -37.73 -10.47
N ASN A 108 52.14 -37.18 -9.40
CA ASN A 108 52.16 -37.89 -8.13
C ASN A 108 50.87 -37.43 -7.46
N VAL A 109 49.99 -38.38 -7.11
CA VAL A 109 48.71 -38.05 -6.49
C VAL A 109 48.62 -38.45 -5.01
N LYS A 110 48.21 -37.49 -4.18
CA LYS A 110 47.99 -37.73 -2.76
C LYS A 110 46.50 -37.58 -2.48
N GLN A 111 46.00 -38.31 -1.50
CA GLN A 111 44.60 -38.29 -1.16
C GLN A 111 44.35 -38.12 0.33
N LYS A 112 43.27 -37.40 0.63
CA LYS A 112 42.78 -37.20 1.98
C LYS A 112 41.27 -37.06 1.83
N GLY A 113 40.60 -38.20 1.99
CA GLY A 113 39.15 -38.31 1.85
C GLY A 113 38.76 -38.04 0.41
N ASP A 114 37.94 -37.01 0.18
CA ASP A 114 37.54 -36.63 -1.16
C ASP A 114 38.50 -35.68 -1.85
N ASP A 115 39.53 -35.20 -1.13
CA ASP A 115 40.48 -34.25 -1.66
C ASP A 115 41.76 -34.87 -2.20
N PHE A 116 41.98 -34.70 -3.49
CA PHE A 116 43.16 -35.20 -4.15
C PHE A 116 44.06 -34.01 -4.53
N GLU A 117 45.37 -34.21 -4.48
CA GLU A 117 46.34 -33.21 -4.82
C GLU A 117 47.29 -33.83 -5.81
N LEU A 118 47.50 -33.17 -6.94
CA LEU A 118 48.35 -33.67 -7.99
C LEU A 118 49.56 -32.78 -8.27
N THR A 119 50.76 -33.37 -8.20
CA THR A 119 51.98 -32.61 -8.44
C THR A 119 52.68 -33.21 -9.66
N PRO A 120 53.02 -32.37 -10.65
CA PRO A 120 53.63 -32.92 -11.87
C PRO A 120 54.99 -33.54 -11.59
N LYS A 121 55.32 -34.56 -12.38
CA LYS A 121 56.59 -35.27 -12.24
C LYS A 121 57.68 -34.59 -13.07
N SER A 122 57.29 -33.86 -14.11
CA SER A 122 58.24 -33.16 -15.00
C SER A 122 57.97 -31.67 -15.00
N LEU A 127 53.47 -25.00 -14.13
N LEU A 127 53.33 -24.58 -14.03
CA LEU A 127 52.42 -25.49 -13.24
CA LEU A 127 52.43 -25.39 -13.21
C LEU A 127 53.06 -25.93 -11.94
C LEU A 127 53.09 -25.82 -11.94
N LYS A 128 52.40 -25.66 -10.81
CA LYS A 128 52.91 -26.07 -9.50
C LYS A 128 52.13 -27.30 -9.04
N GLN A 129 50.80 -27.18 -9.01
CA GLN A 129 49.92 -28.25 -8.56
C GLN A 129 48.48 -28.11 -9.06
N PHE A 130 47.78 -29.24 -9.10
CA PHE A 130 46.34 -29.26 -9.41
C PHE A 130 45.70 -29.93 -8.19
N ALA A 131 44.46 -29.59 -7.88
CA ALA A 131 43.76 -30.23 -6.78
C ALA A 131 42.34 -30.49 -7.28
N ILE A 132 41.80 -31.65 -6.94
CA ILE A 132 40.43 -32.01 -7.34
C ILE A 132 39.72 -32.67 -6.19
N SER A 133 38.45 -32.31 -5.95
CA SER A 133 37.65 -32.92 -4.88
C SER A 133 36.47 -33.65 -5.52
N VAL A 134 36.34 -34.91 -5.19
CA VAL A 134 35.28 -35.73 -5.74
C VAL A 134 34.84 -36.77 -4.73
N THR A 135 33.52 -36.86 -4.56
CA THR A 135 32.97 -37.78 -3.57
C THR A 135 33.11 -39.20 -4.06
N PRO A 136 32.95 -40.16 -3.13
CA PRO A 136 33.07 -41.57 -3.46
C PRO A 136 32.11 -42.03 -4.57
N SER A 137 30.92 -41.44 -4.64
N SER A 137 30.92 -41.44 -4.62
CA SER A 137 29.94 -41.79 -5.67
CA SER A 137 29.93 -41.75 -5.66
C SER A 137 30.20 -41.10 -7.03
C SER A 137 30.16 -41.06 -7.01
N GLY A 138 31.21 -40.23 -7.11
CA GLY A 138 31.55 -39.55 -8.36
C GLY A 138 31.10 -38.10 -8.54
N THR A 139 30.71 -37.44 -7.45
CA THR A 139 30.29 -36.05 -7.53
C THR A 139 31.51 -35.12 -7.39
N ILE A 140 31.79 -34.37 -8.45
CA ILE A 140 32.94 -33.43 -8.43
C ILE A 140 32.48 -32.17 -7.74
N LYS A 141 33.18 -31.78 -6.66
N LYS A 141 33.18 -31.78 -6.66
CA LYS A 141 32.81 -30.58 -5.87
CA LYS A 141 32.80 -30.60 -5.87
C LYS A 141 33.59 -29.32 -6.21
C LYS A 141 33.59 -29.32 -6.20
N SER A 142 34.87 -29.48 -6.51
CA SER A 142 35.73 -28.39 -6.82
C SER A 142 37.03 -28.89 -7.46
N PHE A 143 37.73 -27.98 -8.09
CA PHE A 143 39.09 -28.23 -8.64
C PHE A 143 39.82 -26.88 -8.71
N THR A 144 41.14 -26.95 -8.56
CA THR A 144 41.97 -25.77 -8.53
C THR A 144 43.30 -26.02 -9.21
N ALA A 145 43.85 -24.98 -9.83
CA ALA A 145 45.18 -25.03 -10.45
C ALA A 145 46.03 -23.95 -9.78
N VAL A 146 47.27 -24.29 -9.45
CA VAL A 146 48.21 -23.36 -8.84
C VAL A 146 49.41 -23.29 -9.76
N GLU A 147 49.84 -22.08 -10.07
CA GLU A 147 51.01 -21.85 -10.94
C GLU A 147 52.24 -21.71 -10.08
N GLN A 148 53.41 -21.70 -10.73
CA GLN A 148 54.68 -21.54 -10.04
C GLN A 148 54.78 -20.18 -9.33
N ASP A 149 54.10 -19.16 -9.86
CA ASP A 149 54.10 -17.83 -9.23
C ASP A 149 53.09 -17.77 -8.09
N GLY A 150 52.42 -18.90 -7.82
CA GLY A 150 51.47 -19.02 -6.72
C GLY A 150 50.05 -18.56 -7.01
N GLN A 151 49.77 -18.21 -8.26
CA GLN A 151 48.43 -17.73 -8.60
C GLN A 151 47.54 -18.95 -8.65
N ARG A 152 46.35 -18.83 -8.08
CA ARG A 152 45.38 -19.94 -7.97
C ARG A 152 44.08 -19.69 -8.69
N SER A 153 43.67 -20.66 -9.50
N SER A 153 43.65 -20.70 -9.44
CA SER A 153 42.37 -20.61 -10.22
CA SER A 153 42.41 -20.64 -10.18
C SER A 153 41.50 -21.68 -9.58
C SER A 153 41.52 -21.70 -9.55
N ALA A 154 40.51 -21.25 -8.81
CA ALA A 154 39.64 -22.16 -8.09
C ALA A 154 38.24 -22.20 -8.62
N TYR A 155 37.78 -23.40 -8.91
CA TYR A 155 36.42 -23.63 -9.37
C TYR A 155 35.65 -24.43 -8.35
N THR A 156 34.41 -24.00 -8.09
N THR A 156 34.41 -24.02 -8.08
CA THR A 156 33.50 -24.71 -7.20
CA THR A 156 33.56 -24.74 -7.15
C THR A 156 32.34 -25.11 -8.07
C THR A 156 32.34 -25.10 -8.00
N LEU A 157 31.95 -26.37 -8.01
CA LEU A 157 30.82 -26.88 -8.82
C LEU A 157 29.55 -27.06 -7.99
N LYS A 158 28.45 -26.57 -8.55
CA LYS A 158 27.13 -26.61 -7.93
C LYS A 158 26.17 -27.39 -8.82
N SER A 159 25.18 -28.01 -8.19
CA SER A 159 24.12 -28.71 -8.90
C SER A 159 24.57 -29.70 -9.98
N GLN A 160 25.55 -30.56 -9.69
CA GLN A 160 26.00 -31.54 -10.66
C GLN A 160 24.90 -32.56 -10.87
N GLN A 161 24.51 -32.77 -12.12
CA GLN A 161 23.49 -33.73 -12.47
C GLN A 161 24.10 -34.70 -13.47
N SER A 162 23.91 -35.99 -13.23
CA SER A 162 24.41 -37.03 -14.13
C SER A 162 23.31 -37.24 -15.17
N SER A 163 23.48 -36.62 -16.33
CA SER A 163 22.49 -36.71 -17.39
C SER A 163 23.11 -36.86 -18.78
N VAL A 164 22.25 -37.04 -19.77
CA VAL A 164 22.66 -37.16 -21.16
C VAL A 164 21.83 -36.16 -21.98
N VAL A 165 22.41 -34.98 -22.23
CA VAL A 165 21.73 -33.90 -22.97
C VAL A 165 21.83 -34.16 -24.48
N ASP A 166 21.10 -33.40 -25.28
CA ASP A 166 21.14 -33.56 -26.74
C ASP A 166 22.52 -33.30 -27.33
N ALA A 167 22.89 -34.12 -28.31
CA ALA A 167 24.18 -34.06 -28.99
C ALA A 167 24.53 -32.67 -29.55
N SER A 168 23.51 -31.84 -29.78
CA SER A 168 23.68 -30.48 -30.28
C SER A 168 24.51 -29.58 -29.36
N LYS A 169 24.61 -29.96 -28.09
CA LYS A 169 25.37 -29.18 -27.14
C LYS A 169 26.85 -29.25 -27.48
N PHE A 170 27.26 -30.34 -28.12
CA PHE A 170 28.68 -30.55 -28.48
C PHE A 170 28.99 -30.23 -29.95
N THR A 171 28.55 -29.08 -30.40
CA THR A 171 28.81 -28.64 -31.76
C THR A 171 29.08 -27.15 -31.72
N PHE A 172 29.77 -26.67 -32.73
CA PHE A 172 30.06 -25.27 -32.86
C PHE A 172 30.33 -24.87 -34.30
N THR A 173 29.77 -23.72 -34.68
N THR A 173 29.78 -23.73 -34.71
CA THR A 173 29.96 -23.14 -35.98
CA THR A 173 30.02 -23.19 -36.03
C THR A 173 30.26 -21.68 -35.69
C THR A 173 30.23 -21.70 -35.77
N PRO A 174 31.38 -21.15 -36.21
CA PRO A 174 31.68 -19.74 -35.96
C PRO A 174 30.56 -18.82 -36.43
N PRO A 175 30.07 -17.92 -35.55
CA PRO A 175 29.05 -17.00 -35.99
C PRO A 175 29.52 -16.12 -37.16
N LYS A 176 28.56 -15.46 -37.80
CA LYS A 176 28.89 -14.60 -38.90
C LYS A 176 29.77 -13.45 -38.41
N GLY A 177 30.81 -13.13 -39.19
CA GLY A 177 31.73 -12.06 -38.83
C GLY A 177 32.78 -12.40 -37.80
N VAL A 178 32.86 -13.66 -37.35
CA VAL A 178 33.89 -14.04 -36.38
C VAL A 178 35.07 -14.52 -37.21
N THR A 179 36.29 -14.09 -36.90
CA THR A 179 37.47 -14.54 -37.61
C THR A 179 37.91 -15.86 -36.98
N LEU A 180 38.06 -16.89 -37.79
CA LEU A 180 38.56 -18.16 -37.32
C LEU A 180 40.06 -18.37 -37.60
N ASP A 181 40.82 -18.63 -36.54
CA ASP A 181 42.24 -19.00 -36.60
C ASP A 181 42.14 -20.52 -36.63
N ASP A 182 42.16 -21.09 -37.84
CA ASP A 182 42.05 -22.53 -37.98
C ASP A 182 43.45 -23.16 -38.02
N GLN A 183 43.82 -23.80 -36.91
N GLN A 183 43.81 -23.82 -36.93
CA GLN A 183 45.13 -24.45 -36.79
CA GLN A 183 45.13 -24.45 -36.81
C GLN A 183 45.13 -25.86 -37.32
C GLN A 183 45.09 -25.92 -37.19
N ARG A 184 43.95 -26.34 -37.73
CA ARG A 184 43.78 -27.73 -38.20
C ARG A 184 44.58 -28.02 -39.49
N ASP B 4 61.99 -16.41 -45.13
CA ASP B 4 61.25 -15.46 -46.02
C ASP B 4 59.95 -14.94 -45.37
N ALA B 5 59.33 -15.74 -44.50
CA ALA B 5 58.11 -15.28 -43.81
C ALA B 5 58.44 -14.04 -42.98
N SER B 6 59.64 -13.99 -42.40
CA SER B 6 60.07 -12.83 -41.61
C SER B 6 60.26 -11.63 -42.50
N THR B 7 60.84 -11.85 -43.69
CA THR B 7 61.06 -10.77 -44.63
C THR B 7 59.72 -10.21 -45.10
N ASP B 8 58.78 -11.10 -45.41
CA ASP B 8 57.46 -10.69 -45.87
C ASP B 8 56.73 -9.86 -44.80
N LEU B 9 56.78 -10.32 -43.55
CA LEU B 9 56.14 -9.59 -42.42
C LEU B 9 56.73 -8.18 -42.30
N GLN B 10 58.06 -8.07 -42.32
CA GLN B 10 58.74 -6.78 -42.23
C GLN B 10 58.39 -5.86 -43.39
N ASN B 11 58.33 -6.45 -44.59
CA ASN B 11 57.99 -5.70 -45.79
C ASN B 11 56.58 -5.09 -45.61
N ARG B 12 55.62 -5.90 -45.16
CA ARG B 12 54.25 -5.43 -44.94
C ARG B 12 54.20 -4.33 -43.87
N LEU B 13 54.87 -4.55 -42.74
CA LEU B 13 54.88 -3.55 -41.67
C LEU B 13 55.51 -2.23 -42.10
N SER B 14 56.58 -2.28 -42.90
CA SER B 14 57.27 -1.08 -43.39
C SER B 14 56.43 -0.19 -44.32
N LYS B 15 55.31 -0.71 -44.83
CA LYS B 15 54.44 0.07 -45.73
C LYS B 15 53.63 1.19 -45.05
N VAL B 16 53.35 1.08 -43.75
CA VAL B 16 52.58 2.09 -43.00
C VAL B 16 53.33 2.42 -41.69
N ASN B 17 54.03 3.53 -41.72
CA ASN B 17 54.83 3.98 -40.58
C ASN B 17 54.19 5.02 -39.69
N SER B 18 53.04 5.56 -40.06
CA SER B 18 52.35 6.53 -39.22
C SER B 18 50.88 6.19 -39.29
N PHE B 19 50.32 5.79 -38.14
CA PHE B 19 48.95 5.38 -38.11
C PHE B 19 48.28 5.45 -36.76
N HIS B 20 46.95 5.37 -36.81
N HIS B 20 46.97 5.31 -36.78
CA HIS B 20 46.06 5.43 -35.66
CA HIS B 20 46.19 5.30 -35.57
C HIS B 20 45.02 4.34 -35.79
C HIS B 20 45.06 4.33 -35.77
N ALA B 21 44.68 3.69 -34.67
CA ALA B 21 43.64 2.67 -34.67
C ALA B 21 43.08 2.52 -33.28
N SER B 22 41.82 2.05 -33.21
N SER B 22 41.83 2.05 -33.21
CA SER B 22 41.19 1.75 -31.93
CA SER B 22 41.18 1.76 -31.93
C SER B 22 41.35 0.24 -31.80
C SER B 22 41.40 0.26 -31.79
N PHE B 23 41.31 -0.25 -30.58
CA PHE B 23 41.46 -1.68 -30.37
C PHE B 23 40.55 -2.26 -29.29
N SER B 24 40.33 -3.56 -29.40
CA SER B 24 39.64 -4.34 -28.41
C SER B 24 40.65 -5.33 -27.94
N GLN B 25 40.55 -5.71 -26.68
CA GLN B 25 41.49 -6.68 -26.09
C GLN B 25 40.77 -7.73 -25.23
N ALA B 26 41.25 -8.97 -25.26
CA ALA B 26 40.71 -10.05 -24.41
C ALA B 26 41.86 -10.87 -23.93
N VAL B 27 41.93 -11.03 -22.59
CA VAL B 27 42.96 -11.83 -21.93
C VAL B 27 42.28 -13.09 -21.45
N THR B 28 42.65 -14.24 -22.02
N THR B 28 42.71 -14.24 -21.97
CA THR B 28 42.04 -15.57 -21.73
CA THR B 28 42.11 -15.49 -21.60
C THR B 28 43.05 -16.64 -21.33
C THR B 28 43.19 -16.45 -21.15
N SER B 29 42.84 -17.24 -20.17
CA SER B 29 43.73 -18.26 -19.65
C SER B 29 43.56 -19.52 -20.46
N SER B 30 44.50 -20.45 -20.30
CA SER B 30 44.45 -21.69 -21.05
C SER B 30 43.17 -22.52 -20.90
N ASP B 31 42.46 -22.37 -19.78
CA ASP B 31 41.19 -23.08 -19.57
C ASP B 31 40.01 -22.36 -20.22
N GLY B 32 40.29 -21.25 -20.88
CA GLY B 32 39.26 -20.49 -21.58
C GLY B 32 38.59 -19.41 -20.76
N ALA B 33 39.00 -19.23 -19.50
CA ALA B 33 38.39 -18.23 -18.62
C ALA B 33 38.91 -16.86 -18.99
N VAL B 34 38.03 -15.90 -19.12
CA VAL B 34 38.42 -14.54 -19.41
C VAL B 34 38.94 -13.90 -18.15
N VAL B 35 40.18 -13.41 -18.22
CA VAL B 35 40.79 -12.70 -17.12
C VAL B 35 40.35 -11.24 -17.13
N GLN B 36 40.34 -10.64 -18.33
N GLN B 36 40.38 -10.62 -18.31
CA GLN B 36 39.92 -9.28 -18.49
CA GLN B 36 40.07 -9.21 -18.49
C GLN B 36 39.60 -9.02 -19.96
C GLN B 36 39.78 -8.87 -19.97
N GLU B 37 38.80 -8.00 -20.21
CA GLU B 37 38.47 -7.53 -21.58
C GLU B 37 38.53 -6.01 -21.52
N GLY B 38 39.03 -5.38 -22.59
CA GLY B 38 39.13 -3.91 -22.60
C GLY B 38 39.15 -3.34 -24.00
N GLU B 39 39.29 -2.02 -24.05
CA GLU B 39 39.35 -1.25 -25.27
C GLU B 39 40.25 -0.03 -25.09
N GLY B 40 40.64 0.55 -26.20
CA GLY B 40 41.46 1.76 -26.18
C GLY B 40 41.81 2.18 -27.58
N GLU B 41 42.86 2.98 -27.69
CA GLU B 41 43.35 3.45 -28.99
C GLU B 41 44.84 3.66 -28.92
N LEU B 42 45.44 3.73 -30.11
CA LEU B 42 46.87 3.86 -30.24
C LEU B 42 47.29 4.63 -31.46
N TRP B 43 48.40 5.33 -31.32
CA TRP B 43 49.00 6.07 -32.41
C TRP B 43 50.46 5.65 -32.50
N VAL B 44 50.96 5.43 -33.71
CA VAL B 44 52.37 5.05 -33.93
C VAL B 44 52.96 5.97 -35.01
N LYS B 45 54.20 6.42 -34.81
CA LYS B 45 54.92 7.22 -35.80
C LYS B 45 56.38 6.80 -35.76
N ARG B 46 56.75 5.84 -36.61
N ARG B 46 56.74 5.93 -36.70
CA ARG B 46 58.14 5.39 -36.63
CA ARG B 46 58.09 5.41 -36.85
C ARG B 46 58.93 6.50 -37.31
C ARG B 46 58.96 6.54 -37.41
N PRO B 47 60.18 6.70 -36.87
CA PRO B 47 60.75 5.91 -35.79
C PRO B 47 60.56 6.46 -34.38
N ASN B 48 60.49 5.51 -33.45
CA ASN B 48 60.50 5.72 -32.01
C ASN B 48 59.36 6.42 -31.28
N LEU B 49 58.30 6.79 -31.97
CA LEU B 49 57.20 7.46 -31.30
C LEU B 49 55.90 6.66 -31.29
N PHE B 50 55.24 6.64 -30.13
CA PHE B 50 53.92 6.04 -29.95
C PHE B 50 53.17 6.51 -28.72
N ASN B 51 51.85 6.33 -28.81
CA ASN B 51 50.90 6.63 -27.74
C ASN B 51 49.87 5.50 -27.79
N TRP B 52 49.91 4.70 -26.72
CA TRP B 52 49.07 3.54 -26.50
C TRP B 52 48.27 3.89 -25.26
N HIS B 53 46.95 3.83 -25.43
CA HIS B 53 46.03 4.23 -24.38
C HIS B 53 44.84 3.30 -24.19
N MET B 54 44.81 2.60 -23.07
N MET B 54 44.82 2.60 -23.07
CA MET B 54 43.69 1.73 -22.74
CA MET B 54 43.68 1.75 -22.73
C MET B 54 42.72 2.68 -22.04
C MET B 54 42.72 2.70 -22.03
N THR B 55 41.47 2.73 -22.49
CA THR B 55 40.47 3.62 -21.95
C THR B 55 39.36 2.95 -21.17
N SER B 56 39.22 1.64 -21.31
CA SER B 56 38.21 0.88 -20.59
C SER B 56 38.63 -0.56 -20.41
N PRO B 57 38.22 -1.17 -19.30
CA PRO B 57 37.42 -0.63 -18.20
C PRO B 57 38.33 0.16 -17.23
N ASP B 58 39.63 -0.03 -17.30
CA ASP B 58 40.57 0.70 -16.43
C ASP B 58 41.58 1.45 -17.31
N GLU B 59 41.84 2.72 -17.04
CA GLU B 59 42.77 3.49 -17.87
C GLU B 59 44.26 3.24 -17.60
N SER B 60 45.05 3.18 -18.67
N SER B 60 45.02 3.19 -18.69
CA SER B 60 46.50 3.08 -18.54
CA SER B 60 46.46 3.01 -18.60
C SER B 60 47.07 3.69 -19.80
C SER B 60 47.07 3.69 -19.83
N VAL B 61 48.24 4.30 -19.65
CA VAL B 61 48.92 4.99 -20.70
C VAL B 61 50.35 4.51 -20.86
N LEU B 62 50.77 4.32 -22.12
CA LEU B 62 52.14 3.95 -22.46
C LEU B 62 52.55 4.86 -23.62
N ILE B 63 53.54 5.71 -23.38
CA ILE B 63 53.96 6.67 -24.41
C ILE B 63 55.46 6.76 -24.59
N SER B 64 55.90 6.76 -25.86
CA SER B 64 57.30 6.99 -26.17
C SER B 64 57.39 8.37 -26.79
N ASP B 65 58.22 9.25 -26.21
CA ASP B 65 58.43 10.58 -26.79
C ASP B 65 59.68 10.57 -27.71
N GLY B 66 60.25 9.37 -27.92
CA GLY B 66 61.42 9.23 -28.78
C GLY B 66 62.71 9.08 -28.01
N GLU B 67 62.68 9.46 -26.74
CA GLU B 67 63.84 9.35 -25.85
C GLU B 67 63.48 8.61 -24.57
N THR B 68 62.33 8.97 -23.99
CA THR B 68 61.85 8.35 -22.76
C THR B 68 60.58 7.53 -22.98
N LEU B 69 60.52 6.34 -22.37
CA LEU B 69 59.34 5.48 -22.42
C LEU B 69 58.63 5.69 -21.11
N TRP B 70 57.36 6.08 -21.18
CA TRP B 70 56.60 6.33 -19.99
C TRP B 70 55.39 5.38 -19.80
N PHE B 71 55.24 4.88 -18.57
N PHE B 71 55.24 4.86 -18.57
CA PHE B 71 54.06 4.13 -18.24
CA PHE B 71 54.13 3.99 -18.13
C PHE B 71 53.39 4.92 -17.16
C PHE B 71 53.37 4.74 -17.04
N TYR B 72 52.07 4.98 -17.22
CA TYR B 72 51.29 5.71 -16.24
C TYR B 72 49.95 5.05 -15.91
N ASN B 73 49.67 4.95 -14.62
N ASN B 73 49.69 4.92 -14.62
CA ASN B 73 48.43 4.39 -14.09
CA ASN B 73 48.43 4.38 -14.11
C ASN B 73 47.81 5.41 -13.15
C ASN B 73 47.84 5.44 -13.17
N PRO B 74 46.74 6.08 -13.60
CA PRO B 74 46.09 7.11 -12.82
C PRO B 74 45.43 6.63 -11.52
N PHE B 75 45.04 5.36 -11.47
CA PHE B 75 44.34 4.80 -10.28
C PHE B 75 45.25 4.77 -9.05
N VAL B 76 46.50 4.33 -9.21
CA VAL B 76 47.47 4.32 -8.10
C VAL B 76 48.36 5.56 -8.17
N GLU B 77 48.09 6.43 -9.16
CA GLU B 77 48.86 7.65 -9.41
C GLU B 77 50.36 7.42 -9.46
N GLN B 78 50.77 6.45 -10.27
CA GLN B 78 52.20 6.15 -10.44
C GLN B 78 52.59 6.23 -11.90
N ALA B 79 53.82 6.62 -12.14
CA ALA B 79 54.39 6.67 -13.47
C ALA B 79 55.80 6.07 -13.37
N THR B 80 56.28 5.48 -14.46
CA THR B 80 57.65 4.94 -14.53
C THR B 80 58.27 5.48 -15.82
N ALA B 81 59.49 6.04 -15.72
CA ALA B 81 60.23 6.56 -16.85
C ALA B 81 61.46 5.72 -17.04
N THR B 82 61.74 5.38 -18.28
CA THR B 82 62.96 4.64 -18.61
C THR B 82 63.45 5.19 -19.96
N TRP B 83 64.71 4.96 -20.31
CA TRP B 83 65.19 5.45 -21.58
C TRP B 83 64.76 4.45 -22.65
N LEU B 84 64.19 4.95 -23.75
CA LEU B 84 63.72 4.12 -24.86
C LEU B 84 64.84 3.25 -25.45
N LYS B 85 66.08 3.75 -25.43
CA LYS B 85 67.26 3.01 -25.95
C LYS B 85 67.37 1.65 -25.29
N ASN B 86 66.92 1.54 -24.04
CA ASN B 86 66.99 0.29 -23.29
C ASN B 86 65.79 -0.64 -23.50
N ALA B 87 64.74 -0.18 -24.17
CA ALA B 87 63.58 -1.02 -24.45
C ALA B 87 63.96 -2.10 -25.43
N THR B 88 63.17 -3.18 -25.43
CA THR B 88 63.31 -4.34 -26.33
C THR B 88 61.92 -4.63 -26.91
N GLY B 89 61.82 -5.45 -27.95
CA GLY B 89 60.53 -5.78 -28.53
C GLY B 89 60.00 -6.98 -27.77
N ASN B 90 59.53 -6.78 -26.52
CA ASN B 90 59.06 -7.86 -25.67
C ASN B 90 57.55 -8.13 -25.65
N THR B 91 56.83 -7.39 -26.48
CA THR B 91 55.41 -7.52 -26.64
C THR B 91 55.15 -7.30 -28.14
N PRO B 92 54.06 -7.89 -28.65
CA PRO B 92 53.73 -7.67 -30.07
C PRO B 92 53.63 -6.19 -30.43
N PHE B 93 53.07 -5.37 -29.55
CA PHE B 93 52.94 -3.96 -29.84
C PHE B 93 54.32 -3.30 -30.00
N MET B 94 55.23 -3.63 -29.08
CA MET B 94 56.56 -3.06 -29.15
C MET B 94 57.26 -3.50 -30.42
N LEU B 95 57.15 -4.77 -30.79
CA LEU B 95 57.79 -5.26 -32.03
C LEU B 95 57.27 -4.51 -33.23
N ILE B 96 55.99 -4.23 -33.19
CA ILE B 96 55.35 -3.49 -34.26
C ILE B 96 55.80 -2.04 -34.34
N THR B 97 55.98 -1.37 -33.21
CA THR B 97 56.40 0.03 -33.21
C THR B 97 57.84 0.21 -33.67
N ARG B 98 58.67 -0.79 -33.39
CA ARG B 98 60.10 -0.75 -33.73
C ARG B 98 60.38 -1.27 -35.14
N ASN B 99 59.67 -2.31 -35.55
CA ASN B 99 59.87 -3.02 -36.83
C ASN B 99 61.37 -3.02 -37.10
N ASN B 100 62.10 -3.69 -36.23
CA ASN B 100 63.56 -3.72 -36.30
C ASN B 100 64.03 -5.11 -36.67
N PRO B 101 64.73 -5.24 -37.81
CA PRO B 101 65.25 -6.53 -38.25
C PRO B 101 65.97 -7.31 -37.14
N ASP B 102 66.68 -6.62 -36.27
CA ASP B 102 67.42 -7.24 -35.17
C ASP B 102 66.51 -7.92 -34.15
N ASP B 103 65.28 -7.42 -34.04
CA ASP B 103 64.29 -8.03 -33.19
C ASP B 103 63.73 -9.26 -33.89
N TRP B 104 63.39 -9.12 -35.16
CA TRP B 104 62.74 -10.21 -35.88
C TRP B 104 63.62 -11.44 -36.00
N LYS B 105 64.94 -11.25 -36.11
CA LYS B 105 65.86 -12.40 -36.27
C LYS B 105 65.98 -13.27 -35.01
N GLN B 106 65.37 -12.82 -33.92
CA GLN B 106 65.35 -13.58 -32.67
C GLN B 106 64.17 -14.55 -32.64
N TYR B 107 63.37 -14.58 -33.70
CA TYR B 107 62.21 -15.43 -33.79
C TYR B 107 62.18 -16.26 -35.06
N ASN B 108 61.59 -17.45 -34.95
CA ASN B 108 61.34 -18.31 -36.10
C ASN B 108 59.93 -17.91 -36.51
N VAL B 109 59.78 -17.43 -37.73
CA VAL B 109 58.52 -16.90 -38.23
C VAL B 109 57.88 -17.79 -39.30
N LYS B 110 56.62 -18.14 -39.09
CA LYS B 110 55.85 -18.94 -40.05
C LYS B 110 54.71 -18.10 -40.60
N GLN B 111 54.38 -18.28 -41.87
CA GLN B 111 53.32 -17.49 -42.47
C GLN B 111 52.19 -18.30 -43.12
N LYS B 112 50.97 -17.79 -42.97
CA LYS B 112 49.81 -18.42 -43.55
C LYS B 112 48.90 -17.30 -44.03
N GLY B 113 49.10 -16.90 -45.28
CA GLY B 113 48.36 -15.81 -45.86
C GLY B 113 48.77 -14.53 -45.15
N ASP B 114 47.83 -13.87 -44.48
CA ASP B 114 48.11 -12.63 -43.74
C ASP B 114 48.51 -12.92 -42.29
N ASP B 115 48.33 -14.17 -41.83
CA ASP B 115 48.64 -14.61 -40.47
C ASP B 115 50.09 -15.08 -40.23
N PHE B 116 50.80 -14.40 -39.34
CA PHE B 116 52.20 -14.72 -39.01
C PHE B 116 52.31 -15.23 -37.58
N GLU B 117 53.13 -16.25 -37.36
CA GLU B 117 53.33 -16.80 -36.03
C GLU B 117 54.80 -16.73 -35.77
N LEU B 118 55.15 -16.23 -34.59
CA LEU B 118 56.54 -16.07 -34.22
C LEU B 118 56.86 -16.81 -32.91
N THR B 119 57.91 -17.61 -32.94
N THR B 119 57.90 -17.64 -32.93
CA THR B 119 58.33 -18.39 -31.77
CA THR B 119 58.29 -18.39 -31.74
C THR B 119 59.76 -17.98 -31.40
C THR B 119 59.74 -18.00 -31.40
N PRO B 120 60.03 -17.71 -30.11
CA PRO B 120 61.40 -17.30 -29.78
C PRO B 120 62.46 -18.38 -29.98
N LYS B 121 63.63 -17.95 -30.45
CA LYS B 121 64.74 -18.88 -30.62
C LYS B 121 65.35 -19.22 -29.25
N SER B 122 65.23 -18.30 -28.30
CA SER B 122 65.75 -18.48 -26.94
C SER B 122 64.62 -18.38 -25.92
N LEU B 127 57.72 -16.40 -22.54
CA LEU B 127 56.67 -16.50 -23.55
C LEU B 127 56.75 -17.75 -24.42
N LYS B 128 55.62 -18.06 -25.05
CA LYS B 128 55.49 -19.22 -25.93
C LYS B 128 55.57 -18.74 -27.37
N GLN B 129 54.70 -17.80 -27.75
CA GLN B 129 54.69 -17.27 -29.09
C GLN B 129 53.87 -15.99 -29.24
N PHE B 130 54.08 -15.32 -30.35
CA PHE B 130 53.35 -14.10 -30.72
C PHE B 130 52.76 -14.39 -32.07
N ALA B 131 51.66 -13.71 -32.39
CA ALA B 131 51.03 -13.84 -33.68
C ALA B 131 50.64 -12.44 -34.08
N ILE B 132 50.77 -12.16 -35.39
CA ILE B 132 50.41 -10.88 -35.95
C ILE B 132 49.73 -11.11 -37.30
N SER B 133 48.59 -10.47 -37.52
N SER B 133 48.57 -10.48 -37.53
CA SER B 133 47.94 -10.56 -38.81
CA SER B 133 47.86 -10.59 -38.82
C SER B 133 48.05 -9.18 -39.44
C SER B 133 47.87 -9.22 -39.50
N VAL B 134 48.50 -9.13 -40.68
CA VAL B 134 48.62 -7.87 -41.42
C VAL B 134 48.35 -8.11 -42.90
N THR B 135 47.59 -7.22 -43.51
CA THR B 135 47.27 -7.40 -44.94
C THR B 135 48.47 -7.07 -45.79
N PRO B 136 48.42 -7.49 -47.06
CA PRO B 136 49.50 -7.19 -48.00
C PRO B 136 49.82 -5.68 -48.09
N SER B 137 48.78 -4.83 -48.00
CA SER B 137 48.98 -3.37 -48.05
C SER B 137 49.45 -2.78 -46.71
N GLY B 138 49.54 -3.63 -45.68
CA GLY B 138 50.05 -3.23 -44.37
C GLY B 138 49.05 -2.82 -43.31
N THR B 139 47.78 -3.20 -43.49
CA THR B 139 46.76 -2.92 -42.51
C THR B 139 46.92 -3.97 -41.37
N ILE B 140 47.20 -3.55 -40.14
CA ILE B 140 47.32 -4.50 -39.02
C ILE B 140 45.91 -4.80 -38.50
N LYS B 141 45.50 -6.07 -38.59
N LYS B 141 45.50 -6.07 -38.56
CA LYS B 141 44.16 -6.49 -38.17
CA LYS B 141 44.17 -6.49 -38.13
C LYS B 141 44.10 -7.01 -36.74
C LYS B 141 44.13 -6.95 -36.69
N SER B 142 45.17 -7.66 -36.27
CA SER B 142 45.23 -8.21 -34.90
C SER B 142 46.60 -8.69 -34.53
N PHE B 143 46.79 -8.91 -33.25
CA PHE B 143 48.04 -9.47 -32.74
C PHE B 143 47.75 -10.14 -31.41
N THR B 144 48.49 -11.22 -31.11
CA THR B 144 48.23 -11.99 -29.91
C THR B 144 49.57 -12.38 -29.27
N ALA B 145 49.62 -12.44 -27.95
CA ALA B 145 50.84 -12.91 -27.25
C ALA B 145 50.38 -14.11 -26.39
N VAL B 146 51.15 -15.20 -26.38
CA VAL B 146 50.81 -16.40 -25.57
C VAL B 146 51.98 -16.72 -24.64
N GLU B 147 51.71 -16.91 -23.35
CA GLU B 147 52.75 -17.20 -22.34
C GLU B 147 52.89 -18.71 -22.22
N GLN B 148 53.95 -19.17 -21.56
CA GLN B 148 54.19 -20.60 -21.38
C GLN B 148 53.06 -21.31 -20.63
N ASP B 149 52.38 -20.60 -19.72
CA ASP B 149 51.26 -21.15 -18.97
C ASP B 149 49.97 -21.22 -19.81
N GLY B 150 50.03 -20.70 -21.05
CA GLY B 150 48.91 -20.79 -21.97
C GLY B 150 47.98 -19.60 -21.99
N GLN B 151 48.27 -18.59 -21.17
CA GLN B 151 47.41 -17.38 -21.11
C GLN B 151 47.55 -16.65 -22.43
N ARG B 152 46.45 -16.14 -22.98
CA ARG B 152 46.54 -15.45 -24.25
C ARG B 152 46.06 -14.03 -24.15
N SER B 153 46.83 -13.12 -24.73
CA SER B 153 46.44 -11.70 -24.77
C SER B 153 46.19 -11.35 -26.24
N ALA B 154 44.92 -11.25 -26.59
CA ALA B 154 44.50 -10.97 -27.97
C ALA B 154 43.92 -9.57 -28.19
N TYR B 155 44.47 -8.90 -29.20
CA TYR B 155 44.02 -7.55 -29.60
C TYR B 155 43.51 -7.56 -31.02
N THR B 156 42.40 -6.85 -31.27
CA THR B 156 41.90 -6.70 -32.65
C THR B 156 41.90 -5.19 -32.90
N LEU B 157 42.32 -4.77 -34.08
CA LEU B 157 42.37 -3.35 -34.42
C LEU B 157 41.28 -2.90 -35.40
N LYS B 158 40.75 -1.72 -35.17
CA LYS B 158 39.76 -1.12 -36.05
C LYS B 158 40.08 0.31 -36.45
N ALA B 167 51.40 15.33 -32.97
CA ALA B 167 52.78 15.51 -32.54
C ALA B 167 52.86 15.67 -31.01
N SER B 168 51.93 16.46 -30.47
CA SER B 168 51.85 16.64 -29.02
C SER B 168 51.39 15.30 -28.45
N LYS B 169 50.90 14.44 -29.33
CA LYS B 169 50.45 13.13 -28.95
C LYS B 169 51.60 12.29 -28.36
N PHE B 170 52.82 12.58 -28.76
CA PHE B 170 53.95 11.77 -28.31
C PHE B 170 54.78 12.50 -27.26
N THR B 171 54.07 13.06 -26.29
CA THR B 171 54.72 13.74 -25.17
C THR B 171 54.02 13.36 -23.90
N PHE B 172 54.72 13.46 -22.78
CA PHE B 172 54.15 13.15 -21.50
C PHE B 172 54.81 13.97 -20.40
N THR B 173 53.97 14.50 -19.52
N THR B 173 54.00 14.54 -19.52
CA THR B 173 54.38 15.29 -18.38
CA THR B 173 54.53 15.28 -18.37
C THR B 173 53.64 14.70 -17.18
C THR B 173 53.72 14.77 -17.18
N PRO B 174 54.38 14.05 -16.25
CA PRO B 174 53.72 13.48 -15.08
C PRO B 174 52.87 14.51 -14.38
N PRO B 175 51.58 14.23 -14.23
CA PRO B 175 50.70 15.15 -13.51
C PRO B 175 51.10 15.34 -12.03
N LYS B 176 50.71 16.47 -11.45
CA LYS B 176 51.00 16.74 -10.03
C LYS B 176 50.41 15.65 -9.15
N GLY B 177 51.09 15.29 -8.07
CA GLY B 177 50.60 14.23 -7.19
C GLY B 177 50.82 12.82 -7.75
N VAL B 178 51.48 12.73 -8.91
CA VAL B 178 51.80 11.46 -9.48
C VAL B 178 53.20 11.19 -8.95
N THR B 179 53.46 9.97 -8.52
CA THR B 179 54.78 9.62 -8.05
C THR B 179 55.51 8.97 -9.22
N LEU B 180 56.62 9.58 -9.62
CA LEU B 180 57.43 9.08 -10.71
C LEU B 180 58.59 8.22 -10.24
N ASP B 181 58.64 7.00 -10.78
CA ASP B 181 59.75 6.07 -10.54
C ASP B 181 60.59 6.38 -11.76
N ASP B 182 61.61 7.23 -11.59
CA ASP B 182 62.44 7.63 -12.70
C ASP B 182 63.68 6.74 -12.72
N GLN B 183 63.63 5.73 -13.56
N GLN B 183 63.65 5.75 -13.59
CA GLN B 183 64.73 4.76 -13.73
CA GLN B 183 64.76 4.80 -13.69
C GLN B 183 65.85 5.28 -14.64
C GLN B 183 65.83 5.26 -14.66
N ARG B 184 65.69 6.49 -15.17
CA ARG B 184 66.69 7.05 -16.08
C ARG B 184 67.99 7.46 -15.38
N ASP C 4 -24.69 -42.30 -1.54
CA ASP C 4 -24.63 -43.30 -2.66
C ASP C 4 -23.16 -43.49 -3.08
N ALA C 5 -22.55 -42.44 -3.65
CA ALA C 5 -21.13 -42.49 -3.97
C ALA C 5 -20.47 -42.49 -2.60
N SER C 6 -20.95 -41.59 -1.72
CA SER C 6 -20.42 -41.48 -0.37
C SER C 6 -20.68 -42.77 0.39
N THR C 7 -21.89 -43.31 0.26
CA THR C 7 -22.25 -44.58 0.92
C THR C 7 -21.28 -45.69 0.50
N ASP C 8 -20.99 -45.77 -0.79
CA ASP C 8 -20.09 -46.81 -1.29
C ASP C 8 -18.66 -46.62 -0.78
N LEU C 9 -18.14 -45.40 -0.78
CA LEU C 9 -16.77 -45.18 -0.27
C LEU C 9 -16.73 -45.64 1.18
N GLN C 10 -17.68 -45.21 1.98
CA GLN C 10 -17.71 -45.58 3.40
C GLN C 10 -17.83 -47.10 3.56
N ASN C 11 -18.62 -47.76 2.71
CA ASN C 11 -18.77 -49.20 2.78
C ASN C 11 -17.41 -49.86 2.53
N ARG C 12 -16.71 -49.44 1.48
CA ARG C 12 -15.39 -49.99 1.16
C ARG C 12 -14.40 -49.80 2.30
N LEU C 13 -14.36 -48.61 2.87
CA LEU C 13 -13.43 -48.34 3.97
C LEU C 13 -13.73 -49.21 5.19
N SER C 14 -15.00 -49.43 5.45
CA SER C 14 -15.39 -50.21 6.62
C SER C 14 -14.93 -51.67 6.59
N LYS C 15 -14.52 -52.16 5.42
CA LYS C 15 -14.05 -53.54 5.29
C LYS C 15 -12.68 -53.79 5.93
N VAL C 16 -11.87 -52.75 6.08
CA VAL C 16 -10.51 -52.92 6.62
C VAL C 16 -10.25 -51.85 7.67
N ASN C 17 -10.45 -52.22 8.93
CA ASN C 17 -10.26 -51.27 10.03
C ASN C 17 -8.88 -51.25 10.69
N SER C 18 -8.06 -52.26 10.38
CA SER C 18 -6.71 -52.36 10.90
C SER C 18 -5.80 -52.77 9.73
N PHE C 19 -4.86 -51.91 9.38
CA PHE C 19 -3.98 -52.19 8.26
C PHE C 19 -2.64 -51.49 8.37
N HIS C 20 -1.72 -51.94 7.53
CA HIS C 20 -0.37 -51.38 7.38
C HIS C 20 -0.12 -51.19 5.91
N ALA C 21 0.64 -50.17 5.58
CA ALA C 21 0.99 -49.92 4.20
C ALA C 21 2.20 -49.03 4.03
N SER C 22 2.94 -49.28 2.95
N SER C 22 2.93 -49.26 2.94
CA SER C 22 4.08 -48.46 2.61
CA SER C 22 4.07 -48.45 2.62
C SER C 22 3.57 -47.48 1.56
C SER C 22 3.57 -47.48 1.56
N PHE C 23 4.11 -46.27 1.55
CA PHE C 23 3.70 -45.27 0.60
C PHE C 23 4.81 -44.43 0.00
N SER C 24 4.50 -43.83 -1.15
CA SER C 24 5.36 -42.85 -1.78
C SER C 24 4.49 -41.61 -1.85
N GLN C 25 5.12 -40.46 -1.75
CA GLN C 25 4.42 -39.18 -1.75
C GLN C 25 5.09 -38.27 -2.74
N ALA C 26 4.29 -37.41 -3.39
CA ALA C 26 4.73 -36.33 -4.29
C ALA C 26 3.86 -35.10 -4.04
N VAL C 27 4.49 -33.95 -3.79
CA VAL C 27 3.79 -32.69 -3.63
C VAL C 27 4.21 -31.84 -4.82
N THR C 28 3.24 -31.43 -5.63
N THR C 28 3.23 -31.44 -5.62
CA THR C 28 3.52 -30.63 -6.82
CA THR C 28 3.47 -30.67 -6.85
C THR C 28 2.65 -29.39 -6.86
C THR C 28 2.63 -29.40 -6.93
N SER C 29 3.26 -28.30 -7.34
CA SER C 29 2.56 -27.04 -7.48
C SER C 29 1.83 -27.08 -8.83
N SER C 30 0.88 -26.16 -9.02
CA SER C 30 0.09 -26.10 -10.25
C SER C 30 0.87 -26.05 -11.56
N ASP C 31 2.13 -25.59 -11.53
CA ASP C 31 2.96 -25.51 -12.74
C ASP C 31 3.67 -26.83 -13.07
N GLY C 32 3.43 -27.84 -12.24
CA GLY C 32 4.03 -29.17 -12.42
C GLY C 32 5.36 -29.39 -11.74
N ALA C 33 5.88 -28.36 -11.07
CA ALA C 33 7.13 -28.43 -10.34
C ALA C 33 6.95 -29.22 -9.07
N VAL C 34 7.83 -30.21 -8.84
CA VAL C 34 7.76 -31.01 -7.64
C VAL C 34 8.44 -30.26 -6.50
N VAL C 35 7.66 -30.03 -5.46
CA VAL C 35 8.09 -29.35 -4.26
C VAL C 35 8.93 -30.30 -3.44
N GLN C 36 8.42 -31.51 -3.27
CA GLN C 36 9.08 -32.54 -2.49
C GLN C 36 8.51 -33.92 -2.81
N GLU C 37 9.36 -34.93 -2.64
CA GLU C 37 9.02 -36.33 -2.89
C GLU C 37 9.59 -37.17 -1.76
N GLY C 38 8.84 -38.17 -1.32
CA GLY C 38 9.28 -39.02 -0.24
C GLY C 38 8.60 -40.37 -0.14
N GLU C 39 8.99 -41.11 0.87
CA GLU C 39 8.39 -42.40 1.10
C GLU C 39 8.35 -42.65 2.58
N GLY C 40 7.51 -43.59 2.95
CA GLY C 40 7.37 -43.98 4.31
C GLY C 40 6.40 -45.13 4.46
N GLU C 41 5.83 -45.23 5.64
CA GLU C 41 4.85 -46.26 5.89
C GLU C 41 3.89 -45.82 6.99
N LEU C 42 2.76 -46.50 7.02
CA LEU C 42 1.73 -46.18 7.99
C LEU C 42 0.95 -47.37 8.53
N TRP C 43 0.45 -47.22 9.75
CA TRP C 43 -0.38 -48.22 10.41
C TRP C 43 -1.63 -47.53 10.93
N VAL C 44 -2.78 -48.18 10.81
CA VAL C 44 -4.04 -47.62 11.28
C VAL C 44 -4.87 -48.68 12.00
N LYS C 45 -5.49 -48.30 13.12
CA LYS C 45 -6.42 -49.20 13.79
C LYS C 45 -7.60 -48.34 14.22
N ARG C 46 -8.74 -48.58 13.60
N ARG C 46 -8.74 -48.51 13.56
CA ARG C 46 -9.93 -47.90 14.01
CA ARG C 46 -9.92 -47.69 13.86
C ARG C 46 -10.34 -48.74 15.21
C ARG C 46 -10.72 -48.15 15.07
N PRO C 47 -10.73 -48.06 16.29
N PRO C 47 -11.24 -47.20 15.86
CA PRO C 47 -10.78 -46.60 16.21
CA PRO C 47 -11.10 -45.78 15.61
C PRO C 47 -9.70 -45.77 16.93
C PRO C 47 -10.08 -45.08 16.49
N ASN C 48 -9.47 -44.58 16.38
N ASN C 48 -9.40 -44.10 15.92
CA ASN C 48 -8.58 -43.58 16.98
CA ASN C 48 -8.48 -43.26 16.68
C ASN C 48 -7.10 -43.88 17.12
C ASN C 48 -7.01 -43.68 16.88
N LEU C 49 -6.58 -44.81 16.32
CA LEU C 49 -5.18 -45.20 16.45
C LEU C 49 -4.46 -45.20 15.09
N PHE C 50 -3.29 -44.57 15.04
CA PHE C 50 -2.46 -44.61 13.84
C PHE C 50 -1.05 -44.18 14.16
N ASN C 51 -0.14 -44.57 13.28
CA ASN C 51 1.28 -44.23 13.34
C ASN C 51 1.61 -44.01 11.88
N TRP C 52 1.95 -42.78 11.54
CA TRP C 52 2.32 -42.34 10.20
C TRP C 52 3.80 -41.97 10.30
N HIS C 53 4.61 -42.50 9.40
CA HIS C 53 6.03 -42.26 9.48
C HIS C 53 6.67 -42.05 8.12
N MET C 54 7.19 -40.85 7.90
N MET C 54 7.18 -40.84 7.89
CA MET C 54 7.90 -40.56 6.67
CA MET C 54 7.88 -40.50 6.64
C MET C 54 9.34 -40.96 6.99
C MET C 54 9.33 -40.88 6.93
N THR C 55 9.90 -41.77 6.12
CA THR C 55 11.27 -42.25 6.33
C THR C 55 12.32 -41.52 5.51
N SER C 56 11.94 -41.08 4.31
N SER C 56 11.92 -41.07 4.31
CA SER C 56 12.86 -40.38 3.41
CA SER C 56 12.84 -40.39 3.42
C SER C 56 12.12 -39.33 2.63
C SER C 56 12.11 -39.32 2.63
N PRO C 57 12.82 -38.24 2.25
CA PRO C 57 14.23 -37.92 2.53
C PRO C 57 14.46 -37.29 3.92
N ASP C 58 13.40 -36.72 4.49
CA ASP C 58 13.41 -36.05 5.79
C ASP C 58 12.39 -36.75 6.72
N GLU C 59 12.89 -37.36 7.79
CA GLU C 59 12.03 -38.10 8.71
C GLU C 59 11.05 -37.29 9.55
N SER C 60 9.81 -37.76 9.62
CA SER C 60 8.77 -37.15 10.48
C SER C 60 7.84 -38.26 10.94
N VAL C 61 7.33 -38.08 12.15
CA VAL C 61 6.46 -38.99 12.83
C VAL C 61 5.17 -38.33 13.27
N LEU C 62 4.06 -39.01 13.00
CA LEU C 62 2.72 -38.55 13.41
C LEU C 62 2.01 -39.76 14.03
N ILE C 63 1.71 -39.69 15.33
CA ILE C 63 1.13 -40.78 16.08
C ILE C 63 -0.02 -40.37 16.98
N SER C 64 -1.11 -41.10 16.87
CA SER C 64 -2.26 -40.92 17.75
C SER C 64 -2.33 -42.14 18.61
N ASP C 65 -2.31 -41.94 19.93
CA ASP C 65 -2.36 -43.04 20.92
C ASP C 65 -3.79 -43.31 21.40
N GLY C 66 -4.76 -42.70 20.74
CA GLY C 66 -6.17 -42.85 21.11
C GLY C 66 -6.71 -41.64 21.84
N GLU C 67 -5.83 -40.86 22.50
CA GLU C 67 -6.26 -39.65 23.23
C GLU C 67 -5.41 -38.44 22.82
N THR C 68 -4.10 -38.62 22.71
CA THR C 68 -3.19 -37.57 22.28
C THR C 68 -2.66 -37.82 20.85
N LEU C 69 -2.50 -36.73 20.10
N LEU C 69 -2.49 -36.74 20.11
CA LEU C 69 -1.93 -36.74 18.76
CA LEU C 69 -1.94 -36.79 18.75
C LEU C 69 -0.52 -36.17 18.90
C LEU C 69 -0.54 -36.18 18.88
N TRP C 70 0.49 -36.94 18.49
CA TRP C 70 1.84 -36.48 18.61
C TRP C 70 2.51 -36.22 17.27
N PHE C 71 3.29 -35.16 17.20
CA PHE C 71 4.06 -34.87 15.98
C PHE C 71 5.48 -34.64 16.40
N TYR C 72 6.38 -35.37 15.75
CA TYR C 72 7.79 -35.27 16.06
C TYR C 72 8.68 -35.09 14.82
N ASN C 73 9.57 -34.10 14.90
CA ASN C 73 10.58 -33.80 13.90
C ASN C 73 11.96 -33.91 14.60
N PRO C 74 12.69 -35.00 14.29
CA PRO C 74 13.98 -35.18 14.92
C PRO C 74 14.99 -34.10 14.50
N PHE C 75 14.92 -33.62 13.26
CA PHE C 75 15.88 -32.61 12.79
C PHE C 75 15.92 -31.32 13.64
N VAL C 76 14.75 -30.80 14.03
CA VAL C 76 14.69 -29.60 14.89
C VAL C 76 14.54 -30.00 16.38
N GLU C 77 14.54 -31.30 16.66
CA GLU C 77 14.39 -31.82 18.03
C GLU C 77 13.14 -31.28 18.71
N GLN C 78 12.03 -31.25 17.99
CA GLN C 78 10.76 -30.77 18.52
C GLN C 78 9.65 -31.80 18.35
N ALA C 79 8.76 -31.82 19.34
CA ALA C 79 7.57 -32.66 19.32
C ALA C 79 6.43 -31.75 19.78
N THR C 80 5.22 -32.07 19.37
CA THR C 80 4.03 -31.31 19.75
C THR C 80 2.99 -32.32 20.18
N ALA C 81 2.26 -32.01 21.24
CA ALA C 81 1.18 -32.89 21.71
C ALA C 81 -0.10 -32.07 21.72
N THR C 82 -1.16 -32.66 21.19
CA THR C 82 -2.48 -32.04 21.16
C THR C 82 -3.49 -33.16 21.42
N TRP C 83 -4.67 -32.80 21.94
CA TRP C 83 -5.71 -33.77 22.19
C TRP C 83 -6.30 -34.14 20.85
N LEU C 84 -6.40 -35.44 20.60
CA LEU C 84 -6.94 -35.97 19.36
C LEU C 84 -8.35 -35.42 19.10
N LYS C 85 -9.11 -35.15 20.16
CA LYS C 85 -10.48 -34.62 20.02
C LYS C 85 -10.45 -33.28 19.27
N ASN C 86 -9.32 -32.58 19.35
CA ASN C 86 -9.19 -31.29 18.66
C ASN C 86 -8.89 -31.48 17.16
N ALA C 87 -8.54 -32.71 16.75
CA ALA C 87 -8.24 -33.03 15.36
C ALA C 87 -9.51 -33.12 14.55
N THR C 88 -9.35 -32.94 13.25
CA THR C 88 -10.47 -32.96 12.30
C THR C 88 -10.07 -33.73 11.03
N GLY C 89 -11.01 -33.87 10.11
CA GLY C 89 -10.76 -34.57 8.85
C GLY C 89 -10.19 -33.60 7.85
N ASN C 90 -9.15 -32.88 8.27
CA ASN C 90 -8.50 -31.83 7.47
C ASN C 90 -7.55 -32.32 6.41
N THR C 91 -7.19 -33.61 6.43
CA THR C 91 -6.32 -34.19 5.44
C THR C 91 -6.93 -35.55 5.06
N PRO C 92 -6.65 -36.01 3.84
CA PRO C 92 -7.17 -37.32 3.41
C PRO C 92 -6.80 -38.46 4.37
N PHE C 93 -5.58 -38.44 4.88
CA PHE C 93 -5.16 -39.47 5.82
C PHE C 93 -6.04 -39.48 7.07
N MET C 94 -6.30 -38.30 7.64
CA MET C 94 -7.11 -38.24 8.85
C MET C 94 -8.50 -38.73 8.52
N LEU C 95 -9.01 -38.35 7.35
CA LEU C 95 -10.35 -38.78 6.96
C LEU C 95 -10.43 -40.31 6.91
N ILE C 96 -9.40 -40.91 6.35
CA ILE C 96 -9.31 -42.35 6.26
C ILE C 96 -9.20 -43.00 7.63
N THR C 97 -8.42 -42.41 8.53
CA THR C 97 -8.27 -43.01 9.84
C THR C 97 -9.56 -42.99 10.62
N ARG C 98 -10.38 -41.99 10.35
CA ARG C 98 -11.63 -41.82 11.09
C ARG C 98 -12.82 -42.58 10.53
N ASN C 99 -12.99 -42.52 9.20
CA ASN C 99 -14.13 -43.13 8.50
C ASN C 99 -15.39 -42.83 9.30
N ASN C 100 -15.63 -41.54 9.49
CA ASN C 100 -16.74 -41.02 10.29
C ASN C 100 -17.81 -40.43 9.36
N PRO C 101 -19.03 -41.01 9.37
CA PRO C 101 -20.11 -40.48 8.54
C PRO C 101 -20.31 -38.96 8.62
N ASP C 102 -20.02 -38.36 9.77
CA ASP C 102 -20.16 -36.90 9.97
C ASP C 102 -19.10 -36.11 9.18
N ASP C 103 -17.99 -36.76 8.87
CA ASP C 103 -16.97 -36.11 8.07
C ASP C 103 -17.40 -36.10 6.60
N TRP C 104 -17.79 -37.26 6.10
CA TRP C 104 -18.13 -37.43 4.69
C TRP C 104 -19.31 -36.58 4.20
N LYS C 105 -20.27 -36.34 5.08
CA LYS C 105 -21.44 -35.54 4.70
C LYS C 105 -21.08 -34.09 4.35
N GLN C 106 -19.88 -33.66 4.70
CA GLN C 106 -19.43 -32.29 4.42
C GLN C 106 -18.85 -32.15 3.02
N TYR C 107 -18.94 -33.20 2.22
CA TYR C 107 -18.40 -33.16 0.89
C TYR C 107 -19.36 -33.75 -0.13
N ASN C 108 -19.23 -33.31 -1.37
CA ASN C 108 -19.98 -33.84 -2.51
C ASN C 108 -19.12 -34.96 -3.07
N VAL C 109 -19.56 -36.19 -2.89
CA VAL C 109 -18.78 -37.32 -3.35
C VAL C 109 -19.21 -37.84 -4.71
N LYS C 110 -18.24 -37.99 -5.61
N LYS C 110 -18.26 -37.96 -5.63
CA LYS C 110 -18.46 -38.49 -6.97
CA LYS C 110 -18.50 -38.48 -6.98
C LYS C 110 -17.65 -39.76 -7.10
C LYS C 110 -17.65 -39.74 -7.12
N GLN C 111 -18.16 -40.74 -7.84
CA GLN C 111 -17.45 -42.02 -8.03
C GLN C 111 -17.34 -42.50 -9.48
N LYS C 112 -16.15 -43.01 -9.82
CA LYS C 112 -15.85 -43.59 -11.15
C LYS C 112 -15.05 -44.86 -10.85
N GLY C 113 -15.76 -45.98 -10.77
CA GLY C 113 -15.13 -47.25 -10.44
C GLY C 113 -14.58 -47.14 -9.03
N ASP C 114 -13.28 -47.37 -8.87
CA ASP C 114 -12.62 -47.25 -7.56
C ASP C 114 -12.19 -45.84 -7.19
N ASP C 115 -12.43 -44.87 -8.08
CA ASP C 115 -12.00 -43.49 -7.88
C ASP C 115 -13.09 -42.57 -7.34
N PHE C 116 -12.87 -42.05 -6.14
CA PHE C 116 -13.80 -41.16 -5.49
C PHE C 116 -13.20 -39.76 -5.41
N GLU C 117 -14.00 -38.77 -5.80
CA GLU C 117 -13.55 -37.38 -5.80
C GLU C 117 -14.47 -36.63 -4.85
N LEU C 118 -13.89 -35.96 -3.89
CA LEU C 118 -14.65 -35.22 -2.90
C LEU C 118 -14.35 -33.73 -2.97
N THR C 119 -15.41 -32.93 -2.86
CA THR C 119 -15.34 -31.47 -2.90
C THR C 119 -16.10 -30.93 -1.71
N PRO C 120 -15.49 -29.99 -0.94
CA PRO C 120 -16.17 -29.44 0.22
C PRO C 120 -17.42 -28.68 -0.20
N LYS C 121 -18.50 -28.85 0.56
CA LYS C 121 -19.75 -28.15 0.27
C LYS C 121 -19.66 -26.66 0.55
N SER C 122 -18.87 -26.26 1.55
CA SER C 122 -18.71 -24.84 1.90
C SER C 122 -17.27 -24.39 1.77
N LEU C 127 -10.51 -25.99 1.69
CA LEU C 127 -9.53 -26.32 0.66
C LEU C 127 -10.22 -26.40 -0.70
N LYS C 128 -9.64 -27.12 -1.66
CA LYS C 128 -10.25 -27.26 -2.98
C LYS C 128 -10.88 -28.65 -3.18
N GLN C 129 -10.10 -29.73 -3.04
CA GLN C 129 -10.64 -31.08 -3.28
C GLN C 129 -9.78 -32.26 -2.82
N PHE C 130 -10.44 -33.38 -2.51
CA PHE C 130 -9.75 -34.63 -2.15
C PHE C 130 -10.11 -35.73 -3.15
N ALA C 131 -9.17 -36.64 -3.39
CA ALA C 131 -9.36 -37.80 -4.27
C ALA C 131 -8.84 -39.03 -3.53
N ILE C 132 -9.48 -40.18 -3.73
N ILE C 132 -9.52 -40.16 -3.70
CA ILE C 132 -9.08 -41.44 -3.10
CA ILE C 132 -9.17 -41.44 -3.05
C ILE C 132 -9.56 -42.62 -3.91
C ILE C 132 -9.59 -42.64 -3.90
N SER C 133 -8.69 -43.62 -4.08
CA SER C 133 -9.01 -44.83 -4.85
C SER C 133 -8.90 -46.04 -3.93
N VAL C 134 -9.99 -46.77 -3.80
CA VAL C 134 -10.09 -47.95 -2.93
C VAL C 134 -10.74 -49.09 -3.72
N THR C 135 -10.20 -50.30 -3.66
CA THR C 135 -10.83 -51.40 -4.40
C THR C 135 -12.15 -51.82 -3.77
N PRO C 136 -12.97 -52.56 -4.51
CA PRO C 136 -14.23 -53.04 -3.91
C PRO C 136 -14.00 -53.82 -2.60
N SER C 137 -12.89 -54.54 -2.48
CA SER C 137 -12.60 -55.30 -1.25
C SER C 137 -11.96 -54.47 -0.13
N GLY C 138 -11.67 -53.20 -0.38
CA GLY C 138 -11.13 -52.31 0.65
C GLY C 138 -9.65 -52.03 0.63
N THR C 139 -9.00 -52.29 -0.49
CA THR C 139 -7.58 -52.01 -0.62
C THR C 139 -7.47 -50.55 -1.06
N ILE C 140 -6.77 -49.74 -0.28
CA ILE C 140 -6.59 -48.35 -0.63
C ILE C 140 -5.37 -48.22 -1.51
N LYS C 141 -5.57 -47.71 -2.72
CA LYS C 141 -4.46 -47.57 -3.68
C LYS C 141 -3.77 -46.22 -3.71
N SER C 142 -4.49 -45.16 -3.40
CA SER C 142 -3.94 -43.83 -3.46
C SER C 142 -4.92 -42.80 -2.92
N PHE C 143 -4.43 -41.60 -2.70
CA PHE C 143 -5.26 -40.49 -2.25
C PHE C 143 -4.49 -39.18 -2.49
N THR C 144 -5.22 -38.14 -2.87
CA THR C 144 -4.61 -36.86 -3.22
C THR C 144 -5.42 -35.67 -2.73
N ALA C 145 -4.73 -34.70 -2.14
CA ALA C 145 -5.30 -33.46 -1.60
C ALA C 145 -4.94 -32.34 -2.56
N VAL C 146 -5.88 -31.46 -2.86
CA VAL C 146 -5.64 -30.32 -3.76
C VAL C 146 -6.03 -29.05 -3.03
N GLU C 147 -5.17 -28.03 -3.05
CA GLU C 147 -5.50 -26.77 -2.38
C GLU C 147 -5.89 -25.70 -3.37
N GLN C 148 -6.34 -24.52 -2.89
CA GLN C 148 -6.79 -23.45 -3.80
C GLN C 148 -5.75 -22.94 -4.81
N ASP C 149 -4.49 -22.88 -4.43
CA ASP C 149 -3.45 -22.43 -5.37
C ASP C 149 -3.17 -23.46 -6.49
N GLY C 150 -3.73 -24.67 -6.36
CA GLY C 150 -3.54 -25.72 -7.34
C GLY C 150 -2.50 -26.74 -6.92
N GLN C 151 -1.97 -26.58 -5.71
CA GLN C 151 -0.96 -27.49 -5.17
C GLN C 151 -1.57 -28.86 -4.88
N ARG C 152 -0.84 -29.92 -5.21
CA ARG C 152 -1.30 -31.31 -5.06
C ARG C 152 -0.37 -32.20 -4.23
N SER C 153 -0.96 -32.92 -3.27
CA SER C 153 -0.21 -33.84 -2.44
C SER C 153 -0.76 -35.21 -2.81
N ALA C 154 0.06 -36.01 -3.49
CA ALA C 154 -0.37 -37.31 -3.94
C ALA C 154 0.37 -38.46 -3.28
N TYR C 155 -0.38 -39.33 -2.62
CA TYR C 155 0.16 -40.53 -2.00
C TYR C 155 -0.26 -41.77 -2.79
N THR C 156 0.67 -42.70 -2.89
CA THR C 156 0.41 -43.97 -3.56
C THR C 156 0.81 -45.06 -2.56
N LEU C 157 -0.12 -45.94 -2.22
CA LEU C 157 0.17 -47.03 -1.29
C LEU C 157 0.65 -48.20 -2.14
N LYS C 158 1.95 -48.45 -2.04
CA LYS C 158 2.65 -49.46 -2.82
C LYS C 158 2.28 -50.88 -2.42
N SER C 159 1.95 -51.06 -1.14
CA SER C 159 1.55 -52.35 -0.61
C SER C 159 0.66 -52.10 0.60
N GLN C 160 -0.35 -52.95 0.81
CA GLN C 160 -1.28 -52.83 1.93
C GLN C 160 -1.59 -54.20 2.50
N GLN C 161 -1.59 -54.30 3.82
CA GLN C 161 -1.93 -55.55 4.49
C GLN C 161 -2.91 -55.26 5.60
N SER C 162 -3.83 -56.20 5.79
CA SER C 162 -4.79 -56.14 6.86
C SER C 162 -4.19 -57.00 7.95
N SER C 163 -3.86 -56.39 9.08
CA SER C 163 -3.25 -57.10 10.21
C SER C 163 -3.40 -56.30 11.50
N VAL C 164 -3.45 -56.99 12.64
CA VAL C 164 -3.55 -56.33 13.95
C VAL C 164 -2.14 -56.24 14.49
N VAL C 165 -1.54 -55.04 14.40
CA VAL C 165 -0.17 -54.84 14.84
C VAL C 165 -0.13 -54.60 16.34
N ASP C 166 1.07 -54.78 16.91
CA ASP C 166 1.31 -54.58 18.34
C ASP C 166 0.83 -53.18 18.74
N ALA C 167 0.14 -53.06 19.87
CA ALA C 167 -0.34 -51.75 20.35
C ALA C 167 0.80 -50.77 20.72
N SER C 168 2.05 -51.24 20.81
CA SER C 168 3.15 -50.33 21.10
C SER C 168 3.45 -49.42 19.90
N LYS C 169 2.87 -49.75 18.73
CA LYS C 169 3.08 -48.96 17.54
C LYS C 169 2.32 -47.62 17.72
N PHE C 170 1.29 -47.63 18.58
CA PHE C 170 0.44 -46.46 18.81
C PHE C 170 0.70 -45.77 20.16
N THR C 171 1.98 -45.53 20.42
CA THR C 171 2.42 -44.86 21.62
C THR C 171 3.62 -44.00 21.25
N PHE C 172 3.83 -42.95 22.05
CA PHE C 172 4.97 -42.07 21.85
C PHE C 172 5.38 -41.34 23.13
N THR C 173 6.69 -41.28 23.38
N THR C 173 6.69 -41.32 23.39
CA THR C 173 7.19 -40.51 24.50
CA THR C 173 7.27 -40.59 24.51
C THR C 173 8.40 -39.80 23.90
C THR C 173 8.43 -39.80 23.87
N PRO C 174 8.47 -38.47 24.02
CA PRO C 174 9.56 -37.67 23.46
C PRO C 174 10.90 -38.16 23.89
N PRO C 175 11.83 -38.31 22.92
CA PRO C 175 13.18 -38.74 23.27
C PRO C 175 13.92 -37.72 24.15
N LYS C 176 15.01 -38.14 24.77
CA LYS C 176 15.74 -37.18 25.60
C LYS C 176 16.24 -36.01 24.73
N GLY C 177 16.16 -34.80 25.27
CA GLY C 177 16.66 -33.60 24.59
C GLY C 177 15.69 -32.96 23.61
N VAL C 178 14.53 -33.58 23.43
CA VAL C 178 13.48 -33.10 22.51
C VAL C 178 12.51 -32.17 23.23
N THR C 179 12.32 -30.98 22.69
CA THR C 179 11.45 -29.98 23.30
C THR C 179 9.99 -30.28 22.96
N LEU C 180 9.17 -30.41 24.02
CA LEU C 180 7.74 -30.70 23.85
C LEU C 180 6.82 -29.49 23.98
N ASP C 181 6.13 -29.14 22.88
CA ASP C 181 5.14 -28.06 22.86
C ASP C 181 3.85 -28.80 23.24
N ASP C 182 3.52 -28.79 24.52
CA ASP C 182 2.35 -29.50 24.97
C ASP C 182 1.20 -28.55 24.93
N GLN C 183 0.35 -28.72 23.93
N GLN C 183 0.34 -28.74 23.93
CA GLN C 183 -0.85 -27.87 23.74
CA GLN C 183 -0.83 -27.90 23.72
C GLN C 183 -2.07 -28.36 24.52
C GLN C 183 -2.10 -28.48 24.36
N ARG C 184 -1.95 -29.53 25.15
CA ARG C 184 -3.04 -30.15 25.87
C ARG C 184 -3.46 -29.36 27.11
N ASP D 4 74.80 -2.01 3.07
CA ASP D 4 74.19 -0.71 3.44
C ASP D 4 72.68 -0.65 3.11
N ALA D 5 72.30 -0.89 1.86
CA ALA D 5 70.87 -0.79 1.44
C ALA D 5 69.93 -1.71 2.22
N SER D 6 70.30 -2.97 2.33
CA SER D 6 69.46 -3.93 3.04
C SER D 6 69.33 -3.55 4.51
N THR D 7 70.46 -3.24 5.12
CA THR D 7 70.47 -2.86 6.54
C THR D 7 69.60 -1.63 6.80
N ASP D 8 69.67 -0.67 5.88
CA ASP D 8 68.89 0.55 6.03
C ASP D 8 67.40 0.24 5.90
N LEU D 9 67.01 -0.51 4.87
CA LEU D 9 65.59 -0.93 4.71
C LEU D 9 65.07 -1.61 5.97
N GLN D 10 65.85 -2.56 6.48
CA GLN D 10 65.46 -3.28 7.68
C GLN D 10 65.32 -2.32 8.87
N ASN D 11 66.27 -1.39 9.02
CA ASN D 11 66.26 -0.40 10.11
C ASN D 11 64.97 0.45 10.02
N ARG D 12 64.63 0.90 8.82
CA ARG D 12 63.40 1.68 8.63
C ARG D 12 62.13 0.87 8.94
N LEU D 13 62.06 -0.38 8.48
CA LEU D 13 60.87 -1.19 8.74
C LEU D 13 60.74 -1.53 10.23
N SER D 14 61.88 -1.64 10.92
CA SER D 14 61.91 -1.93 12.38
C SER D 14 61.30 -0.82 13.26
N LYS D 15 61.24 0.40 12.73
CA LYS D 15 60.68 1.57 13.43
C LYS D 15 59.18 1.54 13.75
N VAL D 16 58.38 0.83 12.96
CA VAL D 16 56.95 0.75 13.19
C VAL D 16 56.51 -0.70 13.07
N ASN D 17 56.20 -1.32 14.20
CA ASN D 17 55.80 -2.74 14.20
C ASN D 17 54.30 -3.01 14.36
N SER D 18 53.52 -1.94 14.56
N SER D 18 53.54 -1.94 14.57
CA SER D 18 52.08 -2.08 14.72
CA SER D 18 52.10 -2.04 14.73
C SER D 18 51.45 -0.91 14.00
C SER D 18 51.50 -0.88 13.97
N PHE D 19 50.89 -1.16 12.84
CA PHE D 19 50.32 -0.11 12.05
C PHE D 19 49.18 -0.58 11.21
N HIS D 20 48.43 0.40 10.73
N HIS D 20 48.42 0.36 10.69
CA HIS D 20 47.26 0.21 9.88
CA HIS D 20 47.37 0.01 9.75
C HIS D 20 47.34 1.14 8.66
C HIS D 20 47.49 1.00 8.61
N ALA D 21 46.80 0.71 7.52
CA ALA D 21 46.81 1.54 6.35
C ALA D 21 45.84 1.09 5.31
N SER D 22 45.37 2.02 4.48
N SER D 22 45.41 2.03 4.47
CA SER D 22 44.49 1.65 3.38
CA SER D 22 44.51 1.71 3.36
C SER D 22 45.41 1.50 2.18
C SER D 22 45.37 1.61 2.11
N PHE D 23 44.94 0.81 1.14
CA PHE D 23 45.72 0.62 -0.07
C PHE D 23 44.91 0.62 -1.37
N SER D 24 45.62 0.94 -2.45
CA SER D 24 45.11 0.85 -3.80
C SER D 24 46.09 -0.08 -4.46
N GLN D 25 45.59 -0.89 -5.40
CA GLN D 25 46.39 -1.90 -6.12
C GLN D 25 46.10 -1.81 -7.62
N ALA D 26 47.13 -2.01 -8.43
CA ALA D 26 46.98 -2.01 -9.88
C ALA D 26 47.84 -3.15 -10.42
N VAL D 27 47.25 -4.12 -11.10
CA VAL D 27 48.03 -5.19 -11.72
C VAL D 27 48.09 -4.87 -13.24
N THR D 28 49.31 -4.64 -13.74
N THR D 28 49.30 -4.73 -13.75
CA THR D 28 49.60 -4.22 -15.15
CA THR D 28 49.51 -4.42 -15.16
C THR D 28 50.58 -5.14 -15.93
C THR D 28 50.46 -5.39 -15.82
N SER D 29 50.13 -5.73 -17.04
CA SER D 29 50.97 -6.59 -17.86
C SER D 29 52.09 -5.80 -18.51
N SER D 30 53.10 -6.50 -19.04
CA SER D 30 54.25 -5.81 -19.63
C SER D 30 53.91 -4.86 -20.76
N ASP D 31 52.75 -5.06 -21.39
CA ASP D 31 52.31 -4.19 -22.50
C ASP D 31 51.53 -2.96 -22.02
N GLY D 32 51.44 -2.80 -20.70
CA GLY D 32 50.74 -1.68 -20.10
C GLY D 32 49.26 -1.88 -19.85
N ALA D 33 48.69 -3.02 -20.24
CA ALA D 33 47.26 -3.26 -20.03
C ALA D 33 46.96 -3.56 -18.58
N VAL D 34 45.94 -2.91 -18.01
CA VAL D 34 45.53 -3.20 -16.63
C VAL D 34 44.75 -4.53 -16.62
N VAL D 35 45.19 -5.44 -15.74
CA VAL D 35 44.55 -6.74 -15.57
C VAL D 35 43.46 -6.56 -14.54
N GLN D 36 43.77 -5.82 -13.47
CA GLN D 36 42.79 -5.57 -12.39
C GLN D 36 43.29 -4.43 -11.50
N GLU D 37 42.34 -3.71 -10.87
CA GLU D 37 42.64 -2.67 -9.90
C GLU D 37 41.68 -2.91 -8.75
N GLY D 38 42.14 -2.64 -7.53
CA GLY D 38 41.32 -2.85 -6.36
C GLY D 38 41.72 -1.98 -5.19
N GLU D 39 40.99 -2.13 -4.10
CA GLU D 39 41.26 -1.34 -2.91
C GLU D 39 41.01 -2.16 -1.67
N GLY D 40 41.62 -1.73 -0.59
CA GLY D 40 41.43 -2.41 0.65
C GLY D 40 42.12 -1.74 1.82
N GLU D 41 42.25 -2.50 2.89
N GLU D 41 42.21 -2.50 2.90
CA GLU D 41 42.97 -2.03 4.07
CA GLU D 41 42.86 -2.06 4.15
C GLU D 41 43.70 -3.18 4.73
C GLU D 41 43.70 -3.20 4.72
N LEU D 42 44.75 -2.83 5.46
CA LEU D 42 45.61 -3.80 6.12
C LEU D 42 46.03 -3.35 7.52
N TRP D 43 46.26 -4.32 8.39
CA TRP D 43 46.72 -4.11 9.75
C TRP D 43 47.87 -5.07 10.00
N VAL D 44 48.95 -4.61 10.62
CA VAL D 44 50.10 -5.45 10.90
C VAL D 44 50.54 -5.27 12.34
N LYS D 45 50.84 -6.37 13.02
CA LYS D 45 51.39 -6.29 14.38
C LYS D 45 52.50 -7.32 14.46
N ARG D 46 53.75 -6.85 14.39
CA ARG D 46 54.86 -7.77 14.49
C ARG D 46 55.03 -8.07 15.99
N PRO D 47 55.33 -9.31 16.32
CA PRO D 47 55.54 -10.39 15.35
C PRO D 47 54.34 -11.29 14.98
N ASN D 48 54.37 -11.74 13.72
CA ASN D 48 53.47 -12.76 13.16
C ASN D 48 51.97 -12.52 13.06
N LEU D 49 51.54 -11.28 13.26
CA LEU D 49 50.13 -10.98 13.16
C LEU D 49 49.83 -10.01 12.05
N PHE D 50 48.77 -10.30 11.30
CA PHE D 50 48.27 -9.38 10.25
C PHE D 50 46.86 -9.74 9.81
N ASN D 51 46.17 -8.72 9.30
CA ASN D 51 44.81 -8.77 8.71
C ASN D 51 44.85 -7.89 7.45
N TRP D 52 44.78 -8.54 6.28
CA TRP D 52 44.85 -7.91 4.95
C TRP D 52 43.51 -8.16 4.31
N HIS D 53 42.81 -7.10 3.95
CA HIS D 53 41.45 -7.21 3.43
C HIS D 53 41.20 -6.42 2.16
N MET D 54 41.03 -7.11 1.03
CA MET D 54 40.72 -6.43 -0.19
C MET D 54 39.21 -6.32 -0.15
N THR D 55 38.73 -5.09 -0.32
CA THR D 55 37.29 -4.85 -0.26
C THR D 55 36.60 -4.65 -1.61
N SER D 56 37.35 -4.21 -2.62
CA SER D 56 36.80 -4.00 -3.95
C SER D 56 37.83 -4.24 -5.04
N PRO D 57 37.38 -4.60 -6.25
CA PRO D 57 35.98 -4.85 -6.63
C PRO D 57 35.41 -6.18 -6.10
N ASP D 58 36.29 -7.11 -5.71
CA ASP D 58 35.87 -8.42 -5.16
C ASP D 58 36.46 -8.56 -3.74
N GLU D 59 35.80 -9.23 -2.80
CA GLU D 59 36.36 -9.31 -1.45
C GLU D 59 37.37 -10.46 -1.35
N SER D 60 38.44 -10.27 -0.57
CA SER D 60 39.45 -11.34 -0.32
C SER D 60 39.99 -11.06 1.07
N VAL D 61 40.26 -12.10 1.84
CA VAL D 61 40.72 -11.97 3.22
C VAL D 61 41.95 -12.83 3.46
N LEU D 62 43.00 -12.23 4.02
CA LEU D 62 44.23 -12.93 4.36
C LEU D 62 44.61 -12.49 5.77
N ILE D 63 44.59 -13.45 6.69
CA ILE D 63 44.83 -13.19 8.11
C ILE D 63 45.77 -14.17 8.75
N SER D 64 46.70 -13.63 9.54
CA SER D 64 47.56 -14.48 10.34
C SER D 64 47.17 -14.30 11.79
N ASP D 65 46.81 -15.37 12.49
CA ASP D 65 46.46 -15.22 13.90
C ASP D 65 47.69 -15.49 14.81
N GLY D 66 48.86 -15.63 14.20
CA GLY D 66 50.11 -15.93 14.92
C GLY D 66 50.57 -17.39 14.78
N GLU D 67 49.62 -18.28 14.46
N GLU D 67 49.61 -18.30 14.51
CA GLU D 67 49.90 -19.71 14.27
CA GLU D 67 49.87 -19.75 14.34
C GLU D 67 49.41 -20.19 12.91
C GLU D 67 49.32 -20.34 13.04
N THR D 68 48.16 -19.85 12.60
CA THR D 68 47.54 -20.26 11.36
C THR D 68 47.38 -19.04 10.45
N LEU D 69 47.66 -19.29 9.18
CA LEU D 69 47.51 -18.33 8.08
C LEU D 69 46.23 -18.79 7.37
N TRP D 70 45.30 -17.85 7.25
CA TRP D 70 44.01 -18.04 6.65
C TRP D 70 43.81 -17.24 5.37
N PHE D 71 43.27 -17.90 4.34
CA PHE D 71 42.88 -17.24 3.12
C PHE D 71 41.40 -17.53 2.97
N TYR D 72 40.63 -16.50 2.65
CA TYR D 72 39.22 -16.64 2.48
C TYR D 72 38.66 -15.85 1.32
N ASN D 73 37.89 -16.55 0.49
CA ASN D 73 37.20 -15.95 -0.64
C ASN D 73 35.71 -16.19 -0.41
N PRO D 74 34.95 -15.10 -0.20
CA PRO D 74 33.55 -15.28 0.07
C PRO D 74 32.75 -15.73 -1.15
N PHE D 75 33.17 -15.34 -2.35
CA PHE D 75 32.40 -15.71 -3.57
C PHE D 75 32.31 -17.21 -3.84
N VAL D 76 33.43 -17.92 -3.82
CA VAL D 76 33.39 -19.36 -4.01
C VAL D 76 33.17 -20.08 -2.67
N GLU D 77 32.98 -19.28 -1.60
CA GLU D 77 32.72 -19.80 -0.25
C GLU D 77 33.77 -20.80 0.23
N GLN D 78 35.03 -20.47 0.01
CA GLN D 78 36.13 -21.32 0.42
C GLN D 78 37.18 -20.59 1.23
N ALA D 79 37.77 -21.33 2.18
CA ALA D 79 38.86 -20.84 3.01
C ALA D 79 39.95 -21.90 2.95
N THR D 80 41.18 -21.47 3.22
CA THR D 80 42.31 -22.36 3.29
C THR D 80 43.06 -22.02 4.56
N ALA D 81 43.47 -23.06 5.30
CA ALA D 81 44.25 -22.93 6.52
C ALA D 81 45.59 -23.63 6.37
N THR D 82 46.66 -22.93 6.76
CA THR D 82 48.04 -23.49 6.78
C THR D 82 48.76 -23.02 8.05
N TRP D 83 49.86 -23.67 8.45
CA TRP D 83 50.62 -23.21 9.61
C TRP D 83 51.53 -22.08 9.13
N LEU D 84 51.48 -20.96 9.83
CA LEU D 84 52.24 -19.78 9.52
C LEU D 84 53.72 -20.08 9.40
N LYS D 85 54.19 -21.02 10.21
CA LYS D 85 55.60 -21.42 10.24
C LYS D 85 56.07 -21.93 8.88
N ASN D 86 55.12 -22.38 8.06
CA ASN D 86 55.44 -22.89 6.75
C ASN D 86 55.51 -21.79 5.71
N ALA D 87 54.89 -20.65 6.01
CA ALA D 87 54.90 -19.50 5.11
C ALA D 87 56.32 -18.95 4.91
N THR D 88 56.48 -18.24 3.80
CA THR D 88 57.75 -17.62 3.47
C THR D 88 57.52 -16.17 3.07
N GLY D 89 58.61 -15.45 2.86
CA GLY D 89 58.56 -14.06 2.44
C GLY D 89 58.50 -14.03 0.94
N ASN D 90 57.41 -14.56 0.39
CA ASN D 90 57.23 -14.67 -1.07
C ASN D 90 56.46 -13.57 -1.80
N THR D 91 55.96 -12.58 -1.06
CA THR D 91 55.29 -11.41 -1.62
C THR D 91 55.87 -10.20 -0.83
N PRO D 92 55.83 -9.00 -1.42
CA PRO D 92 56.33 -7.83 -0.66
C PRO D 92 55.61 -7.66 0.67
N PHE D 93 54.28 -7.85 0.66
CA PHE D 93 53.54 -7.76 1.91
C PHE D 93 54.04 -8.77 2.96
N MET D 94 54.28 -10.02 2.57
CA MET D 94 54.74 -11.01 3.55
C MET D 94 56.14 -10.62 4.07
N LEU D 95 56.99 -10.05 3.21
CA LEU D 95 58.33 -9.64 3.61
C LEU D 95 58.24 -8.55 4.65
N ILE D 96 57.33 -7.61 4.39
CA ILE D 96 57.08 -6.50 5.28
C ILE D 96 56.55 -6.95 6.64
N THR D 97 55.60 -7.90 6.66
CA THR D 97 55.05 -8.38 7.95
C THR D 97 56.07 -9.13 8.81
N ARG D 98 56.97 -9.87 8.15
CA ARG D 98 58.00 -10.65 8.87
C ARG D 98 59.24 -9.87 9.32
N ASN D 99 59.74 -8.99 8.44
CA ASN D 99 60.94 -8.18 8.59
C ASN D 99 61.98 -9.05 9.29
N ASN D 100 62.31 -10.12 8.56
CA ASN D 100 63.23 -11.14 9.01
C ASN D 100 64.56 -11.05 8.25
N PRO D 101 65.66 -10.79 8.98
CA PRO D 101 66.96 -10.72 8.30
C PRO D 101 67.25 -11.93 7.37
N ASP D 102 66.74 -13.12 7.73
CA ASP D 102 66.98 -14.34 6.93
C ASP D 102 66.29 -14.27 5.56
N ASP D 103 65.21 -13.50 5.50
CA ASP D 103 64.51 -13.26 4.25
C ASP D 103 65.29 -12.24 3.40
N TRP D 104 65.71 -11.13 4.00
CA TRP D 104 66.34 -10.05 3.27
C TRP D 104 67.67 -10.47 2.62
N LYS D 105 68.37 -11.38 3.28
CA LYS D 105 69.67 -11.84 2.78
C LYS D 105 69.55 -12.64 1.49
N GLN D 106 68.33 -13.03 1.12
CA GLN D 106 68.11 -13.80 -0.13
C GLN D 106 67.98 -12.90 -1.36
N TYR D 107 68.16 -11.59 -1.15
CA TYR D 107 68.08 -10.58 -2.20
C TYR D 107 69.25 -9.60 -2.22
N ASN D 108 69.52 -9.09 -3.41
CA ASN D 108 70.49 -8.03 -3.60
C ASN D 108 69.63 -6.79 -3.53
N VAL D 109 69.94 -5.91 -2.59
CA VAL D 109 69.17 -4.67 -2.35
C VAL D 109 69.92 -3.40 -2.76
N LYS D 110 69.23 -2.56 -3.52
CA LYS D 110 69.73 -1.25 -3.99
C LYS D 110 68.82 -0.17 -3.42
N GLN D 111 69.40 0.98 -3.13
CA GLN D 111 68.65 2.09 -2.54
C GLN D 111 68.84 3.44 -3.27
N LYS D 112 67.72 4.17 -3.43
N LYS D 112 67.77 4.21 -3.41
CA LYS D 112 67.67 5.48 -4.08
CA LYS D 112 67.87 5.54 -4.00
C LYS D 112 66.72 6.28 -3.20
C LYS D 112 66.80 6.35 -3.28
N GLY D 113 67.25 7.01 -2.21
CA GLY D 113 66.40 7.78 -1.34
C GLY D 113 65.57 6.82 -0.52
N ASP D 114 64.26 6.97 -0.61
CA ASP D 114 63.31 6.11 0.10
C ASP D 114 62.93 4.87 -0.72
N ASP D 115 63.42 4.79 -1.95
CA ASP D 115 63.09 3.69 -2.87
C ASP D 115 64.15 2.58 -2.87
N PHE D 116 63.72 1.37 -2.54
CA PHE D 116 64.57 0.18 -2.49
C PHE D 116 64.13 -0.82 -3.54
N GLU D 117 65.09 -1.46 -4.22
CA GLU D 117 64.81 -2.50 -5.21
C GLU D 117 65.50 -3.74 -4.75
N LEU D 118 64.78 -4.85 -4.78
CA LEU D 118 65.28 -6.13 -4.32
C LEU D 118 65.21 -7.15 -5.43
N THR D 119 66.36 -7.74 -5.77
CA THR D 119 66.43 -8.69 -6.86
C THR D 119 66.89 -10.01 -6.23
N PRO D 120 66.16 -11.14 -6.46
CA PRO D 120 66.59 -12.36 -5.77
C PRO D 120 67.97 -12.87 -6.21
N LYS D 121 68.66 -13.48 -5.27
CA LYS D 121 69.98 -14.07 -5.55
C LYS D 121 69.88 -15.35 -6.42
N SER D 122 68.71 -15.98 -6.44
CA SER D 122 68.46 -17.15 -7.30
C SER D 122 66.99 -17.19 -7.71
N ALA D 123 66.60 -18.17 -8.52
CA ALA D 123 65.21 -18.27 -8.95
C ALA D 123 64.39 -19.05 -7.94
N ASN D 126 58.86 -17.29 -9.80
CA ASN D 126 58.87 -16.69 -11.12
C ASN D 126 59.07 -15.17 -10.97
N LEU D 127 59.68 -14.75 -9.87
CA LEU D 127 59.84 -13.31 -9.68
C LEU D 127 61.08 -12.73 -10.33
N LYS D 128 60.96 -11.46 -10.71
N LYS D 128 60.93 -11.47 -10.72
CA LYS D 128 62.08 -10.75 -11.30
CA LYS D 128 61.99 -10.71 -11.34
C LYS D 128 62.62 -9.85 -10.20
C LYS D 128 62.59 -9.81 -10.26
N GLN D 129 61.75 -9.05 -9.57
CA GLN D 129 62.21 -8.16 -8.49
C GLN D 129 61.05 -7.59 -7.68
N PHE D 130 61.35 -7.16 -6.45
CA PHE D 130 60.35 -6.46 -5.60
C PHE D 130 60.86 -5.00 -5.43
N ALA D 131 59.98 -4.04 -5.17
CA ALA D 131 60.39 -2.67 -4.86
C ALA D 131 59.58 -2.29 -3.61
N ILE D 132 60.17 -1.51 -2.70
CA ILE D 132 59.48 -1.04 -1.48
C ILE D 132 59.93 0.42 -1.22
N SER D 133 58.98 1.33 -1.05
N SER D 133 58.98 1.35 -1.09
CA SER D 133 59.34 2.70 -0.74
CA SER D 133 59.29 2.74 -0.81
C SER D 133 58.94 2.92 0.71
C SER D 133 58.92 3.02 0.66
N VAL D 134 59.89 3.41 1.50
CA VAL D 134 59.65 3.65 2.91
C VAL D 134 60.44 4.83 3.41
N THR D 135 59.76 5.77 4.08
CA THR D 135 60.47 6.98 4.52
C THR D 135 61.47 6.71 5.65
N PRO D 136 62.41 7.67 5.93
CA PRO D 136 63.37 7.43 7.03
C PRO D 136 62.73 7.14 8.39
N SER D 137 61.60 7.76 8.70
CA SER D 137 60.90 7.57 9.98
C SER D 137 60.06 6.26 10.03
N GLY D 138 59.96 5.58 8.89
CA GLY D 138 59.26 4.31 8.84
C GLY D 138 57.90 4.22 8.17
N THR D 139 57.45 5.24 7.43
CA THR D 139 56.16 5.21 6.74
C THR D 139 56.30 4.50 5.41
N ILE D 140 55.56 3.40 5.26
CA ILE D 140 55.57 2.62 4.03
C ILE D 140 54.63 3.32 3.04
N LYS D 141 55.17 3.66 1.88
CA LYS D 141 54.42 4.43 0.88
C LYS D 141 53.87 3.62 -0.26
N SER D 142 54.64 2.60 -0.66
CA SER D 142 54.25 1.76 -1.79
C SER D 142 55.13 0.54 -1.86
N PHE D 143 54.69 -0.45 -2.63
CA PHE D 143 55.50 -1.66 -2.87
C PHE D 143 55.03 -2.27 -4.16
N THR D 144 55.96 -2.93 -4.84
CA THR D 144 55.64 -3.52 -6.12
C THR D 144 56.37 -4.87 -6.30
N ALA D 145 55.72 -5.80 -7.00
CA ALA D 145 56.27 -7.13 -7.32
C ALA D 145 56.25 -7.28 -8.85
N VAL D 146 57.40 -7.59 -9.48
CA VAL D 146 57.46 -7.75 -10.94
C VAL D 146 57.83 -9.19 -11.26
N GLU D 147 57.08 -9.83 -12.14
N GLU D 147 57.07 -9.84 -12.13
CA GLU D 147 57.33 -11.22 -12.53
CA GLU D 147 57.33 -11.24 -12.50
C GLU D 147 58.24 -11.29 -13.74
C GLU D 147 58.23 -11.30 -13.73
N GLN D 148 58.77 -12.48 -14.03
CA GLN D 148 59.68 -12.62 -15.18
C GLN D 148 59.01 -12.23 -16.52
N ASP D 149 57.69 -12.44 -16.63
CA ASP D 149 56.93 -12.08 -17.86
C ASP D 149 56.65 -10.58 -17.94
N GLY D 150 57.11 -9.82 -16.93
CA GLY D 150 56.93 -8.39 -16.94
C GLY D 150 55.65 -7.90 -16.26
N GLN D 151 54.79 -8.80 -15.79
CA GLN D 151 53.56 -8.35 -15.10
C GLN D 151 53.91 -7.66 -13.78
N ARG D 152 53.29 -6.51 -13.50
N ARG D 152 53.20 -6.59 -13.48
CA ARG D 152 53.57 -5.72 -12.28
CA ARG D 152 53.48 -5.86 -12.26
C ARG D 152 52.35 -5.56 -11.35
C ARG D 152 52.28 -5.76 -11.34
N SER D 153 52.57 -5.80 -10.05
CA SER D 153 51.54 -5.70 -9.03
C SER D 153 51.99 -4.55 -8.12
N ALA D 154 51.31 -3.41 -8.21
CA ALA D 154 51.68 -2.20 -7.52
C ALA D 154 50.66 -1.81 -6.50
N TYR D 155 51.13 -1.49 -5.30
CA TYR D 155 50.32 -1.07 -4.17
C TYR D 155 50.80 0.29 -3.69
N THR D 156 49.86 1.20 -3.41
CA THR D 156 50.19 2.50 -2.84
C THR D 156 49.41 2.53 -1.55
N LEU D 157 50.04 2.98 -0.48
CA LEU D 157 49.42 3.00 0.85
C LEU D 157 49.11 4.42 1.25
N LYS D 158 48.02 4.58 2.00
CA LYS D 158 47.53 5.89 2.48
C LYS D 158 47.12 5.79 3.94
N SER D 159 46.73 6.93 4.52
CA SER D 159 46.28 6.99 5.92
C SER D 159 47.01 6.00 6.81
N GLN D 160 48.34 5.94 6.68
CA GLN D 160 49.13 5.03 7.47
C GLN D 160 49.26 5.56 8.90
N GLN D 161 48.66 4.86 9.85
CA GLN D 161 48.73 5.25 11.24
C GLN D 161 49.30 4.12 12.10
N SER D 162 50.19 4.49 13.03
CA SER D 162 50.81 3.53 13.91
C SER D 162 50.02 3.43 15.21
N SER D 163 49.30 2.32 15.34
CA SER D 163 48.50 2.08 16.53
C SER D 163 48.41 0.59 16.81
N VAL D 164 48.07 0.29 18.07
CA VAL D 164 47.89 -1.08 18.54
C VAL D 164 46.38 -1.27 18.70
N VAL D 165 45.81 -2.11 17.84
CA VAL D 165 44.37 -2.39 17.82
C VAL D 165 44.05 -3.65 18.62
N ASP D 166 42.81 -3.79 19.06
N ASP D 166 42.78 -3.82 18.97
CA ASP D 166 42.44 -4.97 19.84
CA ASP D 166 42.30 -4.99 19.70
C ASP D 166 42.74 -6.23 19.04
C ASP D 166 42.75 -6.25 18.99
N ALA D 167 43.44 -7.15 19.71
CA ALA D 167 43.90 -8.42 19.12
C ALA D 167 42.83 -9.16 18.32
N SER D 168 41.56 -8.86 18.57
N SER D 168 41.57 -8.80 18.56
CA SER D 168 40.45 -9.50 17.86
CA SER D 168 40.41 -9.34 17.87
C SER D 168 40.55 -9.36 16.32
C SER D 168 40.57 -9.34 16.35
N LYS D 169 41.24 -8.31 15.87
CA LYS D 169 41.46 -8.10 14.43
C LYS D 169 42.25 -9.27 13.82
N PHE D 170 43.12 -9.91 14.60
CA PHE D 170 43.97 -11.00 14.10
C PHE D 170 43.47 -12.42 14.39
N THR D 171 42.18 -12.65 14.21
CA THR D 171 41.57 -13.91 14.47
C THR D 171 40.65 -14.20 13.26
N PHE D 172 40.34 -15.47 13.03
CA PHE D 172 39.43 -15.86 11.95
C PHE D 172 38.83 -17.23 12.19
N THR D 173 37.53 -17.34 11.98
CA THR D 173 36.81 -18.57 12.09
C THR D 173 36.04 -18.66 10.78
N PRO D 174 36.12 -19.81 10.10
CA PRO D 174 35.39 -19.81 8.82
C PRO D 174 33.86 -19.62 9.02
N PRO D 175 33.22 -18.73 8.24
CA PRO D 175 31.78 -18.52 8.38
C PRO D 175 30.93 -19.77 8.10
N LYS D 176 29.71 -19.80 8.62
CA LYS D 176 28.84 -20.95 8.41
C LYS D 176 28.62 -21.10 6.88
N GLY D 177 28.73 -22.33 6.40
CA GLY D 177 28.56 -22.64 4.96
C GLY D 177 29.84 -22.61 4.13
N VAL D 178 30.95 -22.22 4.77
CA VAL D 178 32.23 -22.12 4.11
C VAL D 178 33.00 -23.43 4.23
N THR D 179 33.53 -23.90 3.11
CA THR D 179 34.30 -25.14 3.06
C THR D 179 35.73 -24.78 3.32
N LEU D 180 36.31 -25.44 4.34
CA LEU D 180 37.69 -25.21 4.71
C LEU D 180 38.63 -26.29 4.17
N ASP D 181 39.61 -25.88 3.38
CA ASP D 181 40.67 -26.76 2.93
C ASP D 181 41.76 -26.62 3.99
N ASP D 182 41.74 -27.50 4.97
CA ASP D 182 42.69 -27.45 6.07
C ASP D 182 43.94 -28.27 5.75
N GLN D 183 45.02 -27.59 5.36
N GLN D 183 45.01 -27.55 5.41
CA GLN D 183 46.29 -28.23 5.03
CA GLN D 183 46.30 -28.13 5.04
C GLN D 183 47.18 -28.40 6.26
C GLN D 183 47.24 -28.24 6.23
N ARG D 184 46.69 -27.94 7.40
CA ARG D 184 47.44 -28.05 8.65
C ARG D 184 47.54 -29.53 9.04
N ASP E 4 -1.49 -7.65 28.70
CA ASP E 4 -0.49 -8.27 29.63
C ASP E 4 0.52 -9.17 28.91
N ALA E 5 0.02 -10.14 28.14
CA ALA E 5 0.89 -11.08 27.40
C ALA E 5 1.74 -10.38 26.33
N SER E 6 1.13 -9.44 25.60
CA SER E 6 1.84 -8.67 24.55
C SER E 6 2.87 -7.75 25.21
N THR E 7 2.51 -7.18 26.36
CA THR E 7 3.43 -6.31 27.09
C THR E 7 4.65 -7.09 27.57
N ASP E 8 4.42 -8.30 28.08
CA ASP E 8 5.56 -9.09 28.56
C ASP E 8 6.46 -9.50 27.40
N LEU E 9 5.89 -10.03 26.33
CA LEU E 9 6.65 -10.43 25.16
C LEU E 9 7.54 -9.27 24.70
N GLN E 10 6.94 -8.11 24.55
CA GLN E 10 7.63 -6.90 24.15
C GLN E 10 8.80 -6.56 25.08
N ASN E 11 8.54 -6.66 26.39
CA ASN E 11 9.51 -6.38 27.44
C ASN E 11 10.70 -7.34 27.30
N ARG E 12 10.42 -8.62 27.07
CA ARG E 12 11.48 -9.63 26.91
C ARG E 12 12.29 -9.39 25.62
N LEU E 13 11.63 -9.03 24.53
CA LEU E 13 12.31 -8.76 23.25
C LEU E 13 13.20 -7.51 23.38
N SER E 14 12.72 -6.50 24.12
CA SER E 14 13.45 -5.23 24.33
C SER E 14 14.77 -5.37 25.06
N LYS E 15 14.94 -6.50 25.77
CA LYS E 15 16.17 -6.72 26.52
C LYS E 15 17.40 -7.01 25.66
N VAL E 16 17.21 -7.52 24.43
CA VAL E 16 18.37 -7.79 23.61
C VAL E 16 18.11 -7.22 22.20
N ASN E 17 18.78 -6.13 21.89
CA ASN E 17 18.57 -5.46 20.60
C ASN E 17 19.64 -5.69 19.55
N SER E 18 20.74 -6.33 19.94
CA SER E 18 21.80 -6.65 19.02
C SER E 18 22.22 -8.08 19.37
N PHE E 19 22.05 -9.01 18.43
CA PHE E 19 22.41 -10.40 18.69
C PHE E 19 22.63 -11.22 17.45
N HIS E 20 23.24 -12.37 17.68
CA HIS E 20 23.52 -13.33 16.62
C HIS E 20 23.13 -14.74 17.09
N ALA E 21 22.74 -15.60 16.15
CA ALA E 21 22.39 -16.97 16.48
C ALA E 21 22.38 -17.87 15.24
N SER E 22 22.62 -19.15 15.47
CA SER E 22 22.51 -20.11 14.40
C SER E 22 21.11 -20.66 14.52
N PHE E 23 20.62 -21.29 13.47
CA PHE E 23 19.29 -21.89 13.53
C PHE E 23 19.14 -23.15 12.68
N SER E 24 18.10 -23.89 13.02
CA SER E 24 17.68 -25.06 12.24
C SER E 24 16.26 -24.69 11.86
N GLN E 25 15.86 -25.15 10.70
CA GLN E 25 14.53 -24.81 10.19
C GLN E 25 13.87 -26.06 9.63
N ALA E 26 12.55 -26.11 9.75
CA ALA E 26 11.76 -27.23 9.21
C ALA E 26 10.40 -26.72 8.83
N VAL E 27 10.01 -26.96 7.58
CA VAL E 27 8.71 -26.60 7.04
C VAL E 27 7.95 -27.92 6.85
N THR E 28 6.79 -28.03 7.47
CA THR E 28 5.99 -29.26 7.42
C THR E 28 4.55 -28.97 7.07
N SER E 29 3.91 -29.84 6.28
CA SER E 29 2.50 -29.62 5.98
C SER E 29 1.60 -30.15 7.10
N SER E 30 0.28 -29.89 6.98
CA SER E 30 -0.67 -30.33 8.01
C SER E 30 -0.74 -31.84 8.22
N ASP E 31 -0.31 -32.62 7.22
CA ASP E 31 -0.33 -34.08 7.30
C ASP E 31 0.97 -34.63 7.89
N GLY E 32 1.85 -33.73 8.32
CA GLY E 32 3.12 -34.13 8.92
C GLY E 32 4.30 -34.27 7.96
N ALA E 33 4.08 -34.23 6.64
CA ALA E 33 5.19 -34.37 5.68
C ALA E 33 6.14 -33.17 5.64
N VAL E 34 7.45 -33.45 5.68
CA VAL E 34 8.46 -32.37 5.63
C VAL E 34 8.65 -31.86 4.18
N VAL E 35 8.46 -30.56 4.02
CA VAL E 35 8.58 -29.89 2.71
C VAL E 35 10.06 -29.61 2.53
N GLN E 36 10.68 -28.99 3.55
CA GLN E 36 12.10 -28.68 3.52
C GLN E 36 12.69 -28.57 4.93
N GLU E 37 13.96 -28.92 5.07
CA GLU E 37 14.72 -28.78 6.34
C GLU E 37 16.06 -28.16 6.03
N GLY E 38 16.51 -27.22 6.85
CA GLY E 38 17.79 -26.59 6.60
C GLY E 38 18.38 -25.93 7.84
N GLU E 39 19.52 -25.30 7.62
CA GLU E 39 20.21 -24.63 8.71
C GLU E 39 20.71 -23.27 8.21
N GLY E 40 21.06 -22.41 9.15
CA GLY E 40 21.57 -21.11 8.85
C GLY E 40 21.95 -20.28 10.06
N GLU E 41 22.09 -18.98 9.84
CA GLU E 41 22.43 -18.07 10.93
C GLU E 41 21.85 -16.70 10.66
N LEU E 42 21.77 -15.90 11.70
CA LEU E 42 21.21 -14.58 11.58
C LEU E 42 21.84 -13.59 12.53
N TRP E 43 21.84 -12.34 12.12
CA TRP E 43 22.33 -11.19 12.90
C TRP E 43 21.22 -10.14 12.94
N VAL E 44 21.01 -9.53 14.10
CA VAL E 44 19.98 -8.52 14.22
C VAL E 44 20.60 -7.39 15.01
N LYS E 45 20.25 -6.16 14.63
CA LYS E 45 20.69 -4.95 15.33
C LYS E 45 19.55 -3.99 15.18
N ARG E 46 18.75 -3.89 16.21
CA ARG E 46 17.68 -2.93 16.19
C ARG E 46 18.34 -1.56 16.36
N PRO E 47 17.87 -0.55 15.63
N PRO E 47 17.85 -0.53 15.65
CA PRO E 47 16.76 -0.65 14.70
CA PRO E 47 16.69 -0.61 14.75
C PRO E 47 17.10 -0.78 13.21
C PRO E 47 16.91 -0.74 13.23
N ASN E 48 16.21 -1.42 12.48
N ASN E 48 16.16 -1.64 12.62
CA ASN E 48 16.32 -1.52 11.03
CA ASN E 48 16.15 -1.79 11.16
C ASN E 48 17.48 -2.29 10.39
C ASN E 48 17.30 -2.48 10.42
N LEU E 49 18.23 -3.09 11.15
CA LEU E 49 19.36 -3.82 10.56
C LEU E 49 19.30 -5.30 10.87
N PHE E 50 19.56 -6.10 9.84
CA PHE E 50 19.62 -7.53 10.00
C PHE E 50 20.24 -8.21 8.77
N ASN E 51 20.79 -9.39 9.03
CA ASN E 51 21.39 -10.27 8.06
C ASN E 51 20.92 -11.70 8.43
N TRP E 52 20.15 -12.28 7.52
CA TRP E 52 19.57 -13.60 7.67
C TRP E 52 20.15 -14.40 6.56
N HIS E 53 20.63 -15.60 6.89
CA HIS E 53 21.32 -16.40 5.91
C HIS E 53 21.06 -17.88 6.07
N MET E 54 20.32 -18.45 5.14
CA MET E 54 20.10 -19.89 5.15
C MET E 54 21.34 -20.41 4.42
N THR E 55 22.07 -21.31 5.08
CA THR E 55 23.32 -21.87 4.52
C THR E 55 23.26 -23.27 3.93
N SER E 56 22.29 -24.07 4.34
N SER E 56 22.31 -24.09 4.38
CA SER E 56 22.10 -25.41 3.80
CA SER E 56 22.12 -25.45 3.86
C SER E 56 20.64 -25.81 3.90
C SER E 56 20.64 -25.83 3.92
N PRO E 57 20.16 -26.65 2.97
CA PRO E 57 20.89 -27.25 1.85
C PRO E 57 20.91 -26.32 0.63
N ASP E 58 19.96 -25.37 0.56
CA ASP E 58 19.83 -24.37 -0.50
C ASP E 58 20.05 -22.97 0.11
N GLU E 59 21.12 -22.33 -0.31
CA GLU E 59 21.46 -21.01 0.24
C GLU E 59 20.57 -19.85 -0.19
N SER E 60 20.24 -18.97 0.76
CA SER E 60 19.51 -17.72 0.46
C SER E 60 19.95 -16.66 1.46
N VAL E 61 19.82 -15.40 1.06
CA VAL E 61 20.28 -14.29 1.87
C VAL E 61 19.21 -13.19 1.87
N LEU E 62 18.90 -12.69 3.06
CA LEU E 62 17.93 -11.59 3.24
C LEU E 62 18.63 -10.62 4.16
N ILE E 63 18.84 -9.41 3.65
CA ILE E 63 19.55 -8.38 4.39
C ILE E 63 18.92 -7.02 4.36
N SER E 64 18.85 -6.36 5.53
CA SER E 64 18.39 -4.98 5.60
C SER E 64 19.59 -4.13 6.00
N ASP E 65 19.91 -3.13 5.18
CA ASP E 65 21.03 -2.21 5.47
C ASP E 65 20.50 -0.92 6.13
N GLY E 66 19.23 -0.94 6.51
CA GLY E 66 18.57 0.20 7.17
C GLY E 66 17.62 1.01 6.31
N GLU E 67 17.77 0.89 4.98
N GLU E 67 17.85 0.92 4.99
CA GLU E 67 16.90 1.60 4.04
CA GLU E 67 17.12 1.65 3.98
C GLU E 67 16.46 0.66 2.91
C GLU E 67 16.51 0.70 2.94
N THR E 68 17.35 -0.20 2.43
CA THR E 68 16.99 -1.19 1.42
C THR E 68 16.98 -2.59 2.01
N LEU E 69 15.99 -3.37 1.60
CA LEU E 69 15.87 -4.77 1.96
C LEU E 69 16.31 -5.53 0.72
N TRP E 70 17.30 -6.42 0.89
CA TRP E 70 17.86 -7.17 -0.21
C TRP E 70 17.57 -8.67 -0.09
N PHE E 71 17.09 -9.28 -1.17
CA PHE E 71 16.89 -10.72 -1.18
C PHE E 71 17.72 -11.27 -2.32
N TYR E 72 18.46 -12.32 -2.01
CA TYR E 72 19.38 -12.95 -2.95
C TYR E 72 19.37 -14.49 -2.93
N ASN E 73 19.24 -15.05 -4.13
CA ASN E 73 19.24 -16.48 -4.37
C ASN E 73 20.34 -16.73 -5.40
N PRO E 74 21.51 -17.22 -4.94
CA PRO E 74 22.55 -17.43 -5.94
C PRO E 74 22.22 -18.51 -6.99
N PHE E 75 21.32 -19.44 -6.70
CA PHE E 75 20.97 -20.52 -7.65
C PHE E 75 20.41 -19.98 -8.98
N VAL E 76 19.44 -19.08 -8.92
CA VAL E 76 18.87 -18.44 -10.13
C VAL E 76 19.55 -17.12 -10.48
N GLU E 77 20.60 -16.78 -9.74
CA GLU E 77 21.38 -15.55 -9.90
C GLU E 77 20.52 -14.32 -10.01
N GLN E 78 19.67 -14.19 -9.00
CA GLN E 78 18.77 -13.08 -8.89
C GLN E 78 18.82 -12.49 -7.49
N ALA E 79 18.71 -11.18 -7.46
CA ALA E 79 18.65 -10.42 -6.24
C ALA E 79 17.49 -9.46 -6.45
N THR E 80 16.83 -9.12 -5.35
CA THR E 80 15.73 -8.19 -5.38
C THR E 80 16.01 -7.11 -4.36
N ALA E 81 15.77 -5.86 -4.76
CA ALA E 81 15.95 -4.72 -3.86
C ALA E 81 14.60 -4.03 -3.70
N THR E 82 14.23 -3.77 -2.44
CA THR E 82 12.99 -3.07 -2.11
C THR E 82 13.30 -2.07 -0.97
N TRP E 83 12.55 -0.98 -0.83
CA TRP E 83 12.80 -0.07 0.29
C TRP E 83 12.27 -0.78 1.54
N LEU E 84 13.05 -0.75 2.63
CA LEU E 84 12.67 -1.38 3.90
C LEU E 84 11.30 -0.88 4.33
N LYS E 85 11.03 0.40 4.06
CA LYS E 85 9.74 1.01 4.43
C LYS E 85 8.49 0.31 3.88
N ASN E 86 8.65 -0.49 2.83
CA ASN E 86 7.54 -1.24 2.26
C ASN E 86 7.38 -2.58 2.96
N ALA E 87 8.40 -2.97 3.73
CA ALA E 87 8.36 -4.20 4.49
C ALA E 87 7.37 -4.06 5.65
N THR E 88 6.86 -5.21 6.10
CA THR E 88 5.89 -5.31 7.18
C THR E 88 6.30 -6.46 8.09
N GLY E 89 5.62 -6.60 9.21
CA GLY E 89 5.87 -7.72 10.12
C GLY E 89 5.05 -8.92 9.66
N ASN E 90 5.32 -9.41 8.45
CA ASN E 90 4.59 -10.55 7.87
C ASN E 90 5.12 -11.93 8.19
N THR E 91 6.26 -11.99 8.89
CA THR E 91 6.87 -13.24 9.34
C THR E 91 7.31 -13.07 10.79
N PRO E 92 7.49 -14.17 11.53
CA PRO E 92 7.96 -14.03 12.92
C PRO E 92 9.33 -13.35 12.96
N PHE E 93 10.22 -13.68 12.00
CA PHE E 93 11.53 -13.03 11.96
C PHE E 93 11.44 -11.51 11.80
N MET E 94 10.61 -11.05 10.85
CA MET E 94 10.40 -9.63 10.66
C MET E 94 9.86 -8.98 11.95
N LEU E 95 8.88 -9.61 12.60
CA LEU E 95 8.30 -9.07 13.84
C LEU E 95 9.33 -8.88 14.96
N ILE E 96 10.21 -9.85 15.03
CA ILE E 96 11.29 -9.88 15.98
C ILE E 96 12.29 -8.79 15.69
N THR E 97 12.64 -8.60 14.41
CA THR E 97 13.62 -7.56 14.09
C THR E 97 13.09 -6.18 14.42
N ARG E 98 11.81 -5.95 14.12
CA ARG E 98 11.19 -4.64 14.33
C ARG E 98 10.88 -4.31 15.80
N ASN E 99 10.23 -5.26 16.48
CA ASN E 99 9.75 -5.11 17.87
C ASN E 99 9.01 -3.79 17.96
N ASN E 100 8.05 -3.65 17.07
CA ASN E 100 7.25 -2.43 16.96
C ASN E 100 5.91 -2.61 17.64
N PRO E 101 5.65 -1.78 18.65
CA PRO E 101 4.37 -1.88 19.35
C PRO E 101 3.14 -1.85 18.44
N ASP E 102 3.20 -1.14 17.32
CA ASP E 102 2.07 -1.09 16.38
C ASP E 102 1.80 -2.46 15.69
N ASP E 103 2.85 -3.24 15.48
CA ASP E 103 2.71 -4.55 14.89
C ASP E 103 2.00 -5.49 15.87
N TRP E 104 2.46 -5.50 17.11
CA TRP E 104 1.94 -6.41 18.13
C TRP E 104 0.45 -6.19 18.45
N LYS E 105 -0.01 -4.94 18.42
N LYS E 105 0.03 -4.93 18.36
CA LYS E 105 -1.42 -4.65 18.73
CA LYS E 105 -1.35 -4.54 18.65
C LYS E 105 -2.39 -5.20 17.68
C LYS E 105 -2.36 -5.03 17.60
N GLN E 106 -1.86 -5.77 16.60
CA GLN E 106 -2.69 -6.34 15.54
C GLN E 106 -2.93 -7.83 15.77
N TYR E 107 -2.42 -8.35 16.88
CA TYR E 107 -2.55 -9.74 17.23
C TYR E 107 -3.07 -9.91 18.64
N ASN E 108 -3.75 -11.03 18.85
CA ASN E 108 -4.22 -11.44 20.16
C ASN E 108 -3.11 -12.32 20.69
N VAL E 109 -2.42 -11.84 21.73
CA VAL E 109 -1.30 -12.56 22.31
C VAL E 109 -1.63 -13.31 23.59
N LYS E 110 -1.24 -14.58 23.63
CA LYS E 110 -1.40 -15.41 24.83
C LYS E 110 -0.03 -15.98 25.24
N GLN E 111 0.20 -15.99 26.55
CA GLN E 111 1.45 -16.45 27.13
C GLN E 111 1.27 -17.65 28.01
N LYS E 112 2.28 -18.52 27.98
CA LYS E 112 2.35 -19.73 28.79
C LYS E 112 3.83 -19.93 29.17
N GLY E 113 4.26 -19.26 30.25
CA GLY E 113 5.65 -19.34 30.68
C GLY E 113 6.52 -18.55 29.73
N ASP E 114 7.36 -19.24 28.96
CA ASP E 114 8.21 -18.62 27.93
C ASP E 114 7.55 -18.67 26.55
N ASP E 115 6.49 -19.46 26.42
CA ASP E 115 5.78 -19.65 25.14
C ASP E 115 4.63 -18.67 24.89
N PHE E 116 4.71 -17.97 23.76
CA PHE E 116 3.70 -17.00 23.34
C PHE E 116 3.10 -17.43 22.03
N GLU E 117 1.80 -17.17 21.89
CA GLU E 117 1.04 -17.51 20.68
C GLU E 117 0.34 -16.26 20.22
N LEU E 118 0.52 -15.90 18.95
CA LEU E 118 -0.12 -14.70 18.43
C LEU E 118 -1.04 -15.03 17.27
N THR E 119 -2.28 -14.57 17.38
CA THR E 119 -3.28 -14.80 16.34
C THR E 119 -3.63 -13.43 15.81
N PRO E 120 -3.76 -13.27 14.47
CA PRO E 120 -4.07 -11.93 13.99
C PRO E 120 -5.53 -11.58 14.22
N LYS E 121 -5.78 -10.30 14.54
CA LYS E 121 -7.15 -9.83 14.74
C LYS E 121 -7.82 -9.74 13.37
N SER E 122 -7.12 -9.12 12.43
CA SER E 122 -7.59 -8.98 11.05
C SER E 122 -7.37 -10.32 10.34
N LYS E 128 -2.24 -18.25 9.80
CA LYS E 128 -3.17 -18.60 10.86
C LYS E 128 -2.70 -17.99 12.20
N GLN E 129 -1.43 -18.19 12.54
CA GLN E 129 -0.87 -17.64 13.77
C GLN E 129 0.64 -17.85 13.79
N PHE E 130 1.30 -17.20 14.75
N PHE E 130 1.31 -17.27 14.77
CA PHE E 130 2.74 -17.31 14.97
CA PHE E 130 2.74 -17.55 14.92
C PHE E 130 2.97 -17.69 16.44
C PHE E 130 2.98 -17.71 16.41
N ALA E 131 4.06 -18.42 16.73
CA ALA E 131 4.44 -18.75 18.12
C ALA E 131 5.87 -18.34 18.32
N ILE E 132 6.19 -17.75 19.47
CA ILE E 132 7.55 -17.32 19.78
C ILE E 132 7.90 -17.74 21.21
N SER E 133 9.06 -18.35 21.40
N SER E 133 9.06 -18.36 21.40
CA SER E 133 9.51 -18.77 22.74
CA SER E 133 9.51 -18.79 22.73
C SER E 133 10.75 -17.97 23.12
C SER E 133 10.76 -17.98 23.14
N VAL E 134 10.63 -17.18 24.19
CA VAL E 134 11.75 -16.32 24.66
C VAL E 134 11.83 -16.35 26.19
N THR E 135 13.05 -16.49 26.69
CA THR E 135 13.26 -16.56 28.16
C THR E 135 13.02 -15.20 28.82
N PRO E 136 12.82 -15.19 30.16
CA PRO E 136 12.61 -13.88 30.78
C PRO E 136 13.78 -12.94 30.53
N SER E 137 15.00 -13.48 30.42
CA SER E 137 16.20 -12.66 30.16
C SER E 137 16.33 -12.27 28.67
N GLY E 138 15.43 -12.78 27.83
CA GLY E 138 15.42 -12.38 26.42
C GLY E 138 16.05 -13.27 25.37
N THR E 139 16.46 -14.48 25.74
CA THR E 139 17.03 -15.40 24.77
C THR E 139 15.88 -15.99 23.97
N ILE E 140 15.86 -15.75 22.66
CA ILE E 140 14.82 -16.29 21.80
C ILE E 140 15.20 -17.73 21.53
N LYS E 141 14.35 -18.67 21.93
CA LYS E 141 14.64 -20.08 21.74
C LYS E 141 14.16 -20.67 20.43
N SER E 142 13.00 -20.24 20.00
CA SER E 142 12.37 -20.80 18.82
C SER E 142 11.19 -19.90 18.41
N PHE E 143 10.70 -20.13 17.21
CA PHE E 143 9.52 -19.45 16.69
C PHE E 143 8.94 -20.23 15.53
N THR E 144 7.61 -20.16 15.39
CA THR E 144 6.93 -20.94 14.35
C THR E 144 5.81 -20.17 13.70
N ALA E 145 5.67 -20.30 12.37
CA ALA E 145 4.61 -19.62 11.62
C ALA E 145 3.66 -20.67 11.07
N VAL E 146 2.36 -20.42 11.19
CA VAL E 146 1.37 -21.36 10.69
C VAL E 146 0.50 -20.66 9.63
N GLU E 147 0.46 -21.22 8.42
CA GLU E 147 -0.35 -20.66 7.33
C GLU E 147 -1.79 -21.13 7.48
N GLN E 148 -2.70 -20.51 6.73
CA GLN E 148 -4.12 -20.88 6.77
C GLN E 148 -4.37 -22.33 6.38
N ASP E 149 -3.56 -22.88 5.46
CA ASP E 149 -3.71 -24.28 5.04
C ASP E 149 -3.13 -25.28 6.06
N GLY E 150 -2.43 -24.76 7.07
CA GLY E 150 -1.86 -25.61 8.12
C GLY E 150 -0.37 -25.82 8.04
N GLN E 151 0.25 -25.37 6.95
CA GLN E 151 1.72 -25.51 6.77
C GLN E 151 2.40 -24.77 7.91
N ARG E 152 3.40 -25.40 8.53
CA ARG E 152 4.11 -24.84 9.67
C ARG E 152 5.58 -24.63 9.37
N SER E 153 6.11 -23.43 9.61
CA SER E 153 7.56 -23.16 9.42
C SER E 153 8.15 -23.00 10.82
N ALA E 154 9.00 -23.96 11.24
CA ALA E 154 9.57 -24.01 12.60
C ALA E 154 11.07 -23.80 12.68
N TYR E 155 11.48 -22.77 13.41
CA TYR E 155 12.88 -22.43 13.61
C TYR E 155 13.30 -22.64 15.06
N THR E 156 14.45 -23.26 15.27
CA THR E 156 15.00 -23.39 16.62
C THR E 156 16.30 -22.62 16.56
N LEU E 157 16.54 -21.80 17.57
CA LEU E 157 17.73 -20.98 17.65
C LEU E 157 18.69 -21.38 18.76
N LYS E 158 19.98 -21.24 18.46
CA LYS E 158 21.05 -21.51 19.39
C LYS E 158 21.95 -20.27 19.33
N SER E 159 21.88 -19.43 20.37
CA SER E 159 22.70 -18.22 20.42
C SER E 159 24.19 -18.54 20.40
N ALA E 167 28.99 -4.64 11.32
CA ALA E 167 28.53 -3.37 10.77
C ALA E 167 28.48 -3.52 9.26
N SER E 168 29.58 -4.00 8.71
CA SER E 168 29.66 -4.32 7.31
C SER E 168 28.75 -5.54 7.08
N LYS E 169 28.37 -6.20 8.17
CA LYS E 169 27.50 -7.35 8.08
C LYS E 169 26.15 -6.95 7.51
N PHE E 170 25.76 -5.69 7.74
CA PHE E 170 24.47 -5.19 7.27
C PHE E 170 24.55 -4.38 5.99
N THR E 171 25.30 -4.93 5.03
CA THR E 171 25.45 -4.31 3.71
C THR E 171 25.31 -5.39 2.65
N PHE E 172 24.99 -4.96 1.43
CA PHE E 172 24.88 -5.87 0.31
C PHE E 172 25.07 -5.16 -1.01
N THR E 173 25.79 -5.85 -1.89
N THR E 173 25.82 -5.78 -1.91
CA THR E 173 26.07 -5.39 -3.22
CA THR E 173 25.98 -5.27 -3.27
C THR E 173 25.90 -6.63 -4.10
C THR E 173 25.92 -6.53 -4.12
N PRO E 174 25.00 -6.58 -5.08
CA PRO E 174 24.84 -7.76 -5.93
C PRO E 174 26.05 -7.95 -6.79
N PRO E 175 26.58 -9.18 -6.83
CA PRO E 175 27.72 -9.43 -7.70
C PRO E 175 27.39 -9.19 -9.19
N LYS E 176 28.43 -9.26 -10.01
CA LYS E 176 28.31 -9.04 -11.44
C LYS E 176 27.42 -10.06 -12.12
N GLY E 177 27.62 -11.33 -11.78
CA GLY E 177 26.83 -12.42 -12.35
C GLY E 177 25.37 -12.48 -11.92
N VAL E 178 24.99 -11.57 -11.02
CA VAL E 178 23.63 -11.55 -10.50
C VAL E 178 22.78 -10.44 -11.10
N THR E 179 21.54 -10.80 -11.44
CA THR E 179 20.55 -9.93 -12.03
C THR E 179 19.71 -9.26 -10.94
N LEU E 180 19.88 -7.95 -10.78
CA LEU E 180 19.13 -7.23 -9.78
C LEU E 180 17.80 -6.78 -10.29
N ASP E 181 16.76 -7.16 -9.56
CA ASP E 181 15.42 -6.74 -9.84
C ASP E 181 15.21 -5.62 -8.81
N ASP E 182 15.46 -4.39 -9.24
CA ASP E 182 15.36 -3.24 -8.35
C ASP E 182 13.96 -2.67 -8.38
N GLN E 183 13.20 -2.94 -7.31
N GLN E 183 13.19 -2.91 -7.31
CA GLN E 183 11.81 -2.47 -7.12
CA GLN E 183 11.82 -2.44 -7.20
C GLN E 183 11.71 -1.12 -6.43
C GLN E 183 11.71 -1.09 -6.49
N ARG E 184 12.86 -0.48 -6.19
CA ARG E 184 12.89 0.82 -5.52
C ARG E 184 12.50 1.93 -6.52
N ASP F 4 -1.61 0.00 -23.25
CA ASP F 4 -0.21 0.16 -23.73
C ASP F 4 0.75 -0.95 -23.24
N ALA F 5 0.83 -1.19 -21.93
CA ALA F 5 1.74 -2.22 -21.38
C ALA F 5 1.28 -3.64 -21.75
N SER F 6 -0.02 -3.88 -21.70
CA SER F 6 -0.55 -5.19 -22.02
C SER F 6 -0.36 -5.44 -23.52
N THR F 7 -0.67 -4.42 -24.31
N THR F 7 -0.67 -4.45 -24.35
CA THR F 7 -0.52 -4.48 -25.76
CA THR F 7 -0.51 -4.64 -25.78
C THR F 7 0.94 -4.76 -26.14
C THR F 7 0.98 -4.82 -26.12
N ASP F 8 1.87 -4.10 -25.45
CA ASP F 8 3.31 -4.26 -25.74
C ASP F 8 3.84 -5.64 -25.35
N LEU F 9 3.38 -6.15 -24.20
CA LEU F 9 3.76 -7.48 -23.76
C LEU F 9 3.31 -8.50 -24.81
N GLN F 10 2.07 -8.38 -25.26
CA GLN F 10 1.51 -9.29 -26.25
C GLN F 10 2.29 -9.18 -27.57
N ASN F 11 2.65 -7.95 -27.94
CA ASN F 11 3.41 -7.72 -29.18
C ASN F 11 4.75 -8.46 -29.11
N ARG F 12 5.46 -8.33 -27.98
CA ARG F 12 6.76 -9.00 -27.75
C ARG F 12 6.63 -10.52 -27.83
N LEU F 13 5.65 -11.06 -27.13
CA LEU F 13 5.43 -12.49 -27.10
C LEU F 13 5.07 -13.05 -28.47
N SER F 14 4.34 -12.28 -29.28
CA SER F 14 3.93 -12.74 -30.63
C SER F 14 5.07 -12.88 -31.65
N LYS F 15 6.25 -12.35 -31.32
CA LYS F 15 7.42 -12.44 -32.21
C LYS F 15 8.05 -13.84 -32.28
N VAL F 16 7.89 -14.65 -31.24
CA VAL F 16 8.50 -15.98 -31.22
C VAL F 16 7.47 -17.00 -30.74
N ASN F 17 6.87 -17.71 -31.69
CA ASN F 17 5.83 -18.69 -31.39
C ASN F 17 6.28 -20.14 -31.26
N SER F 18 7.50 -20.41 -31.69
CA SER F 18 8.08 -21.75 -31.59
C SER F 18 9.48 -21.55 -31.02
N PHE F 19 9.68 -22.04 -29.80
CA PHE F 19 10.94 -21.89 -29.11
C PHE F 19 11.24 -22.97 -28.08
N HIS F 20 12.54 -23.09 -27.77
CA HIS F 20 13.10 -23.99 -26.79
C HIS F 20 13.97 -23.16 -25.85
N ALA F 21 13.97 -23.52 -24.57
CA ALA F 21 14.82 -22.86 -23.61
C ALA F 21 15.12 -23.72 -22.40
N SER F 22 16.28 -23.50 -21.80
N SER F 22 16.28 -23.50 -21.80
CA SER F 22 16.64 -24.21 -20.58
CA SER F 22 16.64 -24.21 -20.58
C SER F 22 16.19 -23.27 -19.49
C SER F 22 16.21 -23.26 -19.48
N PHE F 23 15.97 -23.79 -18.28
CA PHE F 23 15.56 -22.96 -17.16
C PHE F 23 16.11 -23.43 -15.83
N SER F 24 16.12 -22.49 -14.89
CA SER F 24 16.48 -22.71 -13.49
C SER F 24 15.26 -22.18 -12.75
N GLN F 25 14.88 -22.86 -11.68
CA GLN F 25 13.70 -22.45 -10.91
C GLN F 25 14.00 -22.50 -9.43
N ALA F 26 13.46 -21.55 -8.70
CA ALA F 26 13.62 -21.53 -7.25
C ALA F 26 12.30 -21.04 -6.65
N VAL F 27 11.81 -21.78 -5.66
CA VAL F 27 10.55 -21.44 -4.95
C VAL F 27 10.99 -21.03 -3.55
N THR F 28 10.56 -19.87 -3.13
N THR F 28 10.62 -19.80 -3.17
CA THR F 28 10.92 -19.40 -1.81
CA THR F 28 11.00 -19.15 -1.90
C THR F 28 9.69 -18.91 -1.08
C THR F 28 9.79 -18.66 -1.07
N SER F 29 9.76 -18.97 0.24
CA SER F 29 8.66 -18.52 1.12
C SER F 29 8.88 -17.04 1.45
N SER F 30 7.87 -16.36 1.99
CA SER F 30 8.00 -14.94 2.26
C SER F 30 9.13 -14.55 3.22
N ASP F 31 9.63 -15.51 3.98
CA ASP F 31 10.73 -15.28 4.94
C ASP F 31 12.12 -15.45 4.30
N GLY F 32 12.16 -15.74 2.98
CA GLY F 32 13.42 -15.91 2.25
C GLY F 32 13.96 -17.34 2.19
N ALA F 33 13.27 -18.30 2.80
CA ALA F 33 13.72 -19.69 2.80
C ALA F 33 13.35 -20.41 1.51
N VAL F 34 14.34 -21.05 0.90
CA VAL F 34 14.09 -21.78 -0.32
C VAL F 34 13.40 -23.09 0.02
N VAL F 35 12.24 -23.29 -0.60
CA VAL F 35 11.47 -24.50 -0.43
C VAL F 35 12.09 -25.56 -1.34
N GLN F 36 12.29 -25.20 -2.60
CA GLN F 36 12.89 -26.10 -3.58
C GLN F 36 13.46 -25.29 -4.73
N GLU F 37 14.42 -25.89 -5.41
CA GLU F 37 15.01 -25.26 -6.58
C GLU F 37 15.52 -26.37 -7.49
N GLY F 38 15.36 -26.15 -8.79
CA GLY F 38 15.79 -27.15 -9.75
C GLY F 38 16.03 -26.59 -11.12
N GLU F 39 16.13 -27.51 -12.10
CA GLU F 39 16.43 -27.16 -13.47
C GLU F 39 15.68 -28.03 -14.45
N GLY F 40 15.56 -27.54 -15.68
CA GLY F 40 14.88 -28.27 -16.70
C GLY F 40 15.00 -27.58 -18.04
N GLU F 41 14.10 -27.96 -18.91
CA GLU F 41 14.02 -27.39 -20.24
C GLU F 41 12.58 -27.42 -20.70
N LEU F 42 12.29 -26.53 -21.64
CA LEU F 42 10.96 -26.37 -22.18
C LEU F 42 10.93 -26.10 -23.66
N TRP F 43 9.87 -26.57 -24.30
CA TRP F 43 9.59 -26.37 -25.72
C TRP F 43 8.15 -25.88 -25.80
N VAL F 44 7.90 -24.89 -26.66
CA VAL F 44 6.54 -24.36 -26.87
C VAL F 44 6.30 -24.17 -28.37
N LYS F 45 5.10 -24.48 -28.85
CA LYS F 45 4.76 -24.19 -30.26
C LYS F 45 3.32 -23.73 -30.21
N ARG F 46 3.12 -22.43 -30.36
CA ARG F 46 1.78 -21.91 -30.39
C ARG F 46 1.29 -22.29 -31.80
N PRO F 47 0.04 -22.70 -31.92
CA PRO F 47 -0.86 -22.79 -30.78
C PRO F 47 -0.97 -24.16 -30.09
N ASN F 48 -1.17 -24.11 -28.78
CA ASN F 48 -1.51 -25.27 -27.95
C ASN F 48 -0.55 -26.43 -27.73
N LEU F 49 0.70 -26.31 -28.13
CA LEU F 49 1.62 -27.39 -27.94
C LEU F 49 2.73 -26.98 -27.01
N PHE F 50 3.20 -27.92 -26.21
CA PHE F 50 4.33 -27.65 -25.33
C PHE F 50 4.77 -28.89 -24.61
N ASN F 51 6.05 -28.89 -24.26
CA ASN F 51 6.69 -29.95 -23.50
C ASN F 51 7.59 -29.29 -22.43
N TRP F 52 7.18 -29.40 -21.18
CA TRP F 52 7.87 -28.81 -20.05
C TRP F 52 8.40 -29.97 -19.21
N HIS F 53 9.69 -29.90 -18.92
CA HIS F 53 10.38 -30.96 -18.25
C HIS F 53 11.37 -30.54 -17.17
N MET F 54 11.00 -30.79 -15.92
N MET F 54 11.01 -30.76 -15.91
CA MET F 54 11.90 -30.54 -14.82
CA MET F 54 11.94 -30.46 -14.82
C MET F 54 12.76 -31.79 -14.74
C MET F 54 12.76 -31.75 -14.75
N THR F 55 14.07 -31.65 -14.88
CA THR F 55 14.96 -32.81 -14.86
C THR F 55 15.66 -33.05 -13.53
N SER F 56 15.76 -32.02 -12.69
CA SER F 56 16.42 -32.18 -11.39
C SER F 56 15.93 -31.13 -10.42
N PRO F 57 15.97 -31.43 -9.11
CA PRO F 57 16.41 -32.70 -8.50
C PRO F 57 15.33 -33.78 -8.59
N ASP F 58 14.07 -33.35 -8.66
CA ASP F 58 12.91 -34.24 -8.77
C ASP F 58 12.25 -34.11 -10.16
N GLU F 59 12.33 -35.16 -10.98
CA GLU F 59 11.80 -35.10 -12.35
C GLU F 59 10.27 -35.03 -12.46
N SER F 60 9.81 -34.21 -13.40
N SER F 60 9.77 -34.21 -13.39
CA SER F 60 8.39 -33.99 -13.62
CA SER F 60 8.32 -34.13 -13.64
C SER F 60 8.14 -33.63 -15.09
C SER F 60 8.13 -33.66 -15.07
N VAL F 61 7.06 -34.14 -15.69
CA VAL F 61 6.75 -33.85 -17.08
C VAL F 61 5.36 -33.29 -17.23
N LEU F 62 5.25 -32.25 -18.04
CA LEU F 62 3.99 -31.61 -18.34
C LEU F 62 3.96 -31.36 -19.85
N ILE F 63 3.14 -32.13 -20.57
CA ILE F 63 3.10 -32.03 -22.03
C ILE F 63 1.70 -31.81 -22.58
N SER F 64 1.57 -30.86 -23.54
CA SER F 64 0.29 -30.69 -24.20
C SER F 64 0.49 -31.19 -25.63
N ASP F 65 -0.33 -32.14 -26.07
CA ASP F 65 -0.22 -32.66 -27.45
C ASP F 65 -1.16 -31.92 -28.40
N GLY F 66 -1.79 -30.86 -27.87
CA GLY F 66 -2.76 -30.06 -28.64
C GLY F 66 -4.20 -30.27 -28.23
N GLU F 67 -4.49 -31.43 -27.66
N GLU F 67 -4.51 -31.43 -27.67
CA GLU F 67 -5.83 -31.79 -27.24
CA GLU F 67 -5.88 -31.77 -27.23
C GLU F 67 -5.82 -32.25 -25.79
C GLU F 67 -5.88 -32.31 -25.80
N THR F 68 -4.87 -33.10 -25.44
CA THR F 68 -4.73 -33.61 -24.06
C THR F 68 -3.52 -32.98 -23.33
N LEU F 69 -3.68 -32.70 -22.04
CA LEU F 69 -2.62 -32.18 -21.19
C LEU F 69 -2.24 -33.35 -20.28
N TRP F 70 -0.97 -33.73 -20.37
CA TRP F 70 -0.44 -34.84 -19.62
C TRP F 70 0.48 -34.38 -18.50
N PHE F 71 0.32 -34.94 -17.30
CA PHE F 71 1.25 -34.70 -16.19
C PHE F 71 1.75 -36.05 -15.75
N TYR F 72 3.06 -36.18 -15.62
CA TYR F 72 3.70 -37.45 -15.24
C TYR F 72 4.79 -37.27 -14.20
N ASN F 73 4.67 -38.04 -13.12
CA ASN F 73 5.66 -38.03 -12.05
C ASN F 73 6.23 -39.46 -11.96
N PRO F 74 7.48 -39.63 -12.40
CA PRO F 74 8.08 -40.96 -12.43
C PRO F 74 8.32 -41.62 -11.09
N PHE F 75 8.62 -40.81 -10.07
CA PHE F 75 8.89 -41.34 -8.74
C PHE F 75 7.70 -42.07 -8.09
N VAL F 76 6.49 -41.54 -8.26
CA VAL F 76 5.31 -42.19 -7.73
C VAL F 76 4.66 -43.11 -8.80
N GLU F 77 5.22 -43.08 -10.02
CA GLU F 77 4.74 -43.86 -11.16
C GLU F 77 3.28 -43.55 -11.48
N GLN F 78 2.99 -42.25 -11.60
N GLN F 78 2.99 -42.24 -11.61
CA GLN F 78 1.64 -41.80 -11.92
CA GLN F 78 1.64 -41.79 -11.87
C GLN F 78 1.64 -40.79 -13.05
C GLN F 78 1.60 -40.74 -12.96
N ALA F 79 0.54 -40.77 -13.78
CA ALA F 79 0.30 -39.84 -14.87
C ALA F 79 -1.16 -39.41 -14.75
N THR F 80 -1.46 -38.20 -15.22
CA THR F 80 -2.78 -37.61 -15.24
C THR F 80 -3.02 -37.08 -16.66
N ALA F 81 -4.18 -37.42 -17.20
CA ALA F 81 -4.62 -36.95 -18.51
C ALA F 81 -5.89 -36.10 -18.35
N THR F 82 -5.87 -34.92 -18.92
CA THR F 82 -7.00 -34.00 -18.88
C THR F 82 -7.13 -33.33 -20.25
N TRP F 83 -8.31 -32.87 -20.60
CA TRP F 83 -8.44 -32.16 -21.86
C TRP F 83 -7.82 -30.77 -21.70
N LEU F 84 -7.10 -30.35 -22.73
CA LEU F 84 -6.43 -29.05 -22.75
C LEU F 84 -7.46 -27.94 -22.56
N LYS F 85 -8.64 -28.11 -23.16
CA LYS F 85 -9.72 -27.11 -23.07
C LYS F 85 -10.07 -26.75 -21.63
N ASN F 86 -9.81 -27.67 -20.69
CA ASN F 86 -10.07 -27.42 -19.28
C ASN F 86 -8.94 -26.61 -18.61
N ALA F 87 -7.81 -26.47 -19.28
CA ALA F 87 -6.69 -25.71 -18.77
C ALA F 87 -7.01 -24.22 -18.84
N THR F 88 -6.27 -23.44 -18.05
CA THR F 88 -6.47 -21.98 -17.99
C THR F 88 -5.12 -21.31 -17.82
N GLY F 89 -5.10 -19.99 -17.89
CA GLY F 89 -3.86 -19.24 -17.72
C GLY F 89 -3.65 -18.98 -16.24
N ASN F 90 -3.47 -20.08 -15.51
CA ASN F 90 -3.27 -20.04 -14.04
C ASN F 90 -1.82 -19.95 -13.59
N THR F 91 -0.89 -20.06 -14.54
CA THR F 91 0.53 -19.96 -14.24
C THR F 91 1.21 -19.08 -15.30
N PRO F 92 2.34 -18.48 -14.96
CA PRO F 92 3.01 -17.70 -15.99
C PRO F 92 3.32 -18.52 -17.22
N PHE F 93 3.82 -19.75 -17.04
CA PHE F 93 4.10 -20.63 -18.19
C PHE F 93 2.86 -20.83 -19.06
N MET F 94 1.71 -21.14 -18.46
CA MET F 94 0.51 -21.40 -19.28
C MET F 94 0.15 -20.17 -20.11
N LEU F 95 0.17 -19.01 -19.46
CA LEU F 95 -0.13 -17.73 -20.09
C LEU F 95 0.82 -17.47 -21.26
N ILE F 96 2.10 -17.81 -21.08
CA ILE F 96 3.07 -17.63 -22.14
C ILE F 96 2.81 -18.56 -23.31
N THR F 97 2.48 -19.82 -23.02
CA THR F 97 2.20 -20.79 -24.10
C THR F 97 1.00 -20.37 -24.93
N ARG F 98 0.03 -19.76 -24.26
CA ARG F 98 -1.20 -19.36 -24.91
C ARG F 98 -1.19 -17.99 -25.62
N ASN F 99 -0.56 -17.01 -25.00
CA ASN F 99 -0.51 -15.63 -25.52
C ASN F 99 -1.89 -15.29 -26.09
N ASN F 100 -2.90 -15.41 -25.24
CA ASN F 100 -4.31 -15.18 -25.59
C ASN F 100 -4.80 -13.85 -25.06
N PRO F 101 -5.19 -12.94 -25.96
CA PRO F 101 -5.67 -11.62 -25.51
C PRO F 101 -6.74 -11.69 -24.40
N ASP F 102 -7.60 -12.71 -24.44
CA ASP F 102 -8.65 -12.87 -23.41
C ASP F 102 -8.02 -13.16 -22.02
N ASP F 103 -6.86 -13.80 -22.00
CA ASP F 103 -6.20 -14.04 -20.72
C ASP F 103 -5.62 -12.75 -20.16
N TRP F 104 -4.94 -11.99 -21.01
CA TRP F 104 -4.29 -10.77 -20.57
C TRP F 104 -5.28 -9.69 -20.07
N LYS F 105 -6.49 -9.63 -20.65
CA LYS F 105 -7.49 -8.62 -20.24
C LYS F 105 -8.12 -8.92 -18.86
N GLN F 106 -7.54 -9.87 -18.12
CA GLN F 106 -8.00 -10.20 -16.77
C GLN F 106 -7.00 -9.63 -15.77
N TYR F 107 -5.93 -9.00 -16.26
CA TYR F 107 -4.89 -8.43 -15.40
C TYR F 107 -4.57 -6.97 -15.71
N ASN F 108 -4.09 -6.25 -14.69
CA ASN F 108 -3.62 -4.87 -14.82
C ASN F 108 -2.12 -5.02 -15.08
N VAL F 109 -1.69 -4.70 -16.30
CA VAL F 109 -0.29 -4.83 -16.64
C VAL F 109 0.51 -3.52 -16.54
N LYS F 110 1.65 -3.57 -15.85
N LYS F 110 1.65 -3.57 -15.85
CA LYS F 110 2.54 -2.42 -15.72
CA LYS F 110 2.54 -2.42 -15.70
C LYS F 110 3.84 -2.76 -16.43
C LYS F 110 3.85 -2.76 -16.40
N GLN F 111 4.45 -1.79 -17.08
CA GLN F 111 5.70 -2.01 -17.81
C GLN F 111 6.84 -1.09 -17.39
N LYS F 112 8.04 -1.64 -17.37
N LYS F 112 8.03 -1.65 -17.40
CA LYS F 112 9.26 -0.89 -17.06
CA LYS F 112 9.26 -0.97 -17.01
C LYS F 112 10.37 -1.54 -17.85
C LYS F 112 10.38 -1.57 -17.85
N GLY F 113 10.57 -1.03 -19.05
CA GLY F 113 11.59 -1.55 -19.98
C GLY F 113 11.12 -2.92 -20.45
N ASP F 114 11.91 -3.95 -20.14
CA ASP F 114 11.55 -5.33 -20.48
C ASP F 114 10.73 -6.01 -19.36
N ASP F 115 10.65 -5.40 -18.18
CA ASP F 115 9.95 -5.96 -17.00
C ASP F 115 8.43 -5.63 -16.92
N PHE F 116 7.61 -6.67 -16.96
CA PHE F 116 6.16 -6.54 -16.88
C PHE F 116 5.58 -7.13 -15.62
N GLU F 117 4.70 -6.37 -14.97
CA GLU F 117 4.03 -6.84 -13.77
C GLU F 117 2.56 -6.94 -14.03
N LEU F 118 1.99 -8.08 -13.66
CA LEU F 118 0.58 -8.34 -13.90
C LEU F 118 -0.16 -8.67 -12.61
N THR F 119 -1.18 -7.88 -12.31
CA THR F 119 -1.98 -8.08 -11.12
C THR F 119 -3.39 -8.47 -11.57
N PRO F 120 -3.97 -9.52 -10.97
CA PRO F 120 -5.32 -9.90 -11.36
C PRO F 120 -6.33 -8.81 -10.98
N LYS F 121 -7.36 -8.61 -11.79
CA LYS F 121 -8.38 -7.60 -11.46
C LYS F 121 -9.34 -8.17 -10.43
N SER F 122 -9.70 -9.44 -10.57
CA SER F 122 -10.61 -10.12 -9.64
C SER F 122 -9.92 -10.33 -8.30
N LEU F 127 -4.05 -15.73 -6.41
CA LEU F 127 -2.66 -15.38 -6.14
C LEU F 127 -2.50 -13.87 -5.96
N LYS F 128 -1.28 -13.36 -6.03
CA LYS F 128 -1.02 -11.93 -5.85
C LYS F 128 -0.59 -11.25 -7.16
N GLN F 129 0.42 -11.79 -7.82
CA GLN F 129 0.88 -11.22 -9.08
C GLN F 129 1.88 -12.12 -9.79
N PHE F 130 1.99 -11.86 -11.09
CA PHE F 130 2.94 -12.53 -11.97
C PHE F 130 3.84 -11.45 -12.54
N ALA F 131 5.10 -11.78 -12.82
CA ALA F 131 5.98 -10.83 -13.49
C ALA F 131 6.64 -11.64 -14.58
N ILE F 132 6.84 -11.01 -15.74
CA ILE F 132 7.49 -11.62 -16.91
C ILE F 132 8.48 -10.62 -17.53
N SER F 133 9.68 -11.11 -17.84
N SER F 133 9.71 -11.09 -17.80
CA SER F 133 10.69 -10.25 -18.45
CA SER F 133 10.75 -10.24 -18.43
C SER F 133 11.01 -10.71 -19.86
C SER F 133 11.01 -10.70 -19.86
N VAL F 134 10.67 -9.86 -20.83
CA VAL F 134 10.87 -10.17 -22.26
C VAL F 134 11.47 -8.98 -23.00
N THR F 135 12.51 -9.26 -23.78
CA THR F 135 13.20 -8.25 -24.57
C THR F 135 12.36 -7.78 -25.77
N PRO F 136 12.70 -6.61 -26.34
CA PRO F 136 11.89 -6.15 -27.48
C PRO F 136 11.83 -7.15 -28.66
N SER F 137 12.89 -7.93 -28.86
CA SER F 137 12.90 -8.92 -29.97
C SER F 137 12.18 -10.21 -29.62
N GLY F 138 11.69 -10.29 -28.38
CA GLY F 138 10.91 -11.42 -27.89
C GLY F 138 11.65 -12.51 -27.15
N THR F 139 12.81 -12.18 -26.57
CA THR F 139 13.56 -13.20 -25.80
C THR F 139 13.01 -13.15 -24.36
N ILE F 140 12.54 -14.30 -23.89
CA ILE F 140 11.98 -14.38 -22.54
C ILE F 140 13.13 -14.68 -21.59
N LYS F 141 13.41 -13.74 -20.71
CA LYS F 141 14.50 -13.88 -19.76
C LYS F 141 14.06 -14.52 -18.46
N SER F 142 12.85 -14.20 -18.01
CA SER F 142 12.38 -14.73 -16.74
C SER F 142 10.90 -14.51 -16.53
N PHE F 143 10.40 -15.17 -15.50
CA PHE F 143 9.03 -15.01 -15.08
C PHE F 143 8.88 -15.52 -13.67
N THR F 144 8.02 -14.83 -12.92
CA THR F 144 7.83 -15.18 -11.53
C THR F 144 6.35 -15.11 -11.14
N ALA F 145 5.96 -15.93 -10.17
CA ALA F 145 4.58 -15.94 -9.64
C ALA F 145 4.70 -15.72 -8.14
N VAL F 146 3.80 -14.92 -7.57
CA VAL F 146 3.81 -14.61 -6.15
C VAL F 146 2.42 -14.88 -5.66
N GLU F 147 2.28 -15.71 -4.62
CA GLU F 147 0.96 -16.02 -4.06
C GLU F 147 0.59 -15.06 -2.94
N GLN F 148 -0.66 -15.11 -2.49
CA GLN F 148 -1.14 -14.19 -1.45
C GLN F 148 -0.37 -14.32 -0.12
N ASP F 149 0.22 -15.48 0.16
CA ASP F 149 1.01 -15.67 1.38
C ASP F 149 2.50 -15.31 1.21
N GLY F 150 2.84 -14.69 0.08
CA GLY F 150 4.20 -14.22 -0.19
C GLY F 150 5.18 -15.21 -0.81
N GLN F 151 4.74 -16.45 -1.05
CA GLN F 151 5.60 -17.47 -1.66
C GLN F 151 5.89 -17.07 -3.11
N ARG F 152 7.15 -17.21 -3.53
CA ARG F 152 7.56 -16.82 -4.87
C ARG F 152 8.15 -17.97 -5.62
N SER F 153 7.66 -18.20 -6.84
CA SER F 153 8.17 -19.25 -7.73
C SER F 153 8.87 -18.51 -8.87
N ALA F 154 10.19 -18.54 -8.89
CA ALA F 154 10.98 -17.79 -9.87
C ALA F 154 11.70 -18.67 -10.89
N TYR F 155 11.51 -18.32 -12.16
CA TYR F 155 12.15 -19.00 -13.30
C TYR F 155 13.02 -18.03 -14.10
N THR F 156 14.24 -18.46 -14.41
CA THR F 156 15.15 -17.69 -15.27
C THR F 156 15.44 -18.61 -16.47
N LEU F 157 15.22 -18.09 -17.66
CA LEU F 157 15.45 -18.89 -18.87
C LEU F 157 16.82 -18.57 -19.48
N LYS F 158 17.38 -19.58 -20.14
CA LYS F 158 18.66 -19.48 -20.86
C LYS F 158 18.68 -20.28 -22.13
N SER F 159 19.62 -19.89 -23.00
CA SER F 159 19.82 -20.55 -24.27
C SER F 159 18.54 -20.62 -25.09
N GLN F 160 17.77 -19.53 -25.12
CA GLN F 160 16.53 -19.52 -25.91
C GLN F 160 16.89 -19.61 -27.37
N GLN F 161 16.26 -20.56 -28.05
CA GLN F 161 16.48 -20.79 -29.46
C GLN F 161 15.12 -20.80 -30.11
N SER F 162 15.03 -20.09 -31.22
CA SER F 162 13.83 -19.97 -31.99
C SER F 162 13.95 -20.97 -33.14
N SER F 163 13.31 -22.13 -32.97
CA SER F 163 13.35 -23.17 -33.99
C SER F 163 12.10 -24.06 -33.91
N VAL F 164 11.87 -24.82 -34.96
CA VAL F 164 10.72 -25.72 -35.06
C VAL F 164 11.19 -27.17 -34.93
N VAL F 165 10.82 -27.83 -33.82
CA VAL F 165 11.18 -29.24 -33.58
C VAL F 165 10.14 -30.22 -34.14
N ASP F 166 10.53 -31.48 -34.32
CA ASP F 166 9.58 -32.47 -34.81
C ASP F 166 8.48 -32.64 -33.79
N ALA F 167 7.25 -32.65 -34.33
CA ALA F 167 6.00 -32.77 -33.57
C ALA F 167 5.99 -33.85 -32.48
N SER F 168 6.78 -34.91 -32.65
CA SER F 168 6.87 -36.00 -31.65
C SER F 168 7.19 -35.51 -30.23
N LYS F 169 7.81 -34.34 -30.13
CA LYS F 169 8.17 -33.69 -28.85
C LYS F 169 6.90 -33.42 -28.05
N PHE F 170 5.82 -33.12 -28.77
CA PHE F 170 4.54 -32.80 -28.14
C PHE F 170 3.59 -34.02 -28.16
N THR F 171 4.07 -35.16 -27.70
CA THR F 171 3.31 -36.37 -27.62
C THR F 171 3.69 -37.07 -26.32
N PHE F 172 2.79 -37.89 -25.80
CA PHE F 172 3.02 -38.66 -24.57
C PHE F 172 2.11 -39.89 -24.49
N THR F 173 2.75 -41.01 -24.12
CA THR F 173 2.10 -42.27 -23.90
C THR F 173 2.67 -42.70 -22.55
N PRO F 174 1.80 -43.10 -21.62
CA PRO F 174 2.23 -43.57 -20.32
C PRO F 174 3.15 -44.78 -20.46
N PRO F 175 4.26 -44.77 -19.76
CA PRO F 175 5.14 -45.92 -19.79
C PRO F 175 4.44 -47.13 -19.15
N LYS F 176 4.86 -48.32 -19.55
CA LYS F 176 4.28 -49.50 -18.96
C LYS F 176 4.57 -49.45 -17.45
N GLY F 177 3.55 -49.82 -16.67
CA GLY F 177 3.63 -49.83 -15.22
C GLY F 177 3.09 -48.58 -14.55
N VAL F 178 3.06 -47.49 -15.30
CA VAL F 178 2.55 -46.22 -14.82
C VAL F 178 1.02 -46.15 -14.85
N THR F 179 0.47 -45.82 -13.69
CA THR F 179 -0.96 -45.72 -13.48
C THR F 179 -1.46 -44.39 -14.00
N LEU F 180 -2.45 -44.46 -14.89
CA LEU F 180 -3.06 -43.25 -15.45
C LEU F 180 -4.38 -42.86 -14.80
N ASP F 181 -4.43 -41.62 -14.33
CA ASP F 181 -5.64 -41.04 -13.78
C ASP F 181 -6.18 -40.29 -15.00
N ASP F 182 -7.07 -40.93 -15.74
CA ASP F 182 -7.59 -40.31 -16.95
C ASP F 182 -8.85 -39.57 -16.63
N GLN F 183 -8.70 -38.24 -16.49
N GLN F 183 -8.73 -38.25 -16.51
CA GLN F 183 -9.80 -37.31 -16.17
CA GLN F 183 -9.85 -37.40 -16.16
C GLN F 183 -10.60 -36.80 -17.37
C GLN F 183 -10.72 -36.98 -17.35
N ARG F 184 -10.27 -37.30 -18.56
CA ARG F 184 -10.98 -36.95 -19.78
C ARG F 184 -12.36 -37.60 -19.81
N ASP G 4 -4.62 -5.90 -2.25
CA ASP G 4 -5.91 -5.74 -2.97
C ASP G 4 -6.69 -4.50 -2.48
N ALA G 5 -6.50 -4.11 -1.22
CA ALA G 5 -7.23 -2.96 -0.61
C ALA G 5 -6.94 -1.62 -1.27
N SER G 6 -5.67 -1.35 -1.56
CA SER G 6 -5.33 -0.09 -2.18
C SER G 6 -5.90 -0.06 -3.59
N THR G 7 -5.80 -1.19 -4.30
CA THR G 7 -6.29 -1.24 -5.67
C THR G 7 -7.80 -1.03 -5.70
N ASP G 8 -8.50 -1.63 -4.74
CA ASP G 8 -9.95 -1.51 -4.70
C ASP G 8 -10.35 -0.05 -4.41
N LEU G 9 -9.72 0.57 -3.40
CA LEU G 9 -9.97 1.98 -3.10
C LEU G 9 -9.77 2.86 -4.34
N GLN G 10 -8.63 2.70 -5.00
CA GLN G 10 -8.38 3.48 -6.20
C GLN G 10 -9.42 3.20 -7.29
N ASN G 11 -9.85 1.95 -7.41
CA ASN G 11 -10.86 1.56 -8.43
C ASN G 11 -12.21 2.26 -8.14
N ARG G 12 -12.62 2.30 -6.88
CA ARG G 12 -13.85 2.98 -6.47
C ARG G 12 -13.77 4.50 -6.70
N LEU G 13 -12.65 5.12 -6.33
CA LEU G 13 -12.47 6.54 -6.53
C LEU G 13 -12.47 6.93 -8.02
N SER G 14 -11.95 6.03 -8.85
CA SER G 14 -11.85 6.25 -10.30
C SER G 14 -13.22 6.28 -11.01
N LYS G 15 -14.26 5.81 -10.33
CA LYS G 15 -15.63 5.79 -10.89
C LYS G 15 -16.31 7.16 -11.02
N VAL G 16 -15.95 8.13 -10.18
CA VAL G 16 -16.59 9.43 -10.18
C VAL G 16 -15.51 10.51 -10.14
N ASN G 17 -15.17 11.04 -11.30
CA ASN G 17 -14.12 12.05 -11.41
C ASN G 17 -14.57 13.52 -11.33
N SER G 18 -15.88 13.75 -11.40
N SER G 18 -15.88 13.73 -11.40
CA SER G 18 -16.42 15.10 -11.36
CA SER G 18 -16.42 15.06 -11.33
C SER G 18 -17.65 15.06 -10.47
C SER G 18 -17.62 14.98 -10.42
N PHE G 19 -17.55 15.67 -9.29
CA PHE G 19 -18.65 15.62 -8.35
C PHE G 19 -18.64 16.79 -7.38
N HIS G 20 -19.79 17.00 -6.78
CA HIS G 20 -20.01 18.02 -5.75
C HIS G 20 -20.56 17.33 -4.50
N ALA G 21 -20.28 17.88 -3.32
CA ALA G 21 -20.84 17.34 -2.07
C ALA G 21 -20.86 18.39 -0.98
N SER G 22 -21.85 18.31 -0.08
CA SER G 22 -21.84 19.21 1.07
C SER G 22 -21.20 18.38 2.16
N PHE G 23 -20.57 19.04 3.13
CA PHE G 23 -19.91 18.33 4.20
C PHE G 23 -20.16 18.96 5.58
N SER G 24 -19.95 18.12 6.58
CA SER G 24 -19.98 18.52 7.98
C SER G 24 -18.63 18.01 8.47
N GLN G 25 -18.02 18.75 9.39
CA GLN G 25 -16.71 18.42 9.95
C GLN G 25 -16.76 18.51 11.48
N ALA G 26 -16.01 17.64 12.17
CA ALA G 26 -15.92 17.69 13.62
C ALA G 26 -14.46 17.47 13.97
N VAL G 27 -13.82 18.41 14.69
CA VAL G 27 -12.43 18.22 15.09
C VAL G 27 -12.48 17.90 16.56
N THR G 28 -11.98 16.72 16.95
N THR G 28 -11.97 16.73 16.96
CA THR G 28 -12.04 16.21 18.33
CA THR G 28 -11.98 16.27 18.36
C THR G 28 -10.66 15.73 18.84
C THR G 28 -10.61 15.80 18.81
N SER G 29 -10.24 16.22 20.00
CA SER G 29 -8.98 15.82 20.59
C SER G 29 -9.08 14.40 21.15
N SER G 30 -7.95 13.79 21.49
CA SER G 30 -7.98 12.41 21.95
C SER G 30 -8.82 12.19 23.20
N ASP G 31 -9.07 13.25 23.97
CA ASP G 31 -9.88 13.16 25.18
C ASP G 31 -11.38 13.31 24.89
N GLY G 32 -11.69 13.53 23.61
CA GLY G 32 -13.07 13.66 23.18
C GLY G 32 -13.63 15.08 23.16
N ALA G 33 -12.84 16.06 23.59
CA ALA G 33 -13.28 17.46 23.61
C ALA G 33 -13.29 17.97 22.18
N VAL G 34 -14.42 18.55 21.77
CA VAL G 34 -14.55 19.14 20.44
C VAL G 34 -13.77 20.44 20.34
N VAL G 35 -12.84 20.47 19.38
CA VAL G 35 -12.04 21.64 19.15
C VAL G 35 -12.87 22.59 18.32
N GLN G 36 -13.53 22.07 17.29
CA GLN G 36 -14.33 22.88 16.39
C GLN G 36 -15.22 22.01 15.50
N GLU G 37 -16.38 22.55 15.12
CA GLU G 37 -17.31 21.87 14.22
C GLU G 37 -17.62 22.87 13.12
N GLY G 38 -17.86 22.38 11.91
CA GLY G 38 -18.14 23.29 10.80
C GLY G 38 -18.86 22.60 9.67
N GLU G 39 -19.12 23.35 8.60
CA GLU G 39 -19.78 22.78 7.45
C GLU G 39 -19.48 23.59 6.22
N GLY G 40 -19.69 22.96 5.08
CA GLY G 40 -19.45 23.59 3.80
C GLY G 40 -19.79 22.71 2.62
N GLU G 41 -19.18 23.03 1.49
CA GLU G 41 -19.34 22.26 0.24
C GLU G 41 -18.05 22.19 -0.55
N LEU G 42 -17.98 21.18 -1.39
CA LEU G 42 -16.80 20.96 -2.24
C LEU G 42 -17.21 20.49 -3.63
N TRP G 43 -16.39 20.89 -4.60
CA TRP G 43 -16.48 20.50 -5.99
C TRP G 43 -15.13 19.98 -6.41
N VAL G 44 -15.13 18.86 -7.14
CA VAL G 44 -13.90 18.23 -7.62
C VAL G 44 -14.06 17.84 -9.08
N LYS G 45 -13.04 18.10 -9.90
CA LYS G 45 -13.07 17.63 -11.29
C LYS G 45 -11.68 17.17 -11.59
N ARG G 46 -11.51 15.87 -11.68
CA ARG G 46 -10.20 15.36 -11.97
C ARG G 46 -10.01 15.45 -13.47
N PRO G 47 -8.78 15.72 -13.90
CA PRO G 47 -7.61 15.92 -13.04
C PRO G 47 -7.33 17.37 -12.60
N ASN G 48 -6.74 17.52 -11.40
CA ASN G 48 -6.24 18.82 -10.89
C ASN G 48 -7.14 20.03 -10.60
N LEU G 49 -8.46 19.86 -10.58
CA LEU G 49 -9.37 20.98 -10.34
C LEU G 49 -10.25 20.70 -9.13
N PHE G 50 -10.33 21.69 -8.25
CA PHE G 50 -11.20 21.59 -7.08
C PHE G 50 -11.52 22.95 -6.45
N ASN G 51 -12.66 22.99 -5.74
CA ASN G 51 -13.11 24.16 -5.00
C ASN G 51 -13.70 23.64 -3.67
N TRP G 52 -13.01 23.91 -2.57
CA TRP G 52 -13.39 23.47 -1.22
C TRP G 52 -13.72 24.73 -0.45
N HIS G 53 -14.95 24.79 0.08
CA HIS G 53 -15.41 25.99 0.74
C HIS G 53 -16.07 25.75 2.07
N MET G 54 -15.45 26.25 3.13
CA MET G 54 -16.03 26.14 4.44
C MET G 54 -16.83 27.43 4.68
N THR G 55 -18.09 27.26 5.09
CA THR G 55 -18.98 28.37 5.38
C THR G 55 -19.10 28.67 6.90
N SER G 56 -19.01 27.63 7.72
N SER G 56 -19.02 27.61 7.71
CA SER G 56 -19.09 27.74 9.17
CA SER G 56 -19.11 27.68 9.18
C SER G 56 -18.00 26.87 9.79
C SER G 56 -17.99 26.84 9.79
N PRO G 57 -17.41 27.28 10.92
CA PRO G 57 -17.67 28.48 11.73
C PRO G 57 -17.33 29.85 11.09
N ASP G 58 -16.39 29.87 10.17
CA ASP G 58 -16.00 31.07 9.46
C ASP G 58 -15.64 30.65 8.05
N GLU G 59 -15.70 31.57 7.09
N GLU G 59 -15.68 31.63 7.14
CA GLU G 59 -15.31 31.18 5.74
CA GLU G 59 -15.40 31.45 5.72
C GLU G 59 -13.86 30.78 5.67
C GLU G 59 -13.94 31.06 5.43
N SER G 60 -13.56 29.96 4.67
N SER G 60 -13.72 29.97 4.71
CA SER G 60 -12.17 29.59 4.33
CA SER G 60 -12.35 29.58 4.32
C SER G 60 -12.36 28.93 2.97
C SER G 60 -12.47 29.03 2.90
N VAL G 61 -11.47 29.27 2.06
CA VAL G 61 -11.53 28.87 0.68
C VAL G 61 -10.23 28.21 0.25
N LEU G 62 -10.35 27.08 -0.44
N LEU G 62 -10.34 27.08 -0.45
CA LEU G 62 -9.21 26.36 -0.96
CA LEU G 62 -9.17 26.38 -0.94
C LEU G 62 -9.55 26.02 -2.40
C LEU G 62 -9.51 26.00 -2.38
N ILE G 63 -8.84 26.60 -3.35
CA ILE G 63 -9.14 26.35 -4.76
C ILE G 63 -7.95 26.03 -5.60
N SER G 64 -8.12 25.02 -6.45
CA SER G 64 -7.09 24.68 -7.44
C SER G 64 -7.65 25.02 -8.83
N ASP G 65 -6.96 25.89 -9.57
CA ASP G 65 -7.38 26.24 -10.94
C ASP G 65 -6.72 25.35 -11.99
N GLY G 66 -5.92 24.36 -11.54
CA GLY G 66 -5.23 23.41 -12.39
C GLY G 66 -3.76 23.69 -12.47
N GLU G 67 -3.38 24.88 -12.03
CA GLU G 67 -1.97 25.32 -12.05
C GLU G 67 -1.52 25.89 -10.71
N THR G 68 -2.36 26.76 -10.13
CA THR G 68 -2.11 27.40 -8.84
C THR G 68 -3.10 26.88 -7.78
N LEU G 69 -2.59 26.64 -6.57
CA LEU G 69 -3.39 26.22 -5.41
C LEU G 69 -3.51 27.49 -4.62
N TRP G 70 -4.74 27.85 -4.29
CA TRP G 70 -5.02 29.07 -3.58
C TRP G 70 -5.69 28.85 -2.22
N PHE G 71 -5.15 29.52 -1.21
N PHE G 71 -5.14 29.48 -1.16
CA PHE G 71 -5.83 29.49 0.05
CA PHE G 71 -5.74 29.43 0.20
C PHE G 71 -6.24 30.91 0.33
C PHE G 71 -6.16 30.86 0.54
N TYR G 72 -7.42 31.08 0.90
CA TYR G 72 -7.91 32.42 1.24
C TYR G 72 -8.77 32.43 2.51
N ASN G 73 -8.45 33.38 3.39
CA ASN G 73 -9.21 33.60 4.61
C ASN G 73 -9.66 35.05 4.56
N PRO G 74 -10.98 35.27 4.42
CA PRO G 74 -11.44 36.65 4.32
C PRO G 74 -11.31 37.45 5.63
N PHE G 75 -11.27 36.79 6.78
CA PHE G 75 -11.20 37.53 8.07
C PHE G 75 -9.90 38.30 8.28
N VAL G 76 -8.77 37.65 7.98
CA VAL G 76 -7.48 38.34 8.05
C VAL G 76 -7.09 38.95 6.68
N GLU G 77 -7.96 38.82 5.67
N GLU G 77 -7.96 38.80 5.69
CA GLU G 77 -7.72 39.35 4.32
CA GLU G 77 -7.75 39.31 4.34
C GLU G 77 -6.39 38.87 3.76
C GLU G 77 -6.40 38.88 3.80
N GLN G 78 -6.15 37.57 3.85
CA GLN G 78 -4.92 36.98 3.37
C GLN G 78 -5.21 35.83 2.43
N ALA G 79 -4.42 35.77 1.35
CA ALA G 79 -4.47 34.66 0.42
C ALA G 79 -3.04 34.15 0.28
N THR G 80 -2.93 32.89 -0.14
CA THR G 80 -1.64 32.24 -0.39
C THR G 80 -1.71 31.49 -1.74
N ALA G 81 -0.72 31.72 -2.62
CA ALA G 81 -0.66 31.06 -3.93
C ALA G 81 0.58 30.20 -4.02
N THR G 82 0.42 28.94 -4.43
CA THR G 82 1.54 28.02 -4.66
C THR G 82 1.31 27.30 -5.98
N TRP G 83 2.34 26.68 -6.56
CA TRP G 83 2.07 25.92 -7.78
C TRP G 83 1.55 24.55 -7.36
N LEU G 84 0.48 24.12 -7.99
CA LEU G 84 -0.15 22.82 -7.71
C LEU G 84 0.83 21.67 -7.91
N LYS G 85 1.76 21.82 -8.87
CA LYS G 85 2.76 20.76 -9.13
C LYS G 85 3.57 20.48 -7.86
N ASN G 86 3.62 21.45 -6.95
CA ASN G 86 4.38 21.29 -5.72
C ASN G 86 3.53 20.73 -4.57
N ALA G 87 2.22 20.59 -4.78
CA ALA G 87 1.34 20.04 -3.74
C ALA G 87 1.55 18.53 -3.57
N THR G 88 1.15 18.03 -2.42
CA THR G 88 1.25 16.62 -2.10
C THR G 88 -0.10 16.16 -1.53
N GLY G 89 -0.30 14.85 -1.45
CA GLY G 89 -1.54 14.31 -0.88
C GLY G 89 -1.36 14.21 0.62
N ASN G 90 -1.28 15.37 1.26
CA ASN G 90 -1.05 15.47 2.70
C ASN G 90 -2.30 15.55 3.58
N THR G 91 -3.47 15.44 2.96
CA THR G 91 -4.74 15.46 3.70
C THR G 91 -5.63 14.46 2.96
N PRO G 92 -6.65 13.90 3.64
CA PRO G 92 -7.55 13.00 2.94
C PRO G 92 -8.16 13.68 1.70
N PHE G 93 -8.67 14.91 1.86
CA PHE G 93 -9.25 15.64 0.71
C PHE G 93 -8.26 15.72 -0.47
N MET G 94 -6.99 16.07 -0.20
CA MET G 94 -5.97 16.18 -1.26
C MET G 94 -5.74 14.82 -1.95
N LEU G 95 -5.72 13.74 -1.17
CA LEU G 95 -5.54 12.40 -1.71
C LEU G 95 -6.70 12.03 -2.64
N ILE G 96 -7.89 12.43 -2.24
CA ILE G 96 -9.10 12.15 -3.03
C ILE G 96 -9.12 12.93 -4.34
N THR G 97 -8.69 14.20 -4.31
CA THR G 97 -8.68 15.01 -5.55
C THR G 97 -7.67 14.50 -6.59
N ARG G 98 -6.55 13.98 -6.10
CA ARG G 98 -5.48 13.50 -6.98
C ARG G 98 -5.68 12.07 -7.50
N ASN G 99 -6.11 11.18 -6.61
CA ASN G 99 -6.29 9.73 -6.87
C ASN G 99 -5.14 9.26 -7.73
N ASN G 100 -3.95 9.42 -7.17
CA ASN G 100 -2.70 9.13 -7.82
C ASN G 100 -2.06 7.90 -7.18
N PRO G 101 -1.84 6.83 -7.97
CA PRO G 101 -1.21 5.60 -7.47
C PRO G 101 0.05 5.87 -6.67
N ASP G 102 0.86 6.85 -7.11
CA ASP G 102 2.13 7.16 -6.42
C ASP G 102 1.91 7.70 -5.01
N ASP G 103 0.73 8.25 -4.74
CA ASP G 103 0.44 8.72 -3.38
C ASP G 103 0.02 7.51 -2.55
N TRP G 104 -0.84 6.67 -3.11
CA TRP G 104 -1.40 5.54 -2.39
C TRP G 104 -0.36 4.51 -1.99
N LYS G 105 0.69 4.40 -2.82
CA LYS G 105 1.77 3.46 -2.53
C LYS G 105 2.63 3.90 -1.32
N GLN G 106 2.40 5.11 -0.82
CA GLN G 106 3.10 5.60 0.36
C GLN G 106 2.37 5.17 1.63
N TYR G 107 1.28 4.40 1.48
CA TYR G 107 0.48 3.93 2.61
C TYR G 107 0.19 2.44 2.60
N ASN G 108 0.05 1.88 3.81
CA ASN G 108 -0.36 0.50 3.96
C ASN G 108 -1.86 0.60 4.10
N VAL G 109 -2.62 0.00 3.17
CA VAL G 109 -4.10 0.09 3.18
C VAL G 109 -4.84 -1.18 3.59
N LYS G 110 -5.84 -1.01 4.45
CA LYS G 110 -6.68 -2.11 4.91
C LYS G 110 -8.13 -1.74 4.59
N GLN G 111 -8.91 -2.77 4.29
CA GLN G 111 -10.32 -2.62 3.93
C GLN G 111 -11.24 -3.56 4.69
N LYS G 112 -12.40 -3.04 5.08
CA LYS G 112 -13.47 -3.80 5.73
C LYS G 112 -14.72 -3.19 5.13
N GLY G 113 -15.21 -3.83 4.08
CA GLY G 113 -16.38 -3.35 3.40
C GLY G 113 -16.08 -2.06 2.66
N ASP G 114 -16.85 -1.02 2.97
CA ASP G 114 -16.66 0.30 2.33
C ASP G 114 -15.62 1.15 3.07
N ASP G 115 -15.19 0.69 4.24
CA ASP G 115 -14.24 1.40 5.09
C ASP G 115 -12.75 1.04 4.89
N PHE G 116 -11.97 2.02 4.45
CA PHE G 116 -10.55 1.85 4.22
C PHE G 116 -9.73 2.59 5.27
N GLU G 117 -8.62 1.99 5.67
N GLU G 117 -8.62 2.01 5.69
CA GLU G 117 -7.73 2.57 6.66
CA GLU G 117 -7.74 2.63 6.67
C GLU G 117 -6.34 2.67 6.07
C GLU G 117 -6.35 2.67 6.09
N LEU G 118 -5.75 3.86 6.06
CA LEU G 118 -4.41 4.04 5.48
C LEU G 118 -3.40 4.56 6.50
N THR G 119 -2.32 3.79 6.67
N THR G 119 -2.32 3.79 6.71
CA THR G 119 -1.27 4.12 7.62
CA THR G 119 -1.29 4.18 7.68
C THR G 119 0.01 4.43 6.83
C THR G 119 0.01 4.41 6.89
N PRO G 120 0.65 5.58 7.09
CA PRO G 120 1.86 5.92 6.33
C PRO G 120 3.00 4.94 6.54
N LYS G 121 3.69 4.58 5.46
CA LYS G 121 4.83 3.66 5.54
C LYS G 121 6.04 4.32 6.22
N SER G 122 6.05 5.66 6.22
CA SER G 122 7.10 6.46 6.83
C SER G 122 6.46 7.55 7.69
N ALA G 123 7.28 8.28 8.44
CA ALA G 123 6.77 9.34 9.29
C ALA G 123 6.78 10.66 8.53
N SER G 124 5.71 11.45 8.70
CA SER G 124 5.61 12.76 8.04
C SER G 124 4.50 13.60 8.66
N LEU G 127 1.44 12.66 11.18
CA LEU G 127 0.16 11.95 11.06
C LEU G 127 0.24 10.50 11.51
N LYS G 128 -0.87 9.97 12.02
CA LYS G 128 -0.92 8.56 12.44
C LYS G 128 -1.61 7.72 11.39
N GLN G 129 -2.74 8.22 10.87
CA GLN G 129 -3.53 7.50 9.89
C GLN G 129 -4.64 8.33 9.26
N PHE G 130 -5.14 7.85 8.12
CA PHE G 130 -6.28 8.44 7.44
C PHE G 130 -7.28 7.30 7.28
N ALA G 131 -8.58 7.63 7.22
CA ALA G 131 -9.63 6.66 6.94
C ALA G 131 -10.55 7.32 5.90
N ILE G 132 -11.08 6.51 4.98
CA ILE G 132 -11.99 6.97 3.96
C ILE G 132 -13.03 5.90 3.68
N SER G 133 -14.29 6.31 3.62
N SER G 133 -14.29 6.31 3.63
CA SER G 133 -15.39 5.39 3.37
CA SER G 133 -15.37 5.38 3.34
C SER G 133 -15.99 5.72 2.01
C SER G 133 -15.95 5.73 1.98
N VAL G 134 -16.01 4.73 1.11
CA VAL G 134 -16.55 4.95 -0.24
C VAL G 134 -17.29 3.71 -0.69
N THR G 135 -18.51 3.89 -1.20
CA THR G 135 -19.31 2.70 -1.63
C THR G 135 -18.74 2.08 -2.89
N PRO G 136 -19.18 0.84 -3.23
CA PRO G 136 -18.64 0.17 -4.47
C PRO G 136 -18.83 0.98 -5.76
N SER G 137 -19.95 1.70 -5.86
CA SER G 137 -20.25 2.52 -7.04
C SER G 137 -19.51 3.87 -7.06
N GLY G 138 -18.79 4.18 -5.98
CA GLY G 138 -17.98 5.39 -5.90
C GLY G 138 -18.49 6.60 -5.13
N THR G 139 -19.46 6.41 -4.24
CA THR G 139 -19.98 7.51 -3.42
C THR G 139 -19.12 7.60 -2.16
N ILE G 140 -18.48 8.75 -1.96
CA ILE G 140 -17.65 8.99 -0.79
C ILE G 140 -18.56 9.43 0.34
N LYS G 141 -18.52 8.69 1.42
CA LYS G 141 -19.39 8.93 2.56
C LYS G 141 -18.78 9.74 3.69
N SER G 142 -17.51 9.51 3.95
CA SER G 142 -16.78 10.15 5.03
C SER G 142 -15.31 9.96 4.86
N PHE G 143 -14.55 10.75 5.59
CA PHE G 143 -13.11 10.61 5.65
C PHE G 143 -12.62 11.27 6.92
N THR G 144 -11.55 10.72 7.47
CA THR G 144 -11.01 11.21 8.76
C THR G 144 -9.47 11.22 8.73
N ALA G 145 -8.87 12.17 9.47
CA ALA G 145 -7.42 12.26 9.61
C ALA G 145 -7.12 12.30 11.10
N VAL G 146 -6.22 11.44 11.56
CA VAL G 146 -5.82 11.36 12.97
C VAL G 146 -4.34 11.66 13.08
N GLU G 147 -3.97 12.58 13.97
CA GLU G 147 -2.55 12.93 14.18
C GLU G 147 -1.92 12.08 15.26
N GLN G 148 -0.59 12.15 15.41
CA GLN G 148 0.09 11.35 16.43
C GLN G 148 -0.44 11.60 17.83
N ASP G 149 -0.86 12.84 18.12
CA ASP G 149 -1.44 13.19 19.45
C ASP G 149 -2.88 12.70 19.65
N GLY G 150 -3.40 11.97 18.66
CA GLY G 150 -4.73 11.43 18.74
C GLY G 150 -5.85 12.37 18.31
N GLN G 151 -5.52 13.58 17.87
CA GLN G 151 -6.58 14.48 17.43
C GLN G 151 -7.18 14.02 16.11
N ARG G 152 -8.52 14.06 16.03
CA ARG G 152 -9.20 13.61 14.82
C ARG G 152 -9.96 14.68 14.08
N SER G 153 -9.84 14.67 12.76
N SER G 153 -9.88 14.64 12.76
CA SER G 153 -10.60 15.60 11.92
CA SER G 153 -10.57 15.61 11.92
C SER G 153 -11.49 14.70 11.08
C SER G 153 -11.50 14.78 11.02
N ALA G 154 -12.76 14.66 11.43
CA ALA G 154 -13.78 13.86 10.75
C ALA G 154 -14.69 14.66 9.83
N TYR G 155 -14.90 14.14 8.63
CA TYR G 155 -15.76 14.76 7.65
C TYR G 155 -16.83 13.75 7.22
N THR G 156 -18.11 14.17 7.17
CA THR G 156 -19.21 13.35 6.64
C THR G 156 -19.67 14.10 5.40
N LEU G 157 -19.91 13.39 4.30
CA LEU G 157 -20.38 14.01 3.04
C LEU G 157 -21.87 13.74 2.81
N LYS G 158 -22.54 14.71 2.18
CA LYS G 158 -23.97 14.67 1.94
C LYS G 158 -24.28 15.02 0.49
N SER G 159 -25.49 14.63 0.08
CA SER G 159 -25.99 14.91 -1.26
C SER G 159 -24.89 14.98 -2.33
N GLN G 160 -24.07 13.92 -2.38
CA GLN G 160 -23.01 13.80 -3.36
C GLN G 160 -23.67 13.57 -4.71
N GLN G 161 -23.26 14.35 -5.70
CA GLN G 161 -23.81 14.24 -7.03
C GLN G 161 -22.69 14.33 -8.04
N SER G 162 -22.73 13.43 -9.02
CA SER G 162 -21.73 13.39 -10.07
C SER G 162 -22.21 14.19 -11.25
N SER G 163 -21.63 15.38 -11.43
CA SER G 163 -21.99 16.24 -12.54
C SER G 163 -20.83 17.17 -12.90
N VAL G 164 -20.99 17.91 -14.01
CA VAL G 164 -19.99 18.86 -14.50
C VAL G 164 -20.45 20.30 -14.23
N VAL G 165 -19.67 21.02 -13.42
CA VAL G 165 -20.02 22.41 -13.08
C VAL G 165 -19.28 23.35 -14.03
N ASP G 166 -19.86 24.51 -14.29
CA ASP G 166 -19.24 25.51 -15.16
C ASP G 166 -17.81 25.65 -14.63
N ALA G 167 -16.84 25.65 -15.53
CA ALA G 167 -15.42 25.75 -15.15
C ALA G 167 -15.02 26.99 -14.32
N SER G 168 -15.97 27.89 -14.08
N SER G 168 -15.95 27.91 -14.10
CA SER G 168 -15.75 29.11 -13.32
CA SER G 168 -15.69 29.13 -13.33
C SER G 168 -15.54 28.83 -11.83
C SER G 168 -15.54 28.83 -11.82
N LYS G 169 -16.05 27.69 -11.36
CA LYS G 169 -15.92 27.32 -9.96
C LYS G 169 -14.43 27.09 -9.66
N PHE G 170 -13.66 26.74 -10.69
CA PHE G 170 -12.23 26.46 -10.49
C PHE G 170 -11.28 27.60 -10.83
N THR G 171 -11.65 28.81 -10.44
CA THR G 171 -10.83 29.97 -10.65
C THR G 171 -10.82 30.82 -9.37
N PHE G 172 -9.78 31.65 -9.26
CA PHE G 172 -9.64 32.53 -8.11
C PHE G 172 -8.80 33.74 -8.43
N THR G 173 -9.28 34.89 -8.00
N THR G 173 -9.32 34.88 -7.98
CA THR G 173 -8.55 36.10 -8.13
CA THR G 173 -8.73 36.20 -8.16
C THR G 173 -8.71 36.72 -6.76
C THR G 173 -8.76 36.90 -6.80
N PRO G 174 -7.59 37.10 -6.14
CA PRO G 174 -7.69 37.72 -4.80
C PRO G 174 -8.52 39.02 -4.78
N PRO G 175 -9.50 39.11 -3.87
CA PRO G 175 -10.31 40.33 -3.81
C PRO G 175 -9.50 41.60 -3.50
N LYS G 176 -10.07 42.76 -3.78
CA LYS G 176 -9.37 44.00 -3.51
C LYS G 176 -9.17 44.04 -2.01
N GLY G 177 -8.01 44.57 -1.61
CA GLY G 177 -7.59 44.73 -0.21
C GLY G 177 -6.96 43.52 0.44
N VAL G 178 -6.97 42.40 -0.25
CA VAL G 178 -6.42 41.15 0.23
C VAL G 178 -4.91 41.09 -0.08
N THR G 179 -4.14 40.67 0.91
CA THR G 179 -2.69 40.57 0.77
C THR G 179 -2.32 39.18 0.31
N LEU G 180 -1.71 39.08 -0.87
CA LEU G 180 -1.32 37.77 -1.37
C LEU G 180 0.14 37.43 -1.06
N ASP G 181 0.31 36.26 -0.41
CA ASP G 181 1.64 35.65 -0.17
C ASP G 181 1.79 34.76 -1.38
N ASP G 182 2.48 35.27 -2.39
CA ASP G 182 2.64 34.55 -3.61
C ASP G 182 3.96 33.82 -3.51
N GLN G 183 3.90 32.51 -3.25
N GLN G 183 3.90 32.52 -3.27
CA GLN G 183 5.08 31.64 -3.15
CA GLN G 183 5.11 31.69 -3.15
C GLN G 183 5.49 31.04 -4.50
C GLN G 183 5.46 31.01 -4.48
N ARG G 184 4.75 31.36 -5.55
CA ARG G 184 5.02 30.84 -6.89
C ARG G 184 6.33 31.46 -7.42
N ASP H 4 22.42 38.54 5.16
CA ASP H 4 21.67 39.74 4.76
C ASP H 4 20.31 39.83 5.42
N ALA H 5 19.48 38.83 5.13
CA ALA H 5 18.08 38.82 5.58
C ALA H 5 17.85 38.97 7.07
N SER H 6 18.55 38.17 7.85
CA SER H 6 18.39 38.21 9.30
C SER H 6 18.82 39.57 9.85
N THR H 7 19.92 40.11 9.34
CA THR H 7 20.41 41.42 9.81
C THR H 7 19.38 42.53 9.47
N ASP H 8 18.80 42.47 8.27
CA ASP H 8 17.81 43.47 7.82
C ASP H 8 16.54 43.36 8.68
N LEU H 9 16.13 42.13 8.97
CA LEU H 9 14.95 41.89 9.82
C LEU H 9 15.19 42.51 11.17
N GLN H 10 16.35 42.25 11.77
CA GLN H 10 16.66 42.81 13.10
C GLN H 10 16.79 44.34 13.05
N ASN H 11 17.39 44.84 11.97
CA ASN H 11 17.54 46.29 11.78
C ASN H 11 16.15 46.97 11.76
N ARG H 12 15.21 46.38 11.01
CA ARG H 12 13.84 46.88 10.92
C ARG H 12 13.12 46.83 12.27
N LEU H 13 13.24 45.70 12.98
CA LEU H 13 12.58 45.55 14.28
C LEU H 13 13.16 46.51 15.30
N SER H 14 14.46 46.80 15.17
CA SER H 14 15.13 47.70 16.11
C SER H 14 14.67 49.17 16.04
N LYS H 15 13.94 49.52 14.97
CA LYS H 15 13.47 50.90 14.75
C LYS H 15 12.29 51.36 15.63
N VAL H 16 11.48 50.41 16.09
CA VAL H 16 10.32 50.68 16.90
C VAL H 16 10.34 49.76 18.14
N ASN H 17 10.74 50.32 19.25
CA ASN H 17 10.85 49.58 20.51
C ASN H 17 9.69 49.72 21.47
N SER H 18 8.81 50.67 21.22
CA SER H 18 7.62 50.87 22.04
C SER H 18 6.45 51.14 21.10
N PHE H 19 5.52 50.18 21.03
CA PHE H 19 4.37 50.28 20.14
C PHE H 19 3.14 49.55 20.63
N HIS H 20 1.99 49.96 20.12
CA HIS H 20 0.67 49.38 20.39
C HIS H 20 0.04 49.00 19.06
N ALA H 21 -0.80 47.97 19.07
CA ALA H 21 -1.48 47.54 17.86
C ALA H 21 -2.64 46.64 18.16
N SER H 22 -3.67 46.67 17.31
CA SER H 22 -4.75 45.75 17.49
C SER H 22 -4.43 44.62 16.52
N PHE H 23 -5.00 43.46 16.76
CA PHE H 23 -4.74 42.36 15.84
C PHE H 23 -5.95 41.49 15.56
N SER H 24 -5.87 40.79 14.44
CA SER H 24 -6.83 39.80 13.99
C SER H 24 -6.01 38.53 13.84
N GLN H 25 -6.61 37.39 14.17
CA GLN H 25 -5.91 36.09 14.11
C GLN H 25 -6.79 35.03 13.48
N ALA H 26 -6.16 34.14 12.72
CA ALA H 26 -6.90 33.01 12.10
C ALA H 26 -6.02 31.78 12.17
N VAL H 27 -6.53 30.74 12.85
CA VAL H 27 -5.86 29.43 12.98
C VAL H 27 -6.53 28.52 11.96
N THR H 28 -5.76 28.12 10.94
N THR H 28 -5.76 28.08 10.97
CA THR H 28 -6.23 27.28 9.82
CA THR H 28 -6.29 27.20 9.95
C THR H 28 -5.44 25.97 9.69
C THR H 28 -5.46 25.94 9.92
N SER H 29 -6.12 24.81 9.68
CA SER H 29 -5.43 23.52 9.56
C SER H 29 -4.93 23.31 8.12
N SER H 30 -4.11 22.28 7.93
CA SER H 30 -3.51 21.99 6.63
C SER H 30 -4.51 21.77 5.51
N ASP H 31 -5.75 21.36 5.85
CA ASP H 31 -6.79 21.16 4.85
C ASP H 31 -7.60 22.45 4.57
N GLY H 32 -7.18 23.56 5.17
CA GLY H 32 -7.87 24.82 4.95
C GLY H 32 -9.03 25.08 5.91
N ALA H 33 -9.28 24.18 6.85
CA ALA H 33 -10.34 24.33 7.85
C ALA H 33 -9.96 25.34 8.94
N VAL H 34 -10.81 26.33 9.17
CA VAL H 34 -10.57 27.29 10.24
C VAL H 34 -10.83 26.58 11.58
N VAL H 35 -9.88 26.67 12.50
CA VAL H 35 -10.01 26.06 13.80
C VAL H 35 -10.52 27.14 14.78
N GLN H 36 -10.02 28.36 14.59
CA GLN H 36 -10.43 29.51 15.42
C GLN H 36 -10.03 30.84 14.74
N GLU H 37 -10.83 31.87 15.01
CA GLU H 37 -10.57 33.24 14.54
C GLU H 37 -10.78 34.12 15.76
N GLY H 38 -10.01 35.18 15.87
CA GLY H 38 -10.14 36.07 17.03
C GLY H 38 -9.54 37.44 16.84
N GLU H 39 -9.68 38.26 17.87
CA GLU H 39 -9.17 39.61 17.89
C GLU H 39 -8.58 39.98 19.22
N GLY H 40 -7.78 41.03 19.22
CA GLY H 40 -7.16 41.51 20.43
C GLY H 40 -6.31 42.71 20.20
N GLU H 41 -5.51 43.03 21.20
CA GLU H 41 -4.56 44.13 21.11
C GLU H 41 -3.35 43.79 21.93
N LEU H 42 -2.25 44.48 21.62
CA LEU H 42 -0.96 44.27 22.25
C LEU H 42 -0.14 45.55 22.38
N TRP H 43 0.69 45.57 23.42
CA TRP H 43 1.60 46.67 23.71
C TRP H 43 2.96 46.03 23.91
N VAL H 44 4.01 46.65 23.35
CA VAL H 44 5.39 46.16 23.49
C VAL H 44 6.27 47.35 23.90
N LYS H 45 7.14 47.13 24.89
CA LYS H 45 8.07 48.15 25.33
C LYS H 45 9.38 47.44 25.62
N ARG H 46 10.30 47.48 24.66
CA ARG H 46 11.59 46.83 24.85
C ARG H 46 12.45 47.73 25.79
N PRO H 47 13.22 47.11 26.69
CA PRO H 47 13.25 45.65 26.76
C PRO H 47 12.32 44.99 27.79
N ASN H 48 12.00 43.75 27.45
CA ASN H 48 11.31 42.79 28.29
C ASN H 48 9.93 43.08 28.79
N LEU H 49 9.25 44.09 28.23
CA LEU H 49 7.92 44.43 28.69
C LEU H 49 6.88 44.25 27.62
N PHE H 50 5.75 43.65 27.98
CA PHE H 50 4.65 43.52 27.04
C PHE H 50 3.34 43.11 27.68
N ASN H 51 2.28 43.44 26.96
CA ASN H 51 0.92 43.09 27.32
C ASN H 51 0.21 42.64 26.05
N TRP H 52 -0.18 41.36 25.99
CA TRP H 52 -0.83 40.75 24.83
C TRP H 52 -2.19 40.31 25.33
N HIS H 53 -3.24 40.81 24.70
CA HIS H 53 -4.60 40.57 25.16
C HIS H 53 -5.60 40.17 24.08
N MET H 54 -5.95 38.89 24.07
CA MET H 54 -6.96 38.44 23.14
C MET H 54 -8.30 38.79 23.78
N THR H 55 -9.14 39.51 23.04
CA THR H 55 -10.45 39.95 23.56
C THR H 55 -11.66 39.18 23.04
N SER H 56 -11.56 38.59 21.86
N SER H 56 -11.55 38.59 21.84
CA SER H 56 -12.65 37.80 21.29
CA SER H 56 -12.64 37.85 21.24
C SER H 56 -12.11 36.68 20.42
C SER H 56 -12.12 36.70 20.40
N PRO H 57 -12.88 35.59 20.31
CA PRO H 57 -14.15 35.36 20.98
C PRO H 57 -13.98 34.98 22.46
N ASP H 58 -12.79 34.53 22.87
CA ASP H 58 -12.54 34.18 24.26
C ASP H 58 -11.35 35.01 24.78
N GLU H 59 -11.44 35.53 26.01
CA GLU H 59 -10.36 36.36 26.52
C GLU H 59 -9.18 35.56 27.05
N SER H 60 -7.97 36.09 26.80
N SER H 60 -7.96 36.06 26.80
CA SER H 60 -6.74 35.49 27.26
CA SER H 60 -6.75 35.46 27.34
C SER H 60 -5.73 36.63 27.46
C SER H 60 -5.75 36.61 27.47
N VAL H 61 -4.91 36.52 28.49
CA VAL H 61 -3.93 37.55 28.84
C VAL H 61 -2.54 36.96 28.96
N LEU H 62 -1.56 37.65 28.38
CA LEU H 62 -0.14 37.24 28.44
C LEU H 62 0.62 38.54 28.69
N ILE H 63 1.16 38.65 29.90
CA ILE H 63 1.90 39.84 30.33
C ILE H 63 3.31 39.59 30.92
N SER H 64 4.29 40.34 30.45
CA SER H 64 5.63 40.28 31.04
C SER H 64 5.79 41.60 31.75
N ASP H 65 6.10 41.54 33.05
CA ASP H 65 6.29 42.72 33.85
C ASP H 65 7.80 43.04 33.93
N GLY H 66 8.61 42.33 33.13
CA GLY H 66 10.08 42.51 33.09
C GLY H 66 10.82 41.46 33.89
N GLU H 67 10.12 40.80 34.81
CA GLU H 67 10.73 39.73 35.66
C GLU H 67 9.93 38.45 35.58
N THR H 68 8.62 38.57 35.75
CA THR H 68 7.72 37.44 35.65
C THR H 68 6.88 37.50 34.35
N LEU H 69 6.73 36.33 33.74
CA LEU H 69 5.87 36.13 32.58
C LEU H 69 4.58 35.48 33.12
N TRP H 70 3.46 36.16 32.88
CA TRP H 70 2.18 35.69 33.31
C TRP H 70 1.17 35.31 32.23
N PHE H 71 0.53 34.17 32.39
N PHE H 71 0.53 34.16 32.40
CA PHE H 71 -0.54 33.82 31.50
CA PHE H 71 -0.52 33.64 31.53
C PHE H 71 -1.77 33.64 32.35
C PHE H 71 -1.79 33.60 32.37
N TYR H 72 -2.87 34.22 31.89
CA TYR H 72 -4.14 34.21 32.57
C TYR H 72 -5.35 33.94 31.70
N ASN H 73 -6.15 32.96 32.14
CA ASN H 73 -7.39 32.60 31.45
C ASN H 73 -8.55 32.81 32.44
N PRO H 74 -9.40 33.82 32.20
CA PRO H 74 -10.48 34.07 33.18
C PRO H 74 -11.54 32.98 33.22
N PHE H 75 -11.75 32.30 32.11
CA PHE H 75 -12.81 31.26 32.06
C PHE H 75 -12.59 30.11 33.04
N VAL H 76 -11.40 29.53 33.05
CA VAL H 76 -11.10 28.44 34.00
C VAL H 76 -10.46 29.01 35.27
N GLU H 77 -10.35 30.34 35.37
CA GLU H 77 -9.75 31.04 36.51
C GLU H 77 -8.37 30.51 36.91
N GLN H 78 -7.47 30.45 35.93
CA GLN H 78 -6.12 29.98 36.17
C GLN H 78 -5.08 30.90 35.62
N ALA H 79 -3.97 30.98 36.33
CA ALA H 79 -2.87 31.78 35.90
C ALA H 79 -1.63 30.94 36.10
N THR H 80 -0.58 31.25 35.34
CA THR H 80 0.70 30.58 35.44
C THR H 80 1.77 31.65 35.47
N ALA H 81 2.67 31.58 36.46
CA ALA H 81 3.75 32.54 36.57
C ALA H 81 5.09 31.83 36.38
N THR H 82 5.97 32.37 35.55
CA THR H 82 7.33 31.85 35.36
C THR H 82 8.31 33.00 35.24
N TRP H 83 9.60 32.75 35.50
CA TRP H 83 10.59 33.80 35.35
C TRP H 83 10.86 34.08 33.87
N LEU H 84 10.85 35.35 33.50
CA LEU H 84 11.06 35.76 32.13
C LEU H 84 12.42 35.32 31.61
N LYS H 85 13.41 35.24 32.49
CA LYS H 85 14.75 34.81 32.10
C LYS H 85 14.74 33.41 31.50
N ASN H 86 13.73 32.62 31.86
CA ASN H 86 13.59 31.26 31.36
C ASN H 86 12.83 31.17 30.05
N ALA H 87 12.11 32.23 29.68
CA ALA H 87 11.37 32.21 28.44
C ALA H 87 12.35 32.12 27.25
N THR H 88 11.81 31.71 26.10
CA THR H 88 12.58 31.59 24.87
C THR H 88 11.78 32.25 23.75
N GLY H 89 12.39 32.42 22.59
CA GLY H 89 11.70 33.02 21.44
C GLY H 89 10.99 31.91 20.70
N ASN H 90 9.99 31.30 21.36
CA ASN H 90 9.22 30.15 20.84
C ASN H 90 7.95 30.44 20.03
N THR H 91 7.60 31.71 19.86
CA THR H 91 6.48 32.09 19.03
C THR H 91 6.93 33.35 18.27
N PRO H 92 6.27 33.66 17.14
CA PRO H 92 6.66 34.88 16.43
C PRO H 92 6.54 36.12 17.34
N PHE H 93 5.49 36.19 18.15
CA PHE H 93 5.32 37.33 19.04
C PHE H 93 6.49 37.41 20.06
N MET H 94 6.88 36.28 20.64
CA MET H 94 7.97 36.29 21.61
C MET H 94 9.28 36.72 20.93
N LEU H 95 9.53 36.28 19.69
CA LEU H 95 10.74 36.70 18.97
C LEU H 95 10.76 38.20 18.73
N ILE H 96 9.60 38.74 18.37
CA ILE H 96 9.42 40.17 18.13
C ILE H 96 9.65 41.01 19.40
N THR H 97 9.10 40.56 20.52
CA THR H 97 9.27 41.29 21.79
C THR H 97 10.71 41.36 22.26
N ARG H 98 11.42 40.27 22.06
CA ARG H 98 12.82 40.15 22.47
C ARG H 98 13.87 40.76 21.53
N ASN H 99 13.64 40.64 20.21
CA ASN H 99 14.57 41.07 19.18
C ASN H 99 16.00 40.90 19.69
N ASN H 100 16.35 39.63 19.88
CA ASN H 100 17.62 39.19 20.43
C ASN H 100 18.39 38.39 19.38
N PRO H 101 19.54 38.90 18.96
CA PRO H 101 20.38 38.24 17.96
C PRO H 101 20.57 36.73 18.20
N ASP H 102 20.68 36.32 19.46
CA ASP H 102 20.87 34.92 19.83
C ASP H 102 19.65 34.07 19.50
N ASP H 103 18.48 34.70 19.43
CA ASP H 103 17.29 33.97 19.01
C ASP H 103 17.36 33.80 17.48
N TRP H 104 17.61 34.91 16.80
CA TRP H 104 17.63 34.95 15.33
C TRP H 104 18.64 34.01 14.66
N LYS H 105 19.77 33.80 15.31
CA LYS H 105 20.82 32.92 14.78
C LYS H 105 20.41 31.44 14.81
N GLN H 106 19.31 31.12 15.47
CA GLN H 106 18.82 29.76 15.52
C GLN H 106 17.93 29.44 14.33
N TYR H 107 17.84 30.38 13.38
CA TYR H 107 17.02 30.25 12.17
C TYR H 107 17.71 30.64 10.88
N ASN H 108 17.30 29.99 9.81
CA ASN H 108 17.76 30.39 8.47
C ASN H 108 16.70 31.34 7.94
N VAL H 109 17.09 32.57 7.67
CA VAL H 109 16.15 33.63 7.23
C VAL H 109 16.24 33.99 5.76
N LYS H 110 15.09 34.12 5.11
N LYS H 110 15.09 34.10 5.12
CA LYS H 110 15.05 34.51 3.72
CA LYS H 110 15.01 34.48 3.71
C LYS H 110 14.17 35.74 3.64
C LYS H 110 14.17 35.74 3.64
N GLN H 111 14.41 36.56 2.64
CA GLN H 111 13.68 37.82 2.48
C GLN H 111 13.23 38.11 1.07
N LYS H 112 12.02 38.64 0.98
CA LYS H 112 11.36 39.02 -0.24
C LYS H 112 10.68 40.33 0.12
N GLY H 113 11.32 41.46 -0.17
CA GLY H 113 10.74 42.76 0.17
C GLY H 113 10.57 42.82 1.68
N ASP H 114 9.36 43.11 2.14
CA ASP H 114 9.03 43.18 3.55
C ASP H 114 8.73 41.83 4.19
N ASP H 115 8.59 40.78 3.38
CA ASP H 115 8.29 39.44 3.85
C ASP H 115 9.52 38.62 4.18
N PHE H 116 9.65 38.24 5.46
CA PHE H 116 10.76 37.41 5.93
C PHE H 116 10.23 36.02 6.33
N GLU H 117 10.97 34.96 5.99
N GLU H 117 10.99 34.98 5.98
CA GLU H 117 10.58 33.61 6.35
CA GLU H 117 10.66 33.60 6.29
C GLU H 117 11.71 32.97 7.14
C GLU H 117 11.74 33.00 7.16
N LEU H 118 11.35 32.39 8.28
CA LEU H 118 12.33 31.78 9.18
C LEU H 118 12.14 30.25 9.35
N THR H 119 13.21 29.50 9.11
CA THR H 119 13.16 28.05 9.27
C THR H 119 14.19 27.64 10.32
N PRO H 120 13.77 26.89 11.34
CA PRO H 120 14.75 26.56 12.37
C PRO H 120 15.88 25.68 11.86
N LYS H 121 17.04 25.85 12.49
CA LYS H 121 18.24 25.08 12.18
C LYS H 121 18.21 23.75 12.97
N SER H 122 17.61 23.75 14.15
CA SER H 122 17.50 22.55 14.98
C SER H 122 16.02 22.22 15.14
N ALA H 123 15.68 20.94 15.20
CA ALA H 123 14.29 20.52 15.36
C ALA H 123 13.95 20.21 16.82
N ASN H 126 7.52 21.11 17.35
CA ASN H 126 6.93 20.70 16.08
C ASN H 126 6.81 21.88 15.12
N LEU H 127 7.76 22.82 15.21
CA LEU H 127 7.75 24.00 14.36
C LEU H 127 8.23 23.70 12.93
N LYS H 128 7.54 24.23 11.94
CA LYS H 128 8.00 24.07 10.57
C LYS H 128 8.69 25.36 10.18
N GLN H 129 7.98 26.48 10.33
CA GLN H 129 8.54 27.79 9.99
C GLN H 129 7.74 28.94 10.59
N PHE H 130 8.35 30.12 10.60
CA PHE H 130 7.72 31.38 11.05
C PHE H 130 7.83 32.36 9.91
N ALA H 131 6.96 33.37 9.86
CA ALA H 131 7.07 34.36 8.82
C ALA H 131 6.73 35.65 9.49
N ILE H 132 7.43 36.73 9.14
CA ILE H 132 7.13 38.04 9.70
C ILE H 132 7.19 39.07 8.57
N SER H 133 6.20 39.96 8.52
N SER H 133 6.20 39.96 8.48
CA SER H 133 6.21 41.02 7.51
CA SER H 133 6.21 41.01 7.46
C SER H 133 6.42 42.34 8.23
C SER H 133 6.37 42.36 8.16
N VAL H 134 7.42 43.09 7.80
CA VAL H 134 7.73 44.40 8.42
C VAL H 134 8.31 45.37 7.41
N THR H 135 7.73 46.56 7.40
CA THR H 135 8.16 47.57 6.45
C THR H 135 9.56 48.11 6.75
N PRO H 136 10.15 48.79 5.76
CA PRO H 136 11.49 49.34 6.00
C PRO H 136 11.56 50.30 7.22
N SER H 137 10.49 51.05 7.46
N SER H 137 10.51 51.06 7.46
CA SER H 137 10.42 51.99 8.58
CA SER H 137 10.47 51.98 8.60
C SER H 137 10.19 51.30 9.94
C SER H 137 10.21 51.29 9.95
N GLY H 138 9.87 50.01 9.92
CA GLY H 138 9.63 49.26 11.16
C GLY H 138 8.18 48.92 11.52
N THR H 139 7.22 49.19 10.62
CA THR H 139 5.84 48.86 10.87
C THR H 139 5.63 47.35 10.67
N ILE H 140 5.20 46.65 11.72
CA ILE H 140 4.93 45.19 11.62
C ILE H 140 3.51 45.03 11.10
N LYS H 141 3.38 44.35 9.97
CA LYS H 141 2.07 44.15 9.33
C LYS H 141 1.40 42.82 9.65
N SER H 142 2.20 41.77 9.85
CA SER H 142 1.65 40.46 10.12
C SER H 142 2.76 39.48 10.52
N PHE H 143 2.35 38.38 11.11
CA PHE H 143 3.27 37.28 11.44
C PHE H 143 2.47 35.97 11.48
N THR H 144 3.17 34.90 11.17
CA THR H 144 2.54 33.60 11.04
C THR H 144 3.43 32.47 11.54
N ALA H 145 2.83 31.48 12.19
CA ALA H 145 3.56 30.27 12.66
C ALA H 145 2.96 29.03 11.97
N VAL H 146 3.82 28.17 11.43
CA VAL H 146 3.38 26.94 10.76
C VAL H 146 4.05 25.76 11.42
N GLU H 147 3.26 24.79 11.86
CA GLU H 147 3.82 23.60 12.52
C GLU H 147 4.00 22.46 11.55
N GLN H 148 4.65 21.39 12.00
CA GLN H 148 4.91 20.21 11.15
C GLN H 148 3.66 19.57 10.55
N ASP H 149 2.54 19.63 11.28
CA ASP H 149 1.27 19.09 10.80
C ASP H 149 0.59 20.04 9.79
N GLY H 150 1.21 21.20 9.58
CA GLY H 150 0.73 22.19 8.62
C GLY H 150 -0.28 23.20 9.15
N GLN H 151 -0.50 23.22 10.46
CA GLN H 151 -1.49 24.13 11.00
C GLN H 151 -0.85 25.50 11.04
N ARG H 152 -1.58 26.51 10.56
CA ARG H 152 -1.03 27.85 10.54
C ARG H 152 -1.80 28.78 11.46
N SER H 153 -1.05 29.64 12.15
CA SER H 153 -1.58 30.65 13.04
C SER H 153 -1.11 31.97 12.45
N ALA H 154 -2.06 32.71 11.90
CA ALA H 154 -1.80 33.94 11.19
C ALA H 154 -2.40 35.13 11.87
N TYR H 155 -1.55 36.13 12.13
CA TYR H 155 -1.96 37.39 12.75
C TYR H 155 -1.73 38.54 11.79
N THR H 156 -2.66 39.50 11.77
CA THR H 156 -2.47 40.72 10.96
C THR H 156 -2.60 41.85 11.98
N LEU H 157 -1.76 42.85 11.87
CA LEU H 157 -1.79 43.97 12.80
C LEU H 157 -2.26 45.29 12.18
N LYS H 158 -2.97 46.09 13.00
CA LYS H 158 -3.48 47.40 12.60
C LYS H 158 -3.11 48.50 13.60
N SER H 159 -3.04 49.71 13.08
CA SER H 159 -2.68 50.92 13.86
C SER H 159 -2.72 50.79 15.37
N ALA H 167 2.67 52.43 31.53
CA ALA H 167 3.45 51.95 32.67
C ALA H 167 2.74 50.79 33.40
N SER H 168 1.53 51.06 33.89
CA SER H 168 0.73 50.05 34.60
C SER H 168 0.25 48.95 33.65
N LYS H 169 0.41 49.17 32.34
CA LYS H 169 0.03 48.16 31.36
C LYS H 169 0.93 46.93 31.53
N PHE H 170 2.14 47.11 32.05
CA PHE H 170 3.07 45.97 32.19
C PHE H 170 3.15 45.40 33.61
N THR H 171 1.99 45.19 34.20
CA THR H 171 1.92 44.61 35.53
C THR H 171 0.75 43.64 35.58
N PHE H 172 0.79 42.72 36.53
CA PHE H 172 -0.29 41.75 36.73
C PHE H 172 -0.32 41.25 38.18
N THR H 173 -1.53 41.17 38.73
N THR H 173 -1.52 41.20 38.75
CA THR H 173 -1.75 40.69 40.08
CA THR H 173 -1.73 40.70 40.10
C THR H 173 -2.92 39.74 39.89
C THR H 173 -2.91 39.74 39.90
N PRO H 174 -2.72 38.44 40.18
CA PRO H 174 -3.82 37.49 39.98
C PRO H 174 -5.09 37.92 40.72
N PRO H 175 -6.22 38.06 39.99
CA PRO H 175 -7.45 38.43 40.67
C PRO H 175 -7.94 37.42 41.71
N LYS H 176 -8.60 37.90 42.76
CA LYS H 176 -9.17 37.00 43.74
C LYS H 176 -10.05 36.02 42.98
N GLY H 177 -9.96 34.74 43.32
CA GLY H 177 -10.74 33.73 42.64
C GLY H 177 -9.91 32.94 41.65
N VAL H 178 -8.68 33.39 41.39
CA VAL H 178 -7.82 32.71 40.41
C VAL H 178 -6.79 31.85 41.13
N THR H 179 -6.60 30.64 40.61
CA THR H 179 -5.61 29.75 41.18
C THR H 179 -4.34 30.00 40.38
N LEU H 180 -3.24 30.27 41.09
CA LEU H 180 -1.94 30.50 40.46
C LEU H 180 -1.01 29.29 40.48
N ASP H 181 -0.62 28.83 39.30
CA ASP H 181 0.40 27.77 39.22
C ASP H 181 1.67 28.59 39.17
N ASP H 182 2.31 28.78 40.32
CA ASP H 182 3.53 29.55 40.38
C ASP H 182 4.74 28.64 40.19
N GLN H 183 5.31 28.71 39.00
N GLN H 183 5.31 28.71 39.00
CA GLN H 183 6.49 27.91 38.61
CA GLN H 183 6.47 27.88 38.65
C GLN H 183 7.81 28.56 38.99
C GLN H 183 7.81 28.56 38.96
N ARG H 184 7.74 29.74 39.59
CA ARG H 184 8.93 30.50 39.99
C ARG H 184 9.67 29.88 41.18
N ASP I 4 8.39 8.70 46.13
CA ASP I 4 7.38 9.29 47.08
C ASP I 4 6.19 9.95 46.39
N ALA I 5 6.45 10.81 45.40
CA ALA I 5 5.38 11.54 44.70
C ALA I 5 4.36 10.66 43.98
N SER I 6 4.84 9.72 43.17
CA SER I 6 3.93 8.83 42.45
C SER I 6 3.05 8.03 43.39
N THR I 7 3.64 7.48 44.46
CA THR I 7 2.88 6.72 45.43
C THR I 7 1.84 7.61 46.14
N ASP I 8 2.24 8.83 46.52
CA ASP I 8 1.30 9.75 47.17
C ASP I 8 0.13 10.06 46.21
N LEU I 9 0.42 10.42 44.96
CA LEU I 9 -0.63 10.69 43.96
C LEU I 9 -1.62 9.51 43.88
N GLN I 10 -1.08 8.30 43.75
CA GLN I 10 -1.94 7.09 43.65
C GLN I 10 -2.75 6.87 44.92
N ASN I 11 -2.11 7.07 46.07
CA ASN I 11 -2.77 6.93 47.38
C ASN I 11 -3.96 7.91 47.43
N ARG I 12 -3.74 9.16 47.03
CA ARG I 12 -4.85 10.15 47.02
C ARG I 12 -5.99 9.77 46.08
N LEU I 13 -5.66 9.33 44.86
CA LEU I 13 -6.68 8.96 43.89
C LEU I 13 -7.46 7.73 44.30
N SER I 14 -6.82 6.85 45.07
CA SER I 14 -7.45 5.63 45.53
C SER I 14 -8.52 5.81 46.60
N LYS I 15 -8.58 7.02 47.19
CA LYS I 15 -9.53 7.36 48.24
C LYS I 15 -10.96 7.56 47.72
N VAL I 16 -11.11 7.99 46.47
CA VAL I 16 -12.45 8.22 45.90
C VAL I 16 -12.58 7.50 44.57
N ASN I 17 -13.23 6.34 44.59
CA ASN I 17 -13.37 5.54 43.39
C ASN I 17 -14.69 5.71 42.67
N SER I 18 -15.63 6.40 43.28
CA SER I 18 -16.92 6.62 42.63
C SER I 18 -17.28 8.10 42.82
N PHE I 19 -17.21 8.84 41.73
CA PHE I 19 -17.51 10.25 41.88
C PHE I 19 -18.01 10.88 40.62
N HIS I 20 -18.49 12.11 40.79
N HIS I 20 -18.47 12.11 40.76
CA HIS I 20 -19.05 12.93 39.73
CA HIS I 20 -18.89 12.88 39.60
C HIS I 20 -18.66 14.37 39.94
C HIS I 20 -18.60 14.32 39.92
N ALA I 21 -18.39 15.08 38.86
CA ALA I 21 -18.09 16.47 38.95
C ALA I 21 -18.36 17.17 37.63
N SER I 22 -18.57 18.49 37.70
N SER I 22 -18.57 18.48 37.70
CA SER I 22 -18.76 19.33 36.54
CA SER I 22 -18.74 19.29 36.53
C SER I 22 -17.37 19.88 36.22
C SER I 22 -17.34 19.75 36.19
N PHE I 23 -17.14 20.26 34.99
CA PHE I 23 -15.85 20.77 34.59
C PHE I 23 -15.92 21.95 33.64
N SER I 24 -14.83 22.71 33.58
CA SER I 24 -14.66 23.80 32.64
C SER I 24 -13.36 23.44 32.00
N GLN I 25 -13.23 23.76 30.72
CA GLN I 25 -12.02 23.46 29.95
C GLN I 25 -11.57 24.62 29.05
N ALA I 26 -10.26 24.79 28.92
CA ALA I 26 -9.73 25.82 28.01
C ALA I 26 -8.54 25.23 27.33
N VAL I 27 -8.52 25.35 25.99
CA VAL I 27 -7.35 24.89 25.19
C VAL I 27 -6.68 26.15 24.71
N THR I 28 -5.44 26.34 25.14
N THR I 28 -5.45 26.36 25.17
CA THR I 28 -4.67 27.52 24.80
CA THR I 28 -4.65 27.55 24.87
C THR I 28 -3.39 27.09 24.12
C THR I 28 -3.33 27.18 24.19
N SER I 29 -3.02 27.82 23.06
CA SER I 29 -1.76 27.52 22.36
C SER I 29 -0.59 28.20 23.06
N SER I 30 0.64 27.92 22.61
CA SER I 30 1.80 28.48 23.29
C SER I 30 1.90 30.00 23.29
N ASP I 31 1.25 30.63 22.32
CA ASP I 31 1.25 32.10 22.22
C ASP I 31 0.19 32.74 23.11
N GLY I 32 -0.55 31.92 23.83
CA GLY I 32 -1.55 32.40 24.74
C GLY I 32 -2.93 32.51 24.15
N ALA I 33 -3.06 32.20 22.86
CA ALA I 33 -4.36 32.29 22.21
C ALA I 33 -5.25 31.12 22.56
N VAL I 34 -6.50 31.42 22.89
CA VAL I 34 -7.47 30.39 23.17
C VAL I 34 -8.01 29.79 21.86
N VAL I 35 -7.88 28.47 21.76
CA VAL I 35 -8.39 27.71 20.63
C VAL I 35 -9.86 27.36 20.81
N GLN I 36 -10.22 26.92 22.02
CA GLN I 36 -11.58 26.55 22.38
C GLN I 36 -11.74 26.50 23.92
N GLU I 37 -12.96 26.79 24.37
CA GLU I 37 -13.35 26.71 25.80
C GLU I 37 -14.66 25.93 25.84
N GLY I 38 -14.92 25.25 26.94
CA GLY I 38 -16.15 24.48 27.04
C GLY I 38 -16.44 24.04 28.44
N GLU I 39 -17.58 23.37 28.60
CA GLU I 39 -18.00 22.86 29.89
C GLU I 39 -18.69 21.52 29.70
N GLY I 40 -18.89 20.86 30.81
CA GLY I 40 -19.58 19.60 30.85
C GLY I 40 -19.53 18.99 32.24
N GLU I 41 -19.72 17.68 32.25
CA GLU I 41 -19.72 16.91 33.48
C GLU I 41 -19.22 15.50 33.23
N LEU I 42 -18.81 14.84 34.30
CA LEU I 42 -18.26 13.49 34.25
C LEU I 42 -18.61 12.66 35.49
N TRP I 43 -18.73 11.36 35.26
CA TRP I 43 -19.01 10.39 36.28
C TRP I 43 -17.93 9.32 36.16
N VAL I 44 -17.35 8.88 37.27
CA VAL I 44 -16.34 7.82 37.23
C VAL I 44 -16.71 6.75 38.26
N LYS I 45 -16.53 5.47 37.89
CA LYS I 45 -16.74 4.38 38.83
C LYS I 45 -15.69 3.34 38.58
N ARG I 46 -14.65 3.32 39.41
CA ARG I 46 -13.63 2.33 39.23
C ARG I 46 -14.18 1.02 39.81
N PRO I 47 -13.90 -0.10 39.14
CA PRO I 47 -13.10 -0.12 37.95
C PRO I 47 -13.82 -0.10 36.60
N ASN I 48 -13.16 0.57 35.65
CA ASN I 48 -13.52 0.59 34.23
C ASN I 48 -14.77 1.26 33.71
N LEU I 49 -15.42 2.05 34.54
CA LEU I 49 -16.62 2.71 34.12
C LEU I 49 -16.51 4.22 34.22
N PHE I 50 -16.97 4.90 33.17
CA PHE I 50 -17.05 6.34 33.17
C PHE I 50 -17.98 6.86 32.10
N ASN I 51 -18.44 8.06 32.33
CA ASN I 51 -19.32 8.81 31.43
C ASN I 51 -18.82 10.24 31.48
N TRP I 52 -18.21 10.66 30.37
CA TRP I 52 -17.63 11.98 30.20
C TRP I 52 -18.51 12.68 29.17
N HIS I 53 -18.99 13.88 29.50
CA HIS I 53 -19.92 14.56 28.63
C HIS I 53 -19.70 16.06 28.50
N MET I 54 -19.25 16.48 27.32
N MET I 54 -19.23 16.50 27.33
CA MET I 54 -19.06 17.88 27.05
CA MET I 54 -19.01 17.92 27.05
C MET I 54 -20.39 18.36 26.52
C MET I 54 -20.35 18.40 26.49
N THR I 55 -20.92 19.41 27.12
CA THR I 55 -22.20 19.94 26.72
C THR I 55 -22.02 21.21 25.90
N SER I 56 -21.10 22.08 26.31
CA SER I 56 -20.88 23.29 25.56
C SER I 56 -19.42 23.51 25.16
N PRO I 57 -19.21 24.23 24.04
CA PRO I 57 -20.23 24.77 23.12
C PRO I 57 -20.71 23.75 22.09
N ASP I 58 -20.06 22.57 22.03
CA ASP I 58 -20.52 21.51 21.13
C ASP I 58 -20.58 20.24 21.98
N GLU I 59 -21.58 19.39 21.74
N GLU I 59 -21.57 19.40 21.74
CA GLU I 59 -21.73 18.19 22.55
CA GLU I 59 -21.70 18.18 22.53
C GLU I 59 -20.78 17.10 22.05
C GLU I 59 -20.77 17.09 22.05
N SER I 60 -20.22 16.36 23.01
CA SER I 60 -19.34 15.23 22.73
C SER I 60 -19.50 14.28 23.92
N VAL I 61 -19.53 12.98 23.61
CA VAL I 61 -19.72 11.93 24.59
C VAL I 61 -18.66 10.84 24.52
N LEU I 62 -18.12 10.49 25.67
CA LEU I 62 -17.11 9.45 25.79
C LEU I 62 -17.58 8.58 26.97
N ILE I 63 -17.93 7.33 26.69
CA ILE I 63 -18.45 6.40 27.71
C ILE I 63 -17.79 5.04 27.69
N SER I 64 -17.40 4.56 28.88
CA SER I 64 -16.90 3.21 28.99
C SER I 64 -17.94 2.43 29.77
N ASP I 65 -18.43 1.37 29.15
CA ASP I 65 -19.43 0.53 29.85
C ASP I 65 -18.78 -0.66 30.56
N GLY I 66 -17.45 -0.69 30.57
CA GLY I 66 -16.73 -1.76 31.24
C GLY I 66 -16.05 -2.70 30.29
N GLU I 67 -16.59 -2.78 29.07
CA GLU I 67 -16.06 -3.65 28.03
C GLU I 67 -15.76 -2.83 26.77
N THR I 68 -16.70 -1.98 26.39
CA THR I 68 -16.54 -1.14 25.21
C THR I 68 -16.36 0.35 25.57
N LEU I 69 -15.48 1.03 24.83
CA LEU I 69 -15.24 2.44 24.94
C LEU I 69 -15.90 3.05 23.73
N TRP I 70 -16.82 3.96 23.99
CA TRP I 70 -17.59 4.62 22.96
C TRP I 70 -17.34 6.14 22.86
N PHE I 71 -17.23 6.61 21.63
N PHE I 71 -17.16 6.64 21.63
CA PHE I 71 -17.12 8.02 21.38
CA PHE I 71 -16.95 8.07 21.29
C PHE I 71 -18.27 8.35 20.48
C PHE I 71 -18.10 8.48 20.36
N TYR I 72 -18.92 9.47 20.76
CA TYR I 72 -20.04 9.91 19.96
C TYR I 72 -20.12 11.43 19.74
N ASN I 73 -20.27 11.81 18.48
CA ASN I 73 -20.42 13.22 18.10
C ASN I 73 -21.79 13.37 17.43
N PRO I 74 -22.72 14.03 18.12
CA PRO I 74 -24.06 14.17 17.53
C PRO I 74 -24.12 14.98 16.22
N PHE I 75 -23.22 15.95 16.07
CA PHE I 75 -23.26 16.79 14.85
C PHE I 75 -22.97 16.04 13.55
N VAL I 76 -21.87 15.29 13.49
CA VAL I 76 -21.56 14.52 12.30
C VAL I 76 -22.31 13.16 12.33
N GLU I 77 -23.06 12.92 13.40
CA GLU I 77 -23.84 11.69 13.57
C GLU I 77 -23.01 10.44 13.45
N GLN I 78 -21.91 10.46 14.20
CA GLN I 78 -20.96 9.35 14.20
C GLN I 78 -20.57 8.89 15.59
N ALA I 79 -20.39 7.58 15.69
CA ALA I 79 -19.94 6.94 16.93
C ALA I 79 -18.79 6.00 16.57
N THR I 80 -17.90 5.75 17.53
CA THR I 80 -16.77 4.83 17.37
C THR I 80 -16.77 3.90 18.57
N ALA I 81 -16.66 2.59 18.33
CA ALA I 81 -16.61 1.60 19.40
C ALA I 81 -15.29 0.87 19.31
N THR I 82 -14.59 0.78 20.44
CA THR I 82 -13.33 0.01 20.58
C THR I 82 -13.40 -0.80 21.87
N TRP I 83 -12.56 -1.82 22.02
CA TRP I 83 -12.56 -2.59 23.25
C TRP I 83 -11.76 -1.80 24.29
N LEU I 84 -12.33 -1.59 25.48
CA LEU I 84 -11.68 -0.84 26.56
C LEU I 84 -10.31 -1.43 26.86
N LYS I 85 -10.20 -2.76 26.77
CA LYS I 85 -8.92 -3.45 27.04
C LYS I 85 -7.81 -2.89 26.16
N ASN I 86 -8.15 -2.35 24.99
CA ASN I 86 -7.12 -1.78 24.10
C ASN I 86 -6.79 -0.33 24.41
N ALA I 87 -7.57 0.32 25.29
CA ALA I 87 -7.30 1.71 25.65
C ALA I 87 -6.06 1.82 26.51
N THR I 88 -5.48 3.02 26.56
CA THR I 88 -4.30 3.30 27.36
C THR I 88 -4.57 4.57 28.15
N GLY I 89 -3.69 4.90 29.09
CA GLY I 89 -3.82 6.13 29.86
C GLY I 89 -3.13 7.20 29.05
N ASN I 90 -3.77 7.63 27.95
CA ASN I 90 -3.18 8.60 27.04
C ASN I 90 -3.58 10.05 27.27
N THR I 91 -4.47 10.28 28.24
CA THR I 91 -4.88 11.61 28.59
C THR I 91 -4.98 11.63 30.12
N PRO I 92 -4.97 12.83 30.72
CA PRO I 92 -5.09 12.91 32.18
C PRO I 92 -6.37 12.25 32.71
N PHE I 93 -7.50 12.44 32.00
CA PHE I 93 -8.77 11.85 32.41
C PHE I 93 -8.67 10.33 32.39
N MET I 94 -8.13 9.76 31.32
CA MET I 94 -7.98 8.32 31.26
C MET I 94 -7.09 7.79 32.38
N LEU I 95 -6.01 8.49 32.71
CA LEU I 95 -5.12 8.07 33.79
C LEU I 95 -5.84 8.07 35.12
N ILE I 96 -6.69 9.07 35.29
N ILE I 96 -6.68 9.07 35.31
CA ILE I 96 -7.48 9.19 36.50
CA ILE I 96 -7.47 9.19 36.53
C ILE I 96 -8.52 8.07 36.62
C ILE I 96 -8.54 8.10 36.63
N THR I 97 -9.19 7.74 35.51
CA THR I 97 -10.22 6.65 35.55
C THR I 97 -9.62 5.28 35.84
N ARG I 98 -8.40 5.04 35.37
CA ARG I 98 -7.71 3.75 35.51
C ARG I 98 -6.98 3.55 36.83
N ASN I 99 -6.34 4.63 37.30
CA ASN I 99 -5.49 4.68 38.48
C ASN I 99 -4.75 3.35 38.56
N ASN I 100 -3.86 3.16 37.58
CA ASN I 100 -3.14 1.91 37.42
C ASN I 100 -1.65 2.10 37.62
N PRO I 101 -1.07 1.43 38.65
CA PRO I 101 0.35 1.57 38.86
C PRO I 101 1.18 1.40 37.59
N ASP I 102 0.74 0.52 36.68
CA ASP I 102 1.47 0.29 35.41
C ASP I 102 1.52 1.53 34.52
N ASP I 103 0.49 2.36 34.58
CA ASP I 103 0.46 3.61 33.84
C ASP I 103 1.39 4.64 34.51
N TRP I 104 1.31 4.76 35.83
CA TRP I 104 2.05 5.77 36.56
C TRP I 104 3.57 5.61 36.50
N LYS I 105 4.02 4.37 36.45
CA LYS I 105 5.46 4.11 36.39
C LYS I 105 6.10 4.59 35.09
N GLN I 106 5.28 4.92 34.08
CA GLN I 106 5.75 5.41 32.77
C GLN I 106 6.09 6.90 32.82
N TYR I 107 5.94 7.49 34.00
CA TYR I 107 6.22 8.89 34.23
C TYR I 107 7.11 9.15 35.42
N ASN I 108 7.84 10.25 35.33
CA ASN I 108 8.61 10.81 36.43
C ASN I 108 7.61 11.81 37.04
N VAL I 109 7.27 11.59 38.29
CA VAL I 109 6.28 12.40 39.01
C VAL I 109 6.94 13.30 40.08
N LYS I 110 6.58 14.58 40.03
CA LYS I 110 7.08 15.56 40.98
C LYS I 110 5.88 16.14 41.75
N GLN I 111 6.05 16.34 43.05
CA GLN I 111 4.97 16.85 43.88
C GLN I 111 5.27 18.17 44.58
N LYS I 112 4.28 19.04 44.63
CA LYS I 112 4.40 20.32 45.31
C LYS I 112 3.02 20.55 45.95
N GLY I 113 2.89 20.10 47.21
CA GLY I 113 1.60 20.20 47.90
C GLY I 113 0.59 19.27 47.21
N ASP I 114 -0.54 19.81 46.78
CA ASP I 114 -1.55 19.03 46.08
C ASP I 114 -1.26 19.00 44.57
N ASP I 115 -0.23 19.71 44.11
CA ASP I 115 0.10 19.80 42.68
C ASP I 115 1.13 18.76 42.20
N PHE I 116 0.74 17.91 41.28
CA PHE I 116 1.61 16.87 40.74
C PHE I 116 1.92 17.16 39.30
N GLU I 117 3.18 16.96 38.89
CA GLU I 117 3.58 17.13 37.50
C GLU I 117 4.14 15.80 37.03
N LEU I 118 3.69 15.36 35.86
CA LEU I 118 4.10 14.07 35.27
C LEU I 118 4.76 14.23 33.91
N THR I 119 6.00 13.78 33.79
CA THR I 119 6.74 13.91 32.55
C THR I 119 7.00 12.48 32.05
N PRO I 120 6.68 12.19 30.77
CA PRO I 120 6.88 10.81 30.30
C PRO I 120 8.36 10.44 30.23
N LYS I 121 8.64 9.17 30.49
CA LYS I 121 10.02 8.65 30.44
C LYS I 121 10.45 8.34 29.00
N SER I 122 9.49 8.00 28.14
CA SER I 122 9.75 7.66 26.74
C SER I 122 8.99 8.60 25.82
N ALA I 123 9.58 8.92 24.66
CA ALA I 123 8.98 9.80 23.66
C ALA I 123 8.44 8.98 22.49
N GLY I 125 5.36 9.70 22.97
CA GLY I 125 4.29 10.26 22.14
C GLY I 125 4.57 11.68 21.69
N ASN I 126 3.57 12.55 21.83
CA ASN I 126 3.64 13.96 21.47
C ASN I 126 3.45 14.81 22.75
N LEU I 127 3.40 14.13 23.88
CA LEU I 127 3.19 14.76 25.16
C LEU I 127 4.44 15.42 25.68
N LYS I 128 4.28 16.57 26.35
CA LYS I 128 5.38 17.23 27.01
C LYS I 128 5.20 16.75 28.45
N GLN I 129 3.99 16.93 29.00
CA GLN I 129 3.68 16.49 30.33
C GLN I 129 2.21 16.65 30.72
N PHE I 130 1.88 16.08 31.87
CA PHE I 130 0.53 16.18 32.43
C PHE I 130 0.69 16.77 33.82
N ALA I 131 -0.35 17.41 34.33
CA ALA I 131 -0.35 17.95 35.70
C ALA I 131 -1.70 17.55 36.26
N ILE I 132 -1.76 17.23 37.55
CA ILE I 132 -3.00 16.88 38.20
C ILE I 132 -2.95 17.43 39.60
N SER I 133 -4.04 18.10 40.00
N SER I 133 -4.00 18.18 40.00
CA SER I 133 -4.12 18.64 41.34
CA SER I 133 -4.12 18.72 41.36
C SER I 133 -5.20 17.86 42.08
C SER I 133 -5.20 17.92 42.11
N VAL I 134 -4.82 17.30 43.23
CA VAL I 134 -5.74 16.50 44.07
C VAL I 134 -5.46 16.74 45.54
N THR I 135 -6.50 17.01 46.32
CA THR I 135 -6.30 17.29 47.76
C THR I 135 -5.92 16.03 48.54
N PRO I 136 -5.43 16.16 49.79
CA PRO I 136 -5.07 14.97 50.59
C PRO I 136 -6.20 13.94 50.76
N SER I 137 -7.44 14.41 50.89
N SER I 137 -7.44 14.44 50.89
CA SER I 137 -8.59 13.52 51.04
CA SER I 137 -8.62 13.57 51.03
C SER I 137 -9.10 12.96 49.71
C SER I 137 -9.13 13.00 49.70
N GLY I 138 -8.46 13.33 48.59
CA GLY I 138 -8.84 12.83 47.27
C GLY I 138 -9.74 13.67 46.36
N THR I 139 -9.97 14.95 46.68
CA THR I 139 -10.79 15.79 45.82
C THR I 139 -9.95 16.26 44.63
N ILE I 140 -10.31 15.87 43.41
CA ILE I 140 -9.56 16.31 42.23
C ILE I 140 -10.02 17.74 41.86
N LYS I 141 -9.07 18.68 41.88
CA LYS I 141 -9.38 20.08 41.57
C LYS I 141 -9.14 20.49 40.12
N SER I 142 -8.13 19.91 39.48
CA SER I 142 -7.82 20.26 38.10
C SER I 142 -6.82 19.29 37.47
N PHE I 143 -6.69 19.36 36.15
CA PHE I 143 -5.69 18.57 35.41
C PHE I 143 -5.38 19.25 34.09
N THR I 144 -4.15 19.12 33.63
CA THR I 144 -3.74 19.79 32.41
C THR I 144 -2.87 18.87 31.59
N ALA I 145 -2.94 18.98 30.27
CA ALA I 145 -2.03 18.21 29.39
C ALA I 145 -1.35 19.25 28.51
N VAL I 146 -0.03 19.13 28.34
CA VAL I 146 0.76 20.05 27.53
C VAL I 146 1.48 19.25 26.44
N GLU I 147 1.38 19.67 25.18
CA GLU I 147 2.09 18.96 24.11
C GLU I 147 3.40 19.62 23.79
N GLN I 148 4.20 18.93 22.95
CA GLN I 148 5.52 19.43 22.54
C GLN I 148 5.45 20.78 21.83
N ASP I 149 4.32 21.07 21.17
CA ASP I 149 4.18 22.36 20.49
C ASP I 149 3.79 23.48 21.47
N GLY I 150 3.61 23.13 22.75
CA GLY I 150 3.31 24.10 23.78
C GLY I 150 1.83 24.30 24.02
N GLN I 151 0.99 23.59 23.23
CA GLN I 151 -0.48 23.67 23.37
C GLN I 151 -0.92 23.11 24.72
N ARG I 152 -1.81 23.83 25.40
CA ARG I 152 -2.23 23.41 26.72
C ARG I 152 -3.71 23.17 26.80
N SER I 153 -4.08 22.01 27.36
CA SER I 153 -5.49 21.64 27.58
C SER I 153 -5.70 21.58 29.10
N ALA I 154 -6.44 22.54 29.62
CA ALA I 154 -6.68 22.68 31.04
C ALA I 154 -8.12 22.48 31.46
N TYR I 155 -8.33 21.68 32.51
CA TYR I 155 -9.68 21.41 33.06
C TYR I 155 -9.71 21.77 34.53
N THR I 156 -10.80 22.40 34.97
CA THR I 156 -10.97 22.70 36.39
C THR I 156 -12.28 22.01 36.73
N LEU I 157 -12.30 21.29 37.84
CA LEU I 157 -13.47 20.55 38.26
C LEU I 157 -14.16 21.19 39.47
N LYS I 158 -15.48 21.13 39.48
CA LYS I 158 -16.24 21.65 40.62
C LYS I 158 -17.38 20.73 41.02
N SER I 159 -18.05 21.13 42.10
CA SER I 159 -19.17 20.38 42.65
C SER I 159 -18.90 18.88 42.63
N GLN I 160 -17.72 18.51 43.14
CA GLN I 160 -17.28 17.12 43.19
C GLN I 160 -18.00 16.37 44.29
N GLN I 161 -18.61 15.24 43.93
CA GLN I 161 -19.35 14.44 44.88
C GLN I 161 -18.99 12.97 44.73
N SER I 162 -18.90 12.29 45.87
CA SER I 162 -18.63 10.87 45.86
C SER I 162 -19.98 10.20 46.02
N SER I 163 -20.45 9.54 44.98
CA SER I 163 -21.73 8.84 45.07
C SER I 163 -21.74 7.62 44.17
N VAL I 164 -22.75 6.78 44.36
CA VAL I 164 -22.91 5.54 43.58
C VAL I 164 -24.21 5.60 42.77
N VAL I 165 -24.07 6.23 41.60
CA VAL I 165 -25.12 6.49 40.61
C VAL I 165 -25.76 5.30 39.91
N ASP I 166 -26.88 5.61 39.24
CA ASP I 166 -27.61 4.64 38.44
C ASP I 166 -26.61 3.99 37.49
N ALA I 167 -26.45 2.67 37.56
CA ALA I 167 -25.52 1.94 36.68
C ALA I 167 -25.75 2.23 35.19
N SER I 168 -26.94 2.73 34.84
CA SER I 168 -27.28 3.08 33.46
C SER I 168 -26.43 4.24 32.94
N LYS I 169 -25.80 4.99 33.85
CA LYS I 169 -24.90 6.06 33.44
C LYS I 169 -23.76 5.55 32.55
N PHE I 170 -23.39 4.29 32.77
CA PHE I 170 -22.25 3.72 32.03
C PHE I 170 -22.69 2.71 30.97
N THR I 171 -23.64 3.15 30.13
CA THR I 171 -24.16 2.37 29.02
C THR I 171 -24.33 3.28 27.80
N PHE I 172 -24.26 2.72 26.60
CA PHE I 172 -24.44 3.49 25.38
C PHE I 172 -24.89 2.58 24.26
N THR I 173 -25.82 3.08 23.47
CA THR I 173 -26.32 2.37 22.30
C THR I 173 -26.43 3.50 21.30
N PRO I 174 -25.83 3.34 20.11
CA PRO I 174 -25.90 4.45 19.16
C PRO I 174 -27.35 4.81 18.80
N PRO I 175 -27.68 6.12 18.82
CA PRO I 175 -29.01 6.55 18.46
C PRO I 175 -29.36 6.16 17.03
N LYS I 176 -30.65 6.05 16.76
CA LYS I 176 -31.09 5.69 15.42
C LYS I 176 -30.55 6.73 14.44
N GLY I 177 -30.05 6.25 13.30
CA GLY I 177 -29.47 7.10 12.26
C GLY I 177 -27.99 7.46 12.42
N VAL I 178 -27.37 7.03 13.51
CA VAL I 178 -25.96 7.33 13.78
C VAL I 178 -25.14 6.22 13.14
N THR I 179 -24.06 6.58 12.45
CA THR I 179 -23.18 5.60 11.85
C THR I 179 -22.17 5.19 12.88
N LEU I 180 -22.05 3.89 13.08
CA LEU I 180 -21.11 3.36 14.04
C LEU I 180 -19.90 2.79 13.32
N ASP I 181 -18.71 3.26 13.71
CA ASP I 181 -17.44 2.75 13.23
C ASP I 181 -17.07 1.75 14.31
N ASP I 182 -17.40 0.49 14.07
CA ASP I 182 -17.14 -0.54 15.04
C ASP I 182 -15.77 -1.15 14.80
N GLN I 183 -14.81 -0.71 15.60
N GLN I 183 -14.82 -0.73 15.61
CA GLN I 183 -13.42 -1.20 15.52
CA GLN I 183 -13.45 -1.19 15.51
C GLN I 183 -13.20 -2.47 16.31
C GLN I 183 -13.19 -2.41 16.39
N ARG I 184 -14.23 -2.96 17.01
CA ARG I 184 -14.13 -4.15 17.85
C ARG I 184 -14.00 -5.43 16.99
N ASP J 4 -69.43 15.75 -28.83
CA ASP J 4 -68.39 15.27 -29.79
C ASP J 4 -67.09 14.79 -29.13
N ALA J 5 -66.41 15.65 -28.37
CA ALA J 5 -65.13 15.27 -27.73
C ALA J 5 -65.26 14.13 -26.72
N SER J 6 -66.22 14.23 -25.80
CA SER J 6 -66.43 13.20 -24.80
C SER J 6 -66.86 11.90 -25.49
N THR J 7 -67.73 12.01 -26.49
CA THR J 7 -68.17 10.85 -27.26
C THR J 7 -66.97 10.20 -27.97
N ASP J 8 -66.11 11.02 -28.56
CA ASP J 8 -64.94 10.46 -29.27
C ASP J 8 -63.98 9.79 -28.29
N LEU J 9 -63.70 10.45 -27.18
CA LEU J 9 -62.82 9.86 -26.17
C LEU J 9 -63.31 8.46 -25.79
N GLN J 10 -64.58 8.41 -25.42
CA GLN J 10 -65.23 7.16 -25.02
C GLN J 10 -65.16 6.08 -26.09
N ASN J 11 -65.37 6.46 -27.34
CA ASN J 11 -65.34 5.52 -28.45
C ASN J 11 -63.93 4.93 -28.55
N ARG J 12 -62.94 5.78 -28.35
CA ARG J 12 -61.55 5.31 -28.41
C ARG J 12 -61.22 4.36 -27.27
N LEU J 13 -61.66 4.70 -26.08
CA LEU J 13 -61.40 3.85 -24.91
C LEU J 13 -62.07 2.48 -25.07
N SER J 14 -63.27 2.47 -25.62
CA SER J 14 -64.02 1.24 -25.80
C SER J 14 -63.39 0.26 -26.78
N LYS J 15 -62.41 0.71 -27.58
CA LYS J 15 -61.79 -0.20 -28.55
C LYS J 15 -60.85 -1.22 -27.88
N VAL J 16 -60.35 -0.94 -26.67
CA VAL J 16 -59.44 -1.89 -26.00
C VAL J 16 -59.84 -2.02 -24.52
N ASN J 17 -60.57 -3.08 -24.20
CA ASN J 17 -61.04 -3.33 -22.83
C ASN J 17 -60.17 -4.22 -21.97
N SER J 18 -59.19 -4.85 -22.58
CA SER J 18 -58.27 -5.70 -21.85
C SER J 18 -56.87 -5.36 -22.36
N PHE J 19 -56.00 -4.88 -21.46
CA PHE J 19 -54.67 -4.46 -21.86
C PHE J 19 -53.67 -4.40 -20.71
N HIS J 20 -52.40 -4.41 -21.09
CA HIS J 20 -51.23 -4.33 -20.18
C HIS J 20 -50.36 -3.18 -20.66
N ALA J 21 -49.70 -2.48 -19.74
CA ALA J 21 -48.79 -1.41 -20.15
C ALA J 21 -47.79 -1.10 -19.08
N SER J 22 -46.58 -0.73 -19.52
CA SER J 22 -45.56 -0.33 -18.59
C SER J 22 -45.65 1.20 -18.55
N PHE J 23 -45.33 1.83 -17.42
CA PHE J 23 -45.43 3.28 -17.37
C PHE J 23 -44.29 3.94 -16.61
N SER J 24 -44.16 5.24 -16.82
CA SER J 24 -43.21 6.09 -16.10
C SER J 24 -44.12 7.16 -15.50
N GLN J 25 -43.76 7.62 -14.31
CA GLN J 25 -44.59 8.56 -13.56
C GLN J 25 -43.76 9.64 -12.94
N ALA J 26 -44.32 10.84 -12.88
CA ALA J 26 -43.65 12.00 -12.26
C ALA J 26 -44.69 12.94 -11.64
N VAL J 27 -44.43 13.32 -10.40
CA VAL J 27 -45.28 14.28 -9.72
C VAL J 27 -44.41 15.53 -9.64
N THR J 28 -44.98 16.66 -10.05
N THR J 28 -44.94 16.67 -10.10
CA THR J 28 -44.25 17.93 -10.02
CA THR J 28 -44.21 17.96 -10.08
C THR J 28 -45.14 19.01 -9.44
C THR J 28 -45.09 19.07 -9.52
N SER J 29 -44.56 19.85 -8.59
CA SER J 29 -45.31 20.98 -8.01
C SER J 29 -45.37 22.11 -9.05
N SER J 30 -46.15 23.15 -8.77
CA SER J 30 -46.33 24.27 -9.71
C SER J 30 -45.05 25.02 -10.04
N ASP J 31 -44.08 24.98 -9.12
CA ASP J 31 -42.80 25.67 -9.33
C ASP J 31 -41.85 24.86 -10.21
N GLY J 32 -42.25 23.64 -10.57
CA GLY J 32 -41.44 22.78 -11.43
C GLY J 32 -40.63 21.75 -10.68
N ALA J 33 -40.57 21.84 -9.36
CA ALA J 33 -39.83 20.85 -8.60
C ALA J 33 -40.50 19.48 -8.64
N VAL J 34 -39.74 18.45 -9.02
CA VAL J 34 -40.26 17.09 -9.01
C VAL J 34 -40.29 16.56 -7.56
N VAL J 35 -41.46 16.12 -7.14
CA VAL J 35 -41.65 15.60 -5.78
C VAL J 35 -41.20 14.15 -5.75
N GLN J 36 -41.63 13.40 -6.77
CA GLN J 36 -41.26 12.00 -6.89
C GLN J 36 -41.47 11.58 -8.33
N GLU J 37 -40.76 10.54 -8.72
CA GLU J 37 -40.91 10.00 -10.06
C GLU J 37 -40.49 8.54 -10.02
N GLY J 38 -41.21 7.72 -10.77
CA GLY J 38 -40.92 6.29 -10.76
C GLY J 38 -41.49 5.59 -11.96
N GLU J 39 -41.63 4.28 -11.85
CA GLU J 39 -42.15 3.49 -12.95
C GLU J 39 -42.76 2.21 -12.48
N GLY J 40 -43.54 1.59 -13.36
CA GLY J 40 -44.20 0.38 -13.01
C GLY J 40 -44.95 -0.20 -14.20
N GLU J 41 -46.03 -0.89 -13.90
CA GLU J 41 -46.82 -1.52 -14.93
C GLU J 41 -48.22 -1.77 -14.44
N LEU J 42 -49.12 -1.94 -15.39
CA LEU J 42 -50.52 -2.13 -15.10
C LEU J 42 -51.23 -3.01 -16.09
N TRP J 43 -52.27 -3.67 -15.59
CA TRP J 43 -53.14 -4.53 -16.34
C TRP J 43 -54.57 -4.06 -16.07
N VAL J 44 -55.41 -4.06 -17.11
CA VAL J 44 -56.81 -3.64 -16.99
C VAL J 44 -57.66 -4.63 -17.76
N LYS J 45 -58.77 -5.03 -17.17
CA LYS J 45 -59.71 -5.93 -17.85
C LYS J 45 -61.06 -5.38 -17.47
N ARG J 46 -61.64 -4.63 -18.39
CA ARG J 46 -62.95 -4.09 -18.16
C ARG J 46 -63.85 -5.32 -18.25
N PRO J 47 -65.00 -5.30 -17.58
N PRO J 47 -64.95 -5.27 -17.48
CA PRO J 47 -65.63 -4.27 -16.76
CA PRO J 47 -65.37 -4.11 -16.64
C PRO J 47 -64.87 -3.58 -15.61
C PRO J 47 -64.63 -3.63 -15.35
N ASN J 48 -64.50 -4.32 -14.55
N ASN J 48 -64.62 -4.42 -14.28
CA ASN J 48 -63.90 -3.74 -13.34
CA ASN J 48 -64.04 -4.02 -12.97
C ASN J 48 -62.75 -4.46 -12.60
C ASN J 48 -62.76 -4.67 -12.50
N LEU J 49 -61.83 -5.00 -13.38
CA LEU J 49 -60.62 -5.69 -12.91
C LEU J 49 -59.40 -4.91 -13.32
N PHE J 50 -58.43 -4.83 -12.41
CA PHE J 50 -57.18 -4.18 -12.74
C PHE J 50 -56.14 -4.48 -11.68
N ASN J 51 -54.90 -4.50 -12.13
CA ASN J 51 -53.73 -4.68 -11.29
C ASN J 51 -52.78 -3.53 -11.66
N TRP J 52 -52.53 -2.64 -10.70
CA TRP J 52 -51.65 -1.47 -10.85
C TRP J 52 -50.49 -1.64 -9.88
N HIS J 53 -49.26 -1.56 -10.40
CA HIS J 53 -48.09 -1.84 -9.60
C HIS J 53 -46.90 -0.91 -9.86
N MET J 54 -46.51 -0.12 -8.86
N MET J 54 -46.51 -0.13 -8.86
CA MET J 54 -45.34 0.76 -8.95
CA MET J 54 -45.34 0.71 -8.99
C MET J 54 -44.18 -0.13 -8.49
C MET J 54 -44.19 -0.17 -8.50
N THR J 55 -43.16 -0.27 -9.32
CA THR J 55 -42.02 -1.12 -9.02
C THR J 55 -40.81 -0.34 -8.49
N SER J 56 -40.66 0.91 -8.89
CA SER J 56 -39.54 1.77 -8.47
C SER J 56 -40.00 3.21 -8.36
N PRO J 57 -39.42 3.99 -7.41
CA PRO J 57 -38.37 3.61 -6.46
C PRO J 57 -38.93 2.89 -5.21
N ASP J 58 -40.19 3.18 -4.89
CA ASP J 58 -40.89 2.61 -3.73
C ASP J 58 -42.08 1.80 -4.23
N GLU J 59 -42.11 0.51 -3.90
CA GLU J 59 -43.17 -0.39 -4.36
C GLU J 59 -44.52 -0.20 -3.69
N SER J 60 -45.59 -0.26 -4.49
CA SER J 60 -46.96 -0.21 -3.97
C SER J 60 -47.83 -0.99 -4.96
N VAL J 61 -48.93 -1.54 -4.45
CA VAL J 61 -49.85 -2.38 -5.22
C VAL J 61 -51.30 -1.90 -5.03
N LEU J 62 -52.03 -1.79 -6.13
CA LEU J 62 -53.45 -1.44 -6.11
C LEU J 62 -54.12 -2.43 -7.03
N ILE J 63 -54.96 -3.30 -6.46
CA ILE J 63 -55.64 -4.35 -7.23
C ILE J 63 -57.15 -4.40 -7.04
N SER J 64 -57.92 -4.44 -8.13
CA SER J 64 -59.37 -4.65 -8.00
C SER J 64 -59.63 -6.08 -8.45
N ASP J 65 -60.26 -6.86 -7.58
CA ASP J 65 -60.58 -8.23 -7.92
C ASP J 65 -62.03 -8.36 -8.44
N GLY J 66 -62.67 -7.24 -8.73
CA GLY J 66 -64.05 -7.20 -9.24
C GLY J 66 -65.08 -6.82 -8.19
N GLU J 67 -64.71 -6.99 -6.92
CA GLU J 67 -65.59 -6.71 -5.78
C GLU J 67 -64.84 -5.94 -4.67
N THR J 68 -63.59 -6.29 -4.42
CA THR J 68 -62.80 -5.59 -3.41
C THR J 68 -61.64 -4.88 -4.12
N LEU J 69 -61.31 -3.70 -3.61
CA LEU J 69 -60.19 -2.90 -4.05
C LEU J 69 -59.16 -3.06 -2.95
N TRP J 70 -57.95 -3.48 -3.32
CA TRP J 70 -56.86 -3.74 -2.36
C TRP J 70 -55.69 -2.79 -2.58
N PHE J 71 -55.17 -2.21 -1.50
CA PHE J 71 -53.97 -1.36 -1.56
C PHE J 71 -52.97 -1.93 -0.59
N TYR J 72 -51.77 -2.16 -1.09
CA TYR J 72 -50.70 -2.74 -0.31
C TYR J 72 -49.39 -1.99 -0.41
N ASN J 73 -48.81 -1.75 0.75
CA ASN J 73 -47.50 -1.12 0.86
C ASN J 73 -46.62 -2.06 1.70
N PRO J 74 -45.71 -2.79 1.04
CA PRO J 74 -44.86 -3.72 1.78
C PRO J 74 -43.93 -3.03 2.80
N PHE J 75 -43.51 -1.81 2.51
CA PHE J 75 -42.62 -1.09 3.44
C PHE J 75 -43.14 -0.93 4.88
N VAL J 76 -44.39 -0.49 5.02
CA VAL J 76 -45.00 -0.31 6.35
C VAL J 76 -45.82 -1.54 6.73
N GLU J 77 -45.79 -2.54 5.85
CA GLU J 77 -46.49 -3.80 6.00
C GLU J 77 -47.96 -3.63 6.31
N GLN J 78 -48.61 -2.83 5.48
CA GLN J 78 -50.03 -2.59 5.63
C GLN J 78 -50.75 -2.78 4.30
N ALA J 79 -51.97 -3.31 4.38
CA ALA J 79 -52.84 -3.45 3.24
C ALA J 79 -54.16 -2.85 3.71
N THR J 80 -54.97 -2.40 2.76
CA THR J 80 -56.27 -1.86 3.02
C THR J 80 -57.19 -2.52 2.01
N ALA J 81 -58.36 -2.91 2.50
CA ALA J 81 -59.43 -3.52 1.71
C ALA J 81 -60.67 -2.61 1.76
N THR J 82 -61.28 -2.37 0.61
CA THR J 82 -62.52 -1.57 0.54
C THR J 82 -63.36 -2.16 -0.55
N TRP J 83 -64.68 -1.92 -0.51
CA TRP J 83 -65.53 -2.44 -1.57
C TRP J 83 -65.28 -1.56 -2.78
N LEU J 84 -65.16 -2.19 -3.96
CA LEU J 84 -64.94 -1.46 -5.20
C LEU J 84 -66.08 -0.47 -5.43
N LYS J 85 -67.32 -0.88 -5.08
CA LYS J 85 -68.48 0.01 -5.26
C LYS J 85 -68.31 1.35 -4.55
N ASN J 86 -67.51 1.39 -3.49
CA ASN J 86 -67.27 2.65 -2.79
C ASN J 86 -66.28 3.53 -3.55
N ALA J 87 -65.52 2.94 -4.47
CA ALA J 87 -64.58 3.73 -5.26
C ALA J 87 -65.33 4.55 -6.30
N THR J 88 -64.63 5.58 -6.78
CA THR J 88 -65.17 6.53 -7.76
C THR J 88 -64.10 6.85 -8.81
N GLY J 89 -64.44 7.68 -9.79
CA GLY J 89 -63.49 8.11 -10.82
C GLY J 89 -62.69 9.29 -10.31
N ASN J 90 -62.02 9.12 -9.16
CA ASN J 90 -61.23 10.20 -8.53
C ASN J 90 -59.82 10.41 -9.11
N THR J 91 -59.39 9.50 -9.96
CA THR J 91 -58.08 9.59 -10.59
C THR J 91 -58.21 9.26 -12.09
N PRO J 92 -57.24 9.71 -12.90
CA PRO J 92 -57.30 9.38 -14.33
C PRO J 92 -57.32 7.86 -14.56
N PHE J 93 -56.48 7.13 -13.84
CA PHE J 93 -56.46 5.67 -13.96
C PHE J 93 -57.81 5.02 -13.65
N MET J 94 -58.49 5.49 -12.61
CA MET J 94 -59.81 4.94 -12.27
C MET J 94 -60.78 5.23 -13.40
N LEU J 95 -60.75 6.46 -13.88
CA LEU J 95 -61.61 6.86 -15.00
C LEU J 95 -61.42 5.93 -16.20
N ILE J 96 -60.16 5.63 -16.48
CA ILE J 96 -59.78 4.75 -17.57
C ILE J 96 -60.21 3.31 -17.37
N THR J 97 -60.05 2.75 -16.17
CA THR J 97 -60.45 1.35 -15.96
C THR J 97 -61.95 1.16 -16.09
N ARG J 98 -62.72 2.19 -15.74
CA ARG J 98 -64.18 2.13 -15.73
C ARG J 98 -64.84 2.42 -17.08
N ASN J 99 -64.36 3.47 -17.73
CA ASN J 99 -64.90 3.99 -18.97
C ASN J 99 -66.42 4.02 -18.81
N ASN J 100 -66.85 4.77 -17.81
N ASN J 100 -66.87 4.72 -17.79
CA ASN J 100 -68.24 4.91 -17.43
CA ASN J 100 -68.28 4.82 -17.48
C ASN J 100 -68.85 6.21 -17.96
C ASN J 100 -68.86 6.15 -17.94
N PRO J 101 -69.89 6.10 -18.81
CA PRO J 101 -70.51 7.32 -19.32
C PRO J 101 -70.96 8.32 -18.25
N ASP J 102 -71.43 7.82 -17.11
CA ASP J 102 -71.85 8.68 -16.00
C ASP J 102 -70.66 9.50 -15.48
N ASP J 103 -69.47 8.90 -15.41
CA ASP J 103 -68.27 9.62 -14.98
C ASP J 103 -67.93 10.76 -15.95
N TRP J 104 -67.91 10.47 -17.24
CA TRP J 104 -67.52 11.47 -18.25
C TRP J 104 -68.46 12.69 -18.30
N LYS J 105 -69.75 12.49 -18.04
CA LYS J 105 -70.72 13.60 -18.06
C LYS J 105 -70.41 14.71 -17.04
N GLN J 106 -69.56 14.41 -16.07
CA GLN J 106 -69.21 15.38 -15.03
C GLN J 106 -68.04 16.28 -15.40
N TYR J 107 -67.58 16.22 -16.64
CA TYR J 107 -66.48 17.03 -17.09
C TYR J 107 -66.80 17.74 -18.40
N ASN J 108 -66.10 18.86 -18.64
CA ASN J 108 -66.22 19.55 -19.91
C ASN J 108 -65.02 18.98 -20.67
N VAL J 109 -65.30 18.17 -21.70
CA VAL J 109 -64.25 17.55 -22.49
C VAL J 109 -63.99 18.34 -23.74
N LYS J 110 -62.70 18.55 -24.02
CA LYS J 110 -62.19 19.25 -25.19
C LYS J 110 -61.21 18.32 -25.87
N GLN J 111 -61.17 18.38 -27.19
CA GLN J 111 -60.28 17.53 -27.97
C GLN J 111 -59.40 18.32 -28.93
N LYS J 112 -58.15 17.88 -28.99
CA LYS J 112 -57.12 18.42 -29.84
C LYS J 112 -56.41 17.17 -30.38
N GLY J 113 -56.89 16.65 -31.52
CA GLY J 113 -56.31 15.45 -32.10
C GLY J 113 -56.45 14.27 -31.15
N ASP J 114 -55.33 13.65 -30.78
CA ASP J 114 -55.33 12.54 -29.82
C ASP J 114 -55.39 13.04 -28.37
N ASP J 115 -55.20 14.34 -28.15
CA ASP J 115 -55.19 14.97 -26.81
C ASP J 115 -56.55 15.48 -26.27
N PHE J 116 -56.98 14.88 -25.16
CA PHE J 116 -58.21 15.22 -24.49
C PHE J 116 -57.94 15.91 -23.16
N GLU J 117 -58.79 16.88 -22.85
N GLU J 117 -58.76 16.88 -22.82
CA GLU J 117 -58.70 17.68 -21.65
CA GLU J 117 -58.61 17.61 -21.57
C GLU J 117 -60.03 17.70 -20.93
C GLU J 117 -59.97 17.77 -20.90
N LEU J 118 -60.04 17.34 -19.65
CA LEU J 118 -61.27 17.35 -18.87
C LEU J 118 -61.21 18.32 -17.71
N THR J 119 -62.17 19.24 -17.68
CA THR J 119 -62.29 20.22 -16.61
C THR J 119 -63.59 19.83 -15.89
N PRO J 120 -63.53 19.64 -14.56
CA PRO J 120 -64.75 19.24 -13.88
C PRO J 120 -65.83 20.34 -13.95
N LYS J 121 -67.09 19.93 -14.08
CA LYS J 121 -68.20 20.88 -14.16
C LYS J 121 -68.48 21.53 -12.80
N SER J 122 -68.48 20.70 -11.76
CA SER J 122 -68.70 21.20 -10.40
C SER J 122 -67.37 21.27 -9.68
N LEU J 127 -60.02 18.08 -8.04
CA LEU J 127 -58.93 18.40 -8.95
C LEU J 127 -59.17 19.73 -9.65
N LYS J 128 -58.22 20.09 -10.51
CA LYS J 128 -58.34 21.28 -11.32
C LYS J 128 -58.64 20.78 -12.74
N GLN J 129 -57.93 19.72 -13.16
CA GLN J 129 -58.12 19.17 -14.50
C GLN J 129 -57.42 17.83 -14.75
N PHE J 130 -57.98 17.05 -15.68
N PHE J 130 -57.95 17.07 -15.71
CA PHE J 130 -57.39 15.77 -16.10
CA PHE J 130 -57.43 15.79 -16.14
C PHE J 130 -57.09 15.88 -17.60
C PHE J 130 -57.14 15.83 -17.63
N ALA J 131 -56.02 15.23 -18.04
CA ALA J 131 -55.64 15.20 -19.46
C ALA J 131 -55.30 13.76 -19.86
N ILE J 132 -55.77 13.33 -21.02
CA ILE J 132 -55.53 11.97 -21.52
C ILE J 132 -55.24 11.99 -23.02
N SER J 133 -54.22 11.23 -23.42
CA SER J 133 -53.82 11.11 -24.82
C SER J 133 -54.02 9.67 -25.29
N VAL J 134 -54.91 9.51 -26.27
CA VAL J 134 -55.28 8.22 -26.82
C VAL J 134 -55.41 8.29 -28.33
N THR J 135 -54.78 7.35 -29.03
CA THR J 135 -54.79 7.30 -30.49
C THR J 135 -56.16 6.87 -31.00
N PRO J 136 -56.45 7.14 -32.27
CA PRO J 136 -57.75 6.72 -32.77
C PRO J 136 -57.97 5.20 -32.63
N SER J 137 -56.90 4.40 -32.66
CA SER J 137 -57.06 2.95 -32.55
C SER J 137 -57.16 2.46 -31.10
N GLY J 138 -57.05 3.37 -30.14
CA GLY J 138 -57.20 3.02 -28.74
C GLY J 138 -55.95 2.81 -27.94
N THR J 139 -54.81 3.29 -28.43
CA THR J 139 -53.58 3.12 -27.68
C THR J 139 -53.46 4.32 -26.74
N ILE J 140 -53.53 4.06 -25.42
CA ILE J 140 -53.41 5.13 -24.42
C ILE J 140 -51.92 5.45 -24.30
N LYS J 141 -51.54 6.68 -24.63
N LYS J 141 -51.58 6.69 -24.62
CA LYS J 141 -50.14 7.11 -24.57
CA LYS J 141 -50.21 7.18 -24.60
C LYS J 141 -49.77 7.80 -23.25
C LYS J 141 -49.80 7.78 -23.26
N SER J 142 -50.68 8.59 -22.67
CA SER J 142 -50.38 9.25 -21.40
C SER J 142 -51.63 9.79 -20.73
N PHE J 143 -51.49 10.16 -19.47
CA PHE J 143 -52.59 10.76 -18.74
C PHE J 143 -52.02 11.59 -17.59
N THR J 144 -52.66 12.73 -17.33
CA THR J 144 -52.18 13.63 -16.31
C THR J 144 -53.28 14.27 -15.47
N ALA J 145 -53.00 14.46 -14.17
CA ALA J 145 -53.96 15.07 -13.27
C ALA J 145 -53.32 16.33 -12.67
N VAL J 146 -54.06 17.44 -12.70
CA VAL J 146 -53.56 18.68 -12.12
C VAL J 146 -54.48 18.99 -10.95
N GLU J 147 -53.88 19.22 -9.78
N GLU J 147 -53.89 19.25 -9.79
CA GLU J 147 -54.63 19.52 -8.55
CA GLU J 147 -54.67 19.52 -8.59
C GLU J 147 -54.81 21.02 -8.33
C GLU J 147 -54.81 21.02 -8.33
N GLN J 148 -55.62 21.37 -7.34
CA GLN J 148 -55.89 22.76 -6.94
C GLN J 148 -54.62 23.60 -6.78
N ASP J 149 -53.62 23.06 -6.07
CA ASP J 149 -52.37 23.81 -5.86
C ASP J 149 -51.47 23.86 -7.11
N GLY J 150 -51.91 23.23 -8.19
CA GLY J 150 -51.15 23.19 -9.45
C GLY J 150 -50.24 21.99 -9.57
N GLN J 151 -50.25 21.12 -8.55
CA GLN J 151 -49.42 19.90 -8.54
C GLN J 151 -49.92 18.95 -9.63
N ARG J 152 -48.96 18.47 -10.40
CA ARG J 152 -49.23 17.60 -11.53
C ARG J 152 -48.70 16.18 -11.38
N SER J 153 -49.53 15.21 -11.77
N SER J 153 -49.52 15.23 -11.80
CA SER J 153 -49.15 13.80 -11.74
CA SER J 153 -49.20 13.82 -11.75
C SER J 153 -49.22 13.32 -13.18
C SER J 153 -49.23 13.33 -13.19
N ALA J 154 -48.06 13.19 -13.82
CA ALA J 154 -47.95 12.77 -15.22
C ALA J 154 -47.54 11.31 -15.43
N TYR J 155 -48.39 10.55 -16.12
CA TYR J 155 -48.09 9.16 -16.43
C TYR J 155 -47.89 9.04 -17.91
N THR J 156 -46.86 8.32 -18.31
CA THR J 156 -46.63 8.10 -19.72
C THR J 156 -46.56 6.59 -19.90
N LEU J 157 -47.37 6.09 -20.81
N LEU J 157 -47.39 6.08 -20.79
CA LEU J 157 -47.43 4.68 -21.13
CA LEU J 157 -47.42 4.65 -21.11
C LEU J 157 -46.49 4.44 -22.30
C LEU J 157 -46.50 4.41 -22.29
N LYS J 158 -45.28 3.99 -21.96
CA LYS J 158 -44.22 3.72 -22.94
C LYS J 158 -44.36 2.44 -23.75
N SER J 159 -45.32 1.58 -23.37
CA SER J 159 -45.58 0.33 -24.07
C SER J 159 -46.99 -0.16 -23.71
N GLN J 160 -47.76 -0.64 -24.71
CA GLN J 160 -49.12 -1.15 -24.48
C GLN J 160 -49.47 -2.31 -25.42
N GLN J 161 -50.12 -3.33 -24.86
CA GLN J 161 -50.53 -4.51 -25.60
C GLN J 161 -52.00 -4.82 -25.32
N SER J 162 -52.76 -5.08 -26.38
CA SER J 162 -54.18 -5.45 -26.25
C SER J 162 -54.23 -6.96 -26.19
N SER J 163 -54.42 -7.49 -24.99
CA SER J 163 -54.49 -8.94 -24.80
C SER J 163 -55.13 -9.29 -23.46
N VAL J 164 -55.53 -10.55 -23.34
CA VAL J 164 -56.14 -11.05 -22.12
C VAL J 164 -55.01 -11.53 -21.21
N VAL J 165 -55.31 -11.68 -19.93
CA VAL J 165 -54.34 -12.12 -18.94
C VAL J 165 -55.01 -13.13 -18.02
N ASP J 166 -54.19 -13.96 -17.38
CA ASP J 166 -54.69 -14.94 -16.43
C ASP J 166 -55.46 -14.18 -15.35
N ALA J 167 -56.70 -14.57 -15.12
CA ALA J 167 -57.56 -13.93 -14.13
C ALA J 167 -56.89 -13.83 -12.74
N SER J 168 -55.93 -14.71 -12.46
CA SER J 168 -55.21 -14.67 -11.17
C SER J 168 -54.43 -13.36 -10.97
N LYS J 169 -54.28 -12.55 -12.03
CA LYS J 169 -53.57 -11.30 -11.91
C LYS J 169 -54.45 -10.34 -11.09
N PHE J 170 -55.76 -10.57 -11.14
CA PHE J 170 -56.74 -9.72 -10.46
C PHE J 170 -57.19 -10.36 -9.17
N THR J 171 -56.22 -10.79 -8.35
CA THR J 171 -56.49 -11.38 -7.04
C THR J 171 -55.43 -10.87 -6.06
N PHE J 172 -55.73 -10.92 -4.77
CA PHE J 172 -54.79 -10.50 -3.75
C PHE J 172 -55.19 -11.04 -2.41
N THR J 173 -54.17 -11.51 -1.69
N THR J 173 -54.22 -11.56 -1.67
CA THR J 173 -54.28 -12.05 -0.35
CA THR J 173 -54.43 -12.02 -0.30
C THR J 173 -53.16 -11.34 0.42
C THR J 173 -53.24 -11.40 0.45
N PRO J 174 -53.49 -10.70 1.57
CA PRO J 174 -52.38 -10.05 2.31
C PRO J 174 -51.32 -11.06 2.75
N PRO J 175 -50.02 -10.77 2.49
CA PRO J 175 -48.92 -11.64 2.88
C PRO J 175 -48.84 -11.82 4.39
N LYS J 176 -48.12 -12.86 4.82
CA LYS J 176 -48.03 -13.10 6.22
C LYS J 176 -47.34 -11.93 6.91
N GLY J 177 -47.88 -11.52 8.05
CA GLY J 177 -47.29 -10.40 8.82
C GLY J 177 -47.83 -9.02 8.44
N VAL J 178 -48.61 -8.96 7.38
CA VAL J 178 -49.18 -7.68 6.90
C VAL J 178 -50.47 -7.43 7.64
N THR J 179 -50.63 -6.22 8.16
CA THR J 179 -51.84 -5.83 8.90
C THR J 179 -52.88 -5.38 7.89
N LEU J 180 -54.09 -5.90 8.00
CA LEU J 180 -55.13 -5.51 7.08
C LEU J 180 -56.12 -4.58 7.72
N ASP J 181 -56.28 -3.39 7.11
CA ASP J 181 -57.29 -2.43 7.52
C ASP J 181 -58.44 -2.77 6.59
N ASP J 182 -59.35 -3.59 7.09
CA ASP J 182 -60.49 -4.03 6.33
C ASP J 182 -61.64 -3.08 6.57
N GLN J 183 -61.86 -2.17 5.62
N GLN J 183 -61.85 -2.18 5.60
CA GLN J 183 -62.92 -1.17 5.70
CA GLN J 183 -62.90 -1.16 5.65
C GLN J 183 -64.28 -1.73 5.29
C GLN J 183 -64.24 -1.64 5.11
N ARG J 184 -64.27 -2.91 4.68
CA ARG J 184 -65.49 -3.54 4.18
C ARG J 184 -66.51 -3.80 5.27
N ASP K 4 -69.55 7.51 22.80
CA ASP K 4 -68.74 6.46 23.47
C ASP K 4 -67.34 6.31 22.85
N ALA K 5 -67.25 6.45 21.53
CA ALA K 5 -65.99 6.26 20.80
C ALA K 5 -64.90 7.26 21.20
N SER K 6 -65.26 8.54 21.25
CA SER K 6 -64.29 9.59 21.61
C SER K 6 -63.86 9.45 23.05
N THR K 7 -64.82 9.15 23.92
CA THR K 7 -64.52 8.97 25.32
C THR K 7 -63.54 7.78 25.51
N ASP K 8 -63.73 6.71 24.73
CA ASP K 8 -62.83 5.55 24.86
C ASP K 8 -61.41 5.82 24.31
N LEU K 9 -61.30 6.50 23.15
CA LEU K 9 -59.96 6.80 22.60
C LEU K 9 -59.14 7.60 23.61
N GLN K 10 -59.78 8.60 24.19
CA GLN K 10 -59.16 9.46 25.16
C GLN K 10 -58.77 8.67 26.42
N ASN K 11 -59.62 7.73 26.83
CA ASN K 11 -59.33 6.93 28.00
C ASN K 11 -58.10 6.06 27.71
N ARG K 12 -58.05 5.44 26.53
CA ARG K 12 -56.89 4.64 26.14
C ARG K 12 -55.61 5.48 26.05
N LEU K 13 -55.70 6.67 25.47
CA LEU K 13 -54.54 7.55 25.35
C LEU K 13 -54.05 8.03 26.72
N SER K 14 -54.97 8.21 27.68
CA SER K 14 -54.62 8.67 29.04
C SER K 14 -53.79 7.69 29.88
N LYS K 15 -53.73 6.42 29.47
CA LYS K 15 -52.97 5.39 30.19
C LYS K 15 -51.44 5.48 30.05
N VAL K 16 -50.94 6.13 29.00
CA VAL K 16 -49.48 6.21 28.74
C VAL K 16 -49.13 7.65 28.34
N ASN K 17 -48.62 8.40 29.31
CA ASN K 17 -48.31 9.81 29.13
C ASN K 17 -46.88 10.11 28.78
N SER K 18 -46.02 9.12 29.04
CA SER K 18 -44.60 9.23 28.72
C SER K 18 -44.22 7.95 27.97
N PHE K 19 -43.70 8.13 26.77
CA PHE K 19 -43.33 7.02 25.92
C PHE K 19 -42.42 7.40 24.78
N HIS K 20 -41.78 6.35 24.25
CA HIS K 20 -40.87 6.38 23.13
C HIS K 20 -41.26 5.27 22.18
N ALA K 21 -40.97 5.47 20.90
CA ALA K 21 -41.24 4.45 19.92
C ALA K 21 -40.53 4.74 18.61
N SER K 22 -40.28 3.70 17.84
CA SER K 22 -39.68 3.90 16.53
C SER K 22 -40.85 3.80 15.60
N PHE K 23 -40.68 4.35 14.40
CA PHE K 23 -41.73 4.30 13.40
C PHE K 23 -41.25 4.22 11.96
N SER K 24 -42.17 3.75 11.12
CA SER K 24 -41.99 3.72 9.68
C SER K 24 -43.12 4.60 9.20
N GLN K 25 -42.90 5.31 8.09
CA GLN K 25 -43.87 6.23 7.53
C GLN K 25 -43.96 5.98 6.03
N ALA K 26 -45.15 6.15 5.48
CA ALA K 26 -45.35 6.03 4.03
C ALA K 26 -46.41 7.07 3.63
N VAL K 27 -46.07 7.90 2.63
CA VAL K 27 -46.97 8.91 2.09
C VAL K 27 -47.30 8.47 0.68
N THR K 28 -48.58 8.30 0.42
CA THR K 28 -49.06 7.86 -0.89
C THR K 28 -50.16 8.76 -1.38
N SER K 29 -50.25 8.92 -2.70
CA SER K 29 -51.30 9.75 -3.30
C SER K 29 -52.55 8.87 -3.51
N SER K 30 -53.70 9.48 -3.83
CA SER K 30 -54.93 8.70 -3.98
C SER K 30 -54.90 7.66 -5.09
N ASP K 31 -53.92 7.74 -5.99
CA ASP K 31 -53.76 6.77 -7.07
C ASP K 31 -52.88 5.57 -6.66
N GLY K 32 -52.43 5.58 -5.42
CA GLY K 32 -51.60 4.49 -4.90
C GLY K 32 -50.10 4.71 -5.00
N ALA K 33 -49.70 5.83 -5.60
CA ALA K 33 -48.28 6.10 -5.77
C ALA K 33 -47.64 6.65 -4.50
N VAL K 34 -46.57 6.00 -4.08
CA VAL K 34 -45.84 6.45 -2.91
C VAL K 34 -45.04 7.71 -3.26
N VAL K 35 -45.19 8.73 -2.42
CA VAL K 35 -44.51 9.99 -2.60
C VAL K 35 -43.18 9.94 -1.85
N GLN K 36 -43.22 9.38 -0.65
CA GLN K 36 -42.04 9.24 0.18
C GLN K 36 -42.27 8.22 1.28
N GLU K 37 -41.19 7.49 1.62
CA GLU K 37 -41.16 6.47 2.67
C GLU K 37 -39.95 6.71 3.56
N GLY K 38 -40.11 6.51 4.86
CA GLY K 38 -39.02 6.71 5.80
C GLY K 38 -39.22 6.10 7.16
N GLU K 39 -38.24 6.34 8.01
CA GLU K 39 -38.25 5.82 9.33
C GLU K 39 -37.73 6.89 10.27
N GLY K 40 -38.05 6.69 11.55
CA GLY K 40 -37.60 7.60 12.59
C GLY K 40 -37.97 7.09 13.97
N GLU K 41 -37.97 8.01 14.95
N GLU K 41 -38.00 8.04 14.92
CA GLU K 41 -38.35 7.68 16.32
CA GLU K 41 -38.35 7.76 16.30
C GLU K 41 -38.88 8.92 17.01
C GLU K 41 -39.04 8.94 16.93
N LEU K 42 -39.68 8.69 18.06
CA LEU K 42 -40.35 9.75 18.77
C LEU K 42 -40.41 9.50 20.24
N TRP K 43 -40.37 10.61 20.98
CA TRP K 43 -40.48 10.63 22.43
C TRP K 43 -41.63 11.58 22.75
N VAL K 44 -42.43 11.21 23.74
CA VAL K 44 -43.55 12.05 24.16
C VAL K 44 -43.57 12.08 25.68
N LYS K 45 -43.94 13.23 26.24
CA LYS K 45 -44.07 13.39 27.68
C LYS K 45 -45.09 14.46 27.90
N ARG K 46 -46.30 14.02 28.18
CA ARG K 46 -47.36 14.94 28.44
C ARG K 46 -47.10 15.46 29.86
N PRO K 47 -47.35 16.75 30.09
CA PRO K 47 -47.88 17.64 29.06
C PRO K 47 -46.87 18.51 28.27
N ASN K 48 -47.19 18.74 27.00
CA ASN K 48 -46.45 19.68 26.13
C ASN K 48 -45.00 19.45 25.72
N LEU K 49 -44.48 18.25 25.96
CA LEU K 49 -43.12 17.92 25.61
C LEU K 49 -43.09 16.79 24.60
N PHE K 50 -42.24 16.93 23.58
CA PHE K 50 -42.04 15.86 22.60
C PHE K 50 -40.82 16.11 21.74
N ASN K 51 -40.28 15.03 21.19
CA ASN K 51 -39.16 15.08 20.27
C ASN K 51 -39.48 14.08 19.18
N TRP K 52 -39.65 14.57 17.96
CA TRP K 52 -39.99 13.73 16.83
C TRP K 52 -38.83 13.86 15.85
N HIS K 53 -38.40 12.73 15.32
CA HIS K 53 -37.24 12.71 14.48
C HIS K 53 -37.31 11.72 13.35
N MET K 54 -37.34 12.23 12.14
N MET K 54 -37.34 12.23 12.14
CA MET K 54 -37.31 11.39 10.97
CA MET K 54 -37.30 11.38 10.98
C MET K 54 -35.81 11.22 10.76
C MET K 54 -35.80 11.22 10.75
N THR K 55 -35.32 9.98 10.68
CA THR K 55 -33.89 9.72 10.52
C THR K 55 -33.46 9.26 9.14
N SER K 56 -34.37 8.70 8.37
CA SER K 56 -34.07 8.26 7.03
C SER K 56 -35.31 8.37 6.15
N PRO K 57 -35.14 8.63 4.84
CA PRO K 57 -33.88 8.88 4.12
C PRO K 57 -33.45 10.36 4.23
N ASP K 58 -34.43 11.22 4.53
CA ASP K 58 -34.23 12.66 4.70
C ASP K 58 -34.59 13.03 6.13
N GLU K 59 -33.57 13.44 6.89
CA GLU K 59 -33.71 13.81 8.30
C GLU K 59 -34.44 15.13 8.58
N SER K 60 -35.27 15.13 9.63
CA SER K 60 -35.98 16.34 10.08
C SER K 60 -36.26 16.14 11.55
N VAL K 61 -36.31 17.27 12.27
CA VAL K 61 -36.50 17.27 13.70
C VAL K 61 -37.61 18.25 14.08
N LEU K 62 -38.49 17.79 14.97
CA LEU K 62 -39.62 18.58 15.49
C LEU K 62 -39.64 18.35 17.01
N ILE K 63 -39.30 19.40 17.75
CA ILE K 63 -39.21 19.32 19.18
C ILE K 63 -39.96 20.42 19.90
N SER K 64 -40.73 20.03 20.91
CA SER K 64 -41.39 21.00 21.77
C SER K 64 -40.68 20.93 23.13
N ASP K 65 -40.14 22.07 23.59
CA ASP K 65 -39.48 22.13 24.90
C ASP K 65 -40.47 22.56 26.00
N GLY K 66 -41.77 22.58 25.66
CA GLY K 66 -42.83 22.97 26.59
C GLY K 66 -43.31 24.39 26.40
N GLU K 67 -42.53 25.19 25.69
CA GLU K 67 -42.88 26.59 25.44
C GLU K 67 -42.64 26.97 24.00
N THR K 68 -41.55 26.50 23.42
CA THR K 68 -41.22 26.75 22.01
C THR K 68 -41.29 25.44 21.20
N LEU K 69 -41.78 25.54 19.97
CA LEU K 69 -41.84 24.42 19.05
C LEU K 69 -40.76 24.72 18.01
N TRP K 70 -39.84 23.77 17.89
CA TRP K 70 -38.72 23.90 17.00
C TRP K 70 -38.82 22.97 15.82
N PHE K 71 -38.61 23.50 14.62
CA PHE K 71 -38.57 22.66 13.40
C PHE K 71 -37.21 22.87 12.75
N TYR K 72 -36.53 21.76 12.49
CA TYR K 72 -35.20 21.84 11.95
C TYR K 72 -34.95 20.92 10.79
N ASN K 73 -34.46 21.48 9.69
CA ASN K 73 -34.14 20.72 8.51
C ASN K 73 -32.66 20.97 8.18
N PRO K 74 -31.80 19.99 8.47
CA PRO K 74 -30.36 20.08 8.25
C PRO K 74 -29.94 20.25 6.78
N PHE K 75 -30.74 19.74 5.85
CA PHE K 75 -30.43 19.88 4.42
C PHE K 75 -30.36 21.33 3.94
N VAL K 76 -31.35 22.15 4.29
CA VAL K 76 -31.35 23.57 3.91
C VAL K 76 -30.77 24.43 5.06
N GLU K 77 -30.33 23.78 6.13
CA GLU K 77 -29.72 24.42 7.31
C GLU K 77 -30.58 25.53 7.88
N GLN K 78 -31.87 25.22 8.03
CA GLN K 78 -32.85 26.14 8.57
C GLN K 78 -33.53 25.53 9.79
N ALA K 79 -33.88 26.38 10.74
CA ALA K 79 -34.63 26.00 11.93
C ALA K 79 -35.69 27.09 12.05
N THR K 80 -36.85 26.71 12.56
CA THR K 80 -37.94 27.65 12.77
C THR K 80 -38.38 27.50 14.21
N ALA K 81 -38.58 28.63 14.88
CA ALA K 81 -39.03 28.66 16.28
C ALA K 81 -40.37 29.39 16.36
N THR K 82 -41.32 28.76 17.03
CA THR K 82 -42.65 29.32 17.24
C THR K 82 -43.11 28.98 18.66
N TRP K 83 -44.03 29.79 19.19
CA TRP K 83 -44.55 29.50 20.52
C TRP K 83 -45.49 28.30 20.44
N LEU K 84 -45.32 27.34 21.34
CA LEU K 84 -46.15 26.14 21.31
C LEU K 84 -47.62 26.53 21.36
N LYS K 85 -47.92 27.59 22.11
CA LYS K 85 -49.32 28.08 22.25
C LYS K 85 -50.01 28.41 20.92
N ASN K 86 -49.24 28.60 19.87
CA ASN K 86 -49.81 28.86 18.55
C ASN K 86 -50.11 27.53 17.82
N ALA K 87 -49.48 26.45 18.29
CA ALA K 87 -49.68 25.11 17.73
C ALA K 87 -51.09 24.64 18.00
N THR K 88 -51.54 23.69 17.18
CA THR K 88 -52.87 23.14 17.26
C THR K 88 -52.82 21.65 16.96
N GLY K 89 -53.94 20.95 17.14
CA GLY K 89 -53.99 19.53 16.83
C GLY K 89 -54.30 19.37 15.36
N ASN K 90 -53.36 19.79 14.51
CA ASN K 90 -53.53 19.76 13.05
C ASN K 90 -53.04 18.47 12.37
N THR K 91 -52.32 17.66 13.12
CA THR K 91 -51.81 16.39 12.61
C THR K 91 -52.14 15.32 13.67
N PRO K 92 -52.15 14.04 13.28
CA PRO K 92 -52.43 13.02 14.28
C PRO K 92 -51.37 13.00 15.38
N PHE K 93 -50.10 13.26 15.04
CA PHE K 93 -49.07 13.29 16.06
C PHE K 93 -49.37 14.38 17.08
N MET K 94 -49.68 15.59 16.62
CA MET K 94 -49.97 16.68 17.55
C MET K 94 -51.14 16.34 18.46
N LEU K 95 -52.20 15.76 17.89
CA LEU K 95 -53.40 15.37 18.65
C LEU K 95 -53.02 14.38 19.75
N ILE K 96 -52.20 13.41 19.38
CA ILE K 96 -51.72 12.39 20.34
C ILE K 96 -50.92 13.03 21.48
N THR K 97 -50.01 13.96 21.15
CA THR K 97 -49.21 14.57 22.23
C THR K 97 -50.06 15.39 23.18
N ARG K 98 -51.06 16.06 22.62
CA ARG K 98 -51.93 16.94 23.40
C ARG K 98 -52.99 16.21 24.22
N ASN K 99 -53.64 15.22 23.62
CA ASN K 99 -54.73 14.46 24.26
C ASN K 99 -55.62 15.44 25.06
N ASN K 100 -56.13 16.44 24.34
CA ASN K 100 -56.94 17.50 24.90
C ASN K 100 -58.42 17.32 24.54
N PRO K 101 -59.28 17.19 25.56
CA PRO K 101 -60.71 16.99 25.28
C PRO K 101 -61.32 17.98 24.28
N ASP K 102 -60.87 19.22 24.30
CA ASP K 102 -61.39 20.23 23.37
C ASP K 102 -61.02 19.89 21.93
N ASP K 103 -59.87 19.24 21.72
CA ASP K 103 -59.48 18.85 20.39
C ASP K 103 -60.43 17.79 19.85
N TRP K 104 -60.60 16.72 20.62
CA TRP K 104 -61.43 15.57 20.20
C TRP K 104 -62.90 15.88 19.88
N LYS K 105 -63.50 16.85 20.58
CA LYS K 105 -64.91 17.20 20.34
C LYS K 105 -65.12 17.93 19.00
N GLN K 106 -64.04 18.16 18.26
CA GLN K 106 -64.12 18.82 16.96
C GLN K 106 -64.24 17.76 15.87
N TYR K 107 -64.23 16.49 16.29
CA TYR K 107 -64.33 15.36 15.37
C TYR K 107 -65.41 14.38 15.76
N ASN K 108 -65.94 13.68 14.74
CA ASN K 108 -66.92 12.62 14.92
C ASN K 108 -66.07 11.37 14.96
N VAL K 109 -65.99 10.77 16.14
CA VAL K 109 -65.20 9.56 16.32
C VAL K 109 -66.06 8.32 16.29
N LYS K 110 -65.59 7.33 15.53
CA LYS K 110 -66.20 6.01 15.42
C LYS K 110 -65.14 5.00 15.83
N GLN K 111 -65.55 3.96 16.53
CA GLN K 111 -64.64 2.94 17.00
C GLN K 111 -65.02 1.54 16.52
N LYS K 112 -63.98 0.76 16.23
CA LYS K 112 -64.10 -0.63 15.80
C LYS K 112 -62.92 -1.35 16.44
N GLY K 113 -63.13 -1.89 17.64
CA GLY K 113 -62.05 -2.55 18.35
C GLY K 113 -61.01 -1.50 18.73
N ASP K 114 -59.76 -1.74 18.35
CA ASP K 114 -58.65 -0.81 18.60
C ASP K 114 -58.54 0.32 17.57
N ASP K 115 -59.36 0.28 16.51
CA ASP K 115 -59.33 1.28 15.44
C ASP K 115 -60.38 2.40 15.54
N PHE K 116 -59.88 3.63 15.61
CA PHE K 116 -60.69 4.82 15.71
C PHE K 116 -60.55 5.64 14.44
N GLU K 117 -61.68 6.11 13.92
N GLU K 117 -61.68 6.13 13.95
CA GLU K 117 -61.69 6.94 12.72
CA GLU K 117 -61.74 6.93 12.73
C GLU K 117 -62.33 8.26 13.08
C GLU K 117 -62.35 8.28 13.08
N LEU K 118 -61.60 9.35 12.82
CA LEU K 118 -62.06 10.68 13.13
C LEU K 118 -62.26 11.57 11.94
N THR K 119 -63.43 12.19 11.87
CA THR K 119 -63.76 13.10 10.81
C THR K 119 -64.08 14.42 11.46
N PRO K 120 -63.52 15.52 10.92
CA PRO K 120 -63.79 16.82 11.50
C PRO K 120 -65.23 17.21 11.23
N LYS K 121 -65.87 17.86 12.19
CA LYS K 121 -67.25 18.29 12.05
C LYS K 121 -67.36 19.50 11.11
N SER K 122 -66.34 20.37 11.17
CA SER K 122 -66.29 21.57 10.35
C SER K 122 -65.50 21.33 9.07
N ALA K 123 -66.22 21.17 7.96
CA ALA K 123 -65.60 20.93 6.65
C ALA K 123 -64.91 22.17 6.12
N LEU K 127 -58.13 18.78 6.01
CA LEU K 127 -57.93 17.34 5.84
C LEU K 127 -59.26 16.61 5.56
N LYS K 128 -59.15 15.31 5.37
CA LYS K 128 -60.29 14.44 5.10
C LYS K 128 -60.67 13.81 6.43
N GLN K 129 -59.71 13.12 7.01
CA GLN K 129 -59.91 12.47 8.28
C GLN K 129 -58.60 11.84 8.71
N PHE K 130 -58.65 11.14 9.83
CA PHE K 130 -57.47 10.41 10.28
C PHE K 130 -57.93 9.23 11.12
N ALA K 131 -57.11 8.20 11.12
CA ALA K 131 -57.37 6.97 11.87
C ALA K 131 -56.25 6.80 12.88
N ILE K 132 -56.60 6.19 14.00
CA ILE K 132 -55.66 5.95 15.10
C ILE K 132 -55.96 4.58 15.67
N SER K 133 -54.91 3.77 15.77
CA SER K 133 -55.04 2.43 16.34
C SER K 133 -54.29 2.33 17.66
N VAL K 134 -55.03 2.02 18.73
CA VAL K 134 -54.45 1.91 20.06
C VAL K 134 -55.13 0.81 20.85
N THR K 135 -54.33 -0.02 21.52
CA THR K 135 -54.81 -1.14 22.31
C THR K 135 -55.50 -0.72 23.60
N PRO K 136 -56.32 -1.63 24.19
CA PRO K 136 -56.97 -1.29 25.45
C PRO K 136 -55.97 -0.75 26.50
N SER K 137 -54.77 -1.34 26.58
CA SER K 137 -53.76 -0.86 27.56
C SER K 137 -52.99 0.40 27.14
N GLY K 138 -53.38 1.00 26.03
CA GLY K 138 -52.79 2.24 25.53
C GLY K 138 -51.59 2.19 24.62
N THR K 139 -51.35 1.06 23.97
CA THR K 139 -50.21 1.00 23.05
C THR K 139 -50.66 1.48 21.66
N ILE K 140 -50.03 2.54 21.18
CA ILE K 140 -50.39 3.09 19.88
C ILE K 140 -49.65 2.31 18.82
N LYS K 141 -50.41 1.69 17.92
CA LYS K 141 -49.80 0.85 16.89
C LYS K 141 -49.60 1.51 15.55
N SER K 142 -50.51 2.40 15.19
CA SER K 142 -50.44 3.13 13.92
C SER K 142 -51.40 4.31 13.93
N PHE K 143 -51.17 5.27 13.04
CA PHE K 143 -52.07 6.43 12.89
C PHE K 143 -51.85 6.98 11.49
N THR K 144 -52.94 7.37 10.83
CA THR K 144 -52.88 7.84 9.44
C THR K 144 -53.63 9.17 9.25
N ALA K 145 -53.20 9.95 8.27
CA ALA K 145 -53.83 11.24 7.97
C ALA K 145 -54.21 11.23 6.49
N VAL K 146 -55.45 11.64 6.19
CA VAL K 146 -55.92 11.70 4.79
C VAL K 146 -56.24 13.16 4.46
N GLU K 147 -55.63 13.68 3.39
CA GLU K 147 -55.82 15.08 2.95
C GLU K 147 -57.02 15.24 2.06
N GLN K 148 -57.42 16.48 1.81
CA GLN K 148 -58.58 16.77 0.94
C GLN K 148 -58.46 16.13 -0.45
N ASP K 149 -57.25 16.04 -1.01
CA ASP K 149 -57.04 15.46 -2.34
C ASP K 149 -56.88 13.93 -2.32
N GLY K 150 -56.78 13.36 -1.13
CA GLY K 150 -56.65 11.92 -0.97
C GLY K 150 -55.26 11.42 -0.66
N GLN K 151 -54.34 12.31 -0.32
CA GLN K 151 -52.99 11.87 0.03
C GLN K 151 -53.01 11.32 1.46
N ARG K 152 -52.50 10.10 1.61
CA ARG K 152 -52.47 9.43 2.90
C ARG K 152 -51.07 9.41 3.46
N SER K 153 -50.95 9.77 4.73
CA SER K 153 -49.67 9.71 5.43
C SER K 153 -49.90 8.71 6.55
N ALA K 154 -49.24 7.56 6.41
CA ALA K 154 -49.39 6.45 7.33
C ALA K 154 -48.13 6.16 8.13
N TYR K 155 -48.32 6.05 9.44
CA TYR K 155 -47.23 5.75 10.38
C TYR K 155 -47.56 4.48 11.14
N THR K 156 -46.56 3.62 11.30
CA THR K 156 -46.74 2.42 12.09
C THR K 156 -45.68 2.55 13.18
N LEU K 157 -46.04 2.26 14.43
CA LEU K 157 -45.11 2.37 15.55
C LEU K 157 -44.73 1.03 16.12
N LYS K 158 -43.51 0.97 16.66
CA LYS K 158 -42.97 -0.22 17.29
C LYS K 158 -42.31 0.23 18.60
N SER K 159 -42.63 -0.48 19.69
N SER K 159 -42.51 -0.55 19.67
CA SER K 159 -42.13 -0.17 21.04
CA SER K 159 -41.94 -0.26 21.01
C SER K 159 -42.94 0.95 21.66
C SER K 159 -42.97 0.35 21.95
N ALA K 167 -34.92 14.69 30.58
CA ALA K 167 -35.47 15.96 30.10
C ALA K 167 -34.66 16.65 29.00
N SER K 168 -33.37 16.30 28.85
CA SER K 168 -32.52 16.90 27.80
C SER K 168 -33.03 16.55 26.40
N LYS K 169 -33.83 15.49 26.34
CA LYS K 169 -34.44 15.06 25.10
C LYS K 169 -35.36 16.14 24.53
N PHE K 170 -35.99 16.90 25.41
CA PHE K 170 -36.95 17.94 24.98
C PHE K 170 -36.38 19.35 24.95
N THR K 171 -35.20 19.48 24.39
CA THR K 171 -34.51 20.76 24.25
C THR K 171 -33.91 20.87 22.86
N PHE K 172 -33.80 22.10 22.39
CA PHE K 172 -33.21 22.37 21.10
C PHE K 172 -32.52 23.71 21.12
N THR K 173 -31.33 23.73 20.52
N THR K 173 -31.33 23.73 20.53
CA THR K 173 -30.53 24.93 20.42
CA THR K 173 -30.52 24.92 20.41
C THR K 173 -30.02 24.91 18.98
C THR K 173 -30.02 24.91 18.96
N PRO K 174 -30.33 25.96 18.19
CA PRO K 174 -29.93 26.05 16.80
C PRO K 174 -28.44 25.86 16.60
N PRO K 175 -28.03 24.79 15.88
CA PRO K 175 -26.62 24.61 15.66
C PRO K 175 -25.99 25.73 14.84
N LYS K 176 -24.66 25.82 14.91
CA LYS K 176 -23.94 26.78 14.12
C LYS K 176 -23.99 26.28 12.68
N GLY K 177 -24.13 27.21 11.75
CA GLY K 177 -24.24 26.88 10.34
C GLY K 177 -25.72 26.89 9.99
N VAL K 178 -26.56 26.68 11.00
CA VAL K 178 -27.99 26.70 10.79
C VAL K 178 -28.52 28.10 11.04
N THR K 179 -29.41 28.53 10.17
CA THR K 179 -30.08 29.82 10.22
C THR K 179 -31.43 29.67 10.95
N LEU K 180 -31.70 30.55 11.92
CA LEU K 180 -32.97 30.49 12.67
C LEU K 180 -34.00 31.51 12.20
N ASP K 181 -35.19 31.00 11.87
CA ASP K 181 -36.32 31.83 11.51
C ASP K 181 -37.11 31.88 12.80
N ASP K 182 -36.96 32.97 13.56
CA ASP K 182 -37.64 33.07 14.85
C ASP K 182 -38.95 33.86 14.75
N GLN K 183 -40.07 33.12 14.73
CA GLN K 183 -41.43 33.67 14.66
C GLN K 183 -41.96 34.16 16.00
N ARG K 184 -41.26 33.86 17.09
CA ARG K 184 -41.72 34.24 18.40
C ARG K 184 -41.85 35.78 18.56
N ASP L 4 -45.61 50.38 3.41
CA ASP L 4 -44.13 50.61 3.34
C ASP L 4 -43.35 49.30 3.15
N ALA L 5 -43.88 48.20 3.69
CA ALA L 5 -43.20 46.90 3.56
C ALA L 5 -43.14 46.45 2.11
N SER L 6 -44.28 46.54 1.44
CA SER L 6 -44.35 46.15 0.04
C SER L 6 -43.45 46.99 -0.83
N THR L 7 -43.46 48.31 -0.63
N THR L 7 -43.47 48.31 -0.65
CA THR L 7 -42.63 49.21 -1.42
CA THR L 7 -42.62 49.17 -1.46
C THR L 7 -41.15 48.94 -1.19
C THR L 7 -41.13 48.92 -1.20
N ASP L 8 -40.78 48.59 0.04
CA ASP L 8 -39.39 48.32 0.37
C ASP L 8 -38.95 46.98 -0.24
N LEU L 9 -39.83 45.98 -0.23
CA LEU L 9 -39.50 44.69 -0.86
C LEU L 9 -39.17 44.96 -2.33
N GLN L 10 -40.06 45.67 -2.99
CA GLN L 10 -39.90 45.99 -4.41
C GLN L 10 -38.63 46.80 -4.70
N ASN L 11 -38.31 47.76 -3.81
CA ASN L 11 -37.13 48.58 -3.94
C ASN L 11 -35.85 47.69 -3.90
N ARG L 12 -35.84 46.70 -3.00
CA ARG L 12 -34.70 45.76 -2.85
C ARG L 12 -34.57 44.83 -4.05
N LEU L 13 -35.69 44.31 -4.53
CA LEU L 13 -35.63 43.42 -5.69
C LEU L 13 -35.16 44.21 -6.93
N SER L 14 -35.64 45.44 -7.06
CA SER L 14 -35.27 46.31 -8.20
C SER L 14 -33.76 46.60 -8.37
N LYS L 15 -32.98 46.32 -7.32
CA LYS L 15 -31.55 46.57 -7.36
C LYS L 15 -30.78 45.55 -8.21
N VAL L 16 -31.27 44.32 -8.30
CA VAL L 16 -30.55 43.31 -9.08
C VAL L 16 -31.50 42.69 -10.08
N ASN L 17 -31.39 43.11 -11.33
N ASN L 17 -31.35 43.13 -11.32
CA ASN L 17 -32.29 42.61 -12.38
CA ASN L 17 -32.18 42.72 -12.44
C ASN L 17 -31.73 41.49 -13.27
C ASN L 17 -31.73 41.47 -13.19
N SER L 18 -30.45 41.18 -13.12
CA SER L 18 -29.84 40.08 -13.84
C SER L 18 -28.94 39.39 -12.86
N PHE L 19 -29.25 38.15 -12.53
CA PHE L 19 -28.45 37.42 -11.54
C PHE L 19 -28.49 35.92 -11.68
N HIS L 20 -27.56 35.27 -11.00
CA HIS L 20 -27.45 33.83 -10.97
C HIS L 20 -27.25 33.40 -9.51
N ALA L 21 -27.70 32.19 -9.20
CA ALA L 21 -27.51 31.62 -7.88
C ALA L 21 -27.80 30.12 -7.85
N SER L 22 -27.21 29.43 -6.88
CA SER L 22 -27.47 28.03 -6.69
C SER L 22 -28.45 28.01 -5.54
N PHE L 23 -29.17 26.91 -5.42
CA PHE L 23 -30.14 26.77 -4.37
C PHE L 23 -30.26 25.34 -3.86
N SER L 24 -30.77 25.24 -2.64
CA SER L 24 -31.12 23.97 -2.02
C SER L 24 -32.59 24.15 -1.70
N GLN L 25 -33.34 23.06 -1.84
CA GLN L 25 -34.77 23.10 -1.59
C GLN L 25 -35.22 21.96 -0.69
N ALA L 26 -36.25 22.23 0.13
CA ALA L 26 -36.88 21.19 0.93
C ALA L 26 -38.37 21.40 0.96
N VAL L 27 -39.12 20.33 0.73
CA VAL L 27 -40.59 20.34 0.81
C VAL L 27 -40.88 19.44 1.99
N THR L 28 -41.60 20.00 2.94
N THR L 28 -41.57 20.00 2.98
CA THR L 28 -41.94 19.32 4.18
CA THR L 28 -41.89 19.31 4.25
C THR L 28 -43.43 19.40 4.40
C THR L 28 -43.37 19.44 4.54
N SER L 29 -44.00 18.35 4.99
CA SER L 29 -45.45 18.33 5.28
C SER L 29 -45.69 18.99 6.64
N SER L 30 -46.96 19.27 6.98
CA SER L 30 -47.28 19.93 8.26
C SER L 30 -46.70 19.20 9.47
N ASP L 31 -46.57 17.88 9.37
CA ASP L 31 -46.02 17.05 10.48
C ASP L 31 -44.49 17.07 10.59
N GLY L 32 -43.83 17.83 9.75
CA GLY L 32 -42.36 17.92 9.78
C GLY L 32 -41.62 16.98 8.82
N ALA L 33 -42.33 15.97 8.29
CA ALA L 33 -41.75 14.99 7.37
C ALA L 33 -41.29 15.59 6.03
N VAL L 34 -40.07 15.27 5.62
CA VAL L 34 -39.59 15.74 4.34
C VAL L 34 -40.15 14.89 3.18
N VAL L 35 -40.84 15.58 2.27
CA VAL L 35 -41.42 14.98 1.11
C VAL L 35 -40.28 14.85 0.13
N GLN L 36 -39.53 15.92 -0.09
CA GLN L 36 -38.42 15.92 -1.03
C GLN L 36 -37.38 16.98 -0.70
N GLU L 37 -36.13 16.73 -1.11
CA GLU L 37 -35.00 17.65 -0.91
C GLU L 37 -34.22 17.60 -2.20
N GLY L 38 -33.78 18.73 -2.71
CA GLY L 38 -33.01 18.79 -3.98
C GLY L 38 -32.10 20.01 -4.06
N GLU L 39 -31.36 20.11 -5.16
CA GLU L 39 -30.45 21.22 -5.36
C GLU L 39 -30.56 21.60 -6.82
N GLY L 40 -30.10 22.80 -7.13
CA GLY L 40 -30.13 23.30 -8.46
C GLY L 40 -29.56 24.69 -8.59
N GLU L 41 -29.83 25.31 -9.73
CA GLU L 41 -29.36 26.65 -9.97
C GLU L 41 -30.34 27.39 -10.84
N LEU L 42 -30.26 28.70 -10.73
CA LEU L 42 -31.14 29.53 -11.51
C LEU L 42 -30.50 30.80 -12.02
N TRP L 43 -30.96 31.21 -13.18
CA TRP L 43 -30.55 32.45 -13.82
C TRP L 43 -31.79 33.27 -14.07
N VAL L 44 -31.72 34.56 -13.85
CA VAL L 44 -32.84 35.45 -14.07
C VAL L 44 -32.36 36.74 -14.76
N LYS L 45 -33.12 37.21 -15.74
CA LYS L 45 -32.87 38.49 -16.38
C LYS L 45 -34.21 39.16 -16.58
N ARG L 46 -34.49 40.22 -15.83
CA ARG L 46 -35.74 40.92 -16.03
C ARG L 46 -35.43 41.86 -17.21
N PRO L 47 -36.37 42.04 -18.10
CA PRO L 47 -37.71 41.48 -18.09
C PRO L 47 -37.94 40.10 -18.76
N ASN L 48 -38.78 39.30 -18.09
CA ASN L 48 -39.29 38.00 -18.57
C ASN L 48 -38.39 36.84 -18.98
N LEU L 49 -37.14 36.81 -18.53
CA LEU L 49 -36.26 35.72 -18.94
C LEU L 49 -35.75 34.99 -17.71
N PHE L 50 -35.74 33.66 -17.77
CA PHE L 50 -35.17 32.86 -16.71
C PHE L 50 -34.96 31.42 -17.15
N ASN L 51 -34.09 30.76 -16.41
CA ASN L 51 -33.77 29.36 -16.59
C ASN L 51 -33.61 28.83 -15.16
N TRP L 52 -34.53 27.97 -14.76
CA TRP L 52 -34.53 27.37 -13.43
C TRP L 52 -34.19 25.90 -13.66
N HIS L 53 -33.25 25.38 -12.88
N HIS L 53 -33.20 25.38 -12.95
CA HIS L 53 -32.79 24.02 -13.08
CA HIS L 53 -32.77 24.01 -13.24
C HIS L 53 -32.59 23.23 -11.80
C HIS L 53 -32.46 23.19 -11.99
N MET L 54 -33.39 22.19 -11.61
N MET L 54 -33.37 22.29 -11.66
CA MET L 54 -33.21 21.35 -10.45
CA MET L 54 -33.16 21.42 -10.52
C MET L 54 -32.37 20.22 -11.02
C MET L 54 -32.34 20.27 -11.07
N THR L 55 -31.15 20.07 -10.52
CA THR L 55 -30.20 19.05 -10.99
C THR L 55 -30.16 17.74 -10.23
N SER L 56 -30.58 17.75 -8.97
CA SER L 56 -30.60 16.52 -8.20
C SER L 56 -31.63 16.61 -7.11
N PRO L 57 -32.21 15.46 -6.70
CA PRO L 57 -32.01 14.10 -7.17
C PRO L 57 -32.76 13.82 -8.47
N ASP L 58 -33.89 14.51 -8.65
CA ASP L 58 -34.75 14.41 -9.82
C ASP L 58 -34.64 15.71 -10.65
N GLU L 59 -34.07 15.58 -11.85
CA GLU L 59 -33.85 16.72 -12.75
C GLU L 59 -35.11 17.28 -13.36
N SER L 60 -35.20 18.62 -13.40
N SER L 60 -35.18 18.62 -13.45
CA SER L 60 -36.35 19.33 -13.95
CA SER L 60 -36.31 19.30 -14.03
C SER L 60 -35.88 20.70 -14.48
C SER L 60 -35.85 20.68 -14.51
N VAL L 61 -36.42 21.12 -15.62
CA VAL L 61 -36.03 22.37 -16.22
C VAL L 61 -37.23 23.26 -16.50
N LEU L 62 -37.14 24.53 -16.06
CA LEU L 62 -38.19 25.56 -16.29
C LEU L 62 -37.50 26.77 -16.91
N ILE L 63 -37.81 27.06 -18.16
CA ILE L 63 -37.18 28.17 -18.86
C ILE L 63 -38.17 29.07 -19.59
N SER L 64 -38.01 30.38 -19.38
CA SER L 64 -38.78 31.33 -20.15
C SER L 64 -37.83 32.01 -21.12
N ASP L 65 -38.18 31.95 -22.41
CA ASP L 65 -37.38 32.59 -23.44
C ASP L 65 -37.92 33.99 -23.75
N GLY L 66 -38.84 34.49 -22.92
CA GLY L 66 -39.43 35.83 -23.09
C GLY L 66 -40.81 35.83 -23.73
N GLU L 67 -41.14 34.73 -24.42
CA GLU L 67 -42.44 34.58 -25.07
C GLU L 67 -43.07 33.24 -24.68
N THR L 68 -42.29 32.17 -24.79
CA THR L 68 -42.73 30.83 -24.41
C THR L 68 -42.10 30.35 -23.06
N LEU L 69 -42.92 29.70 -22.25
CA LEU L 69 -42.51 29.07 -20.97
C LEU L 69 -42.45 27.55 -21.24
N TRP L 70 -41.25 27.01 -21.07
CA TRP L 70 -40.98 25.61 -21.30
C TRP L 70 -40.73 24.83 -20.01
N PHE L 71 -41.38 23.69 -19.90
CA PHE L 71 -41.13 22.80 -18.77
C PHE L 71 -40.68 21.47 -19.33
N TYR L 72 -39.59 20.94 -18.79
CA TYR L 72 -39.05 19.69 -19.27
C TYR L 72 -38.61 18.73 -18.17
N ASN L 73 -39.04 17.49 -18.34
CA ASN L 73 -38.67 16.44 -17.41
C ASN L 73 -38.04 15.34 -18.24
N PRO L 74 -36.70 15.19 -18.12
CA PRO L 74 -36.01 14.17 -18.93
C PRO L 74 -36.40 12.73 -18.58
N PHE L 75 -36.79 12.48 -17.34
CA PHE L 75 -37.17 11.11 -16.91
C PHE L 75 -38.35 10.50 -17.68
N VAL L 76 -39.41 11.28 -17.90
CA VAL L 76 -40.58 10.80 -18.62
C VAL L 76 -40.54 11.21 -20.10
N GLU L 77 -39.46 11.91 -20.48
CA GLU L 77 -39.22 12.38 -21.85
C GLU L 77 -40.35 13.25 -22.36
N GLN L 78 -40.78 14.17 -21.49
CA GLN L 78 -41.85 15.08 -21.81
C GLN L 78 -41.45 16.53 -21.61
N ALA L 79 -41.97 17.36 -22.50
CA ALA L 79 -41.78 18.80 -22.46
C ALA L 79 -43.17 19.42 -22.63
N THR L 80 -43.34 20.62 -22.11
CA THR L 80 -44.60 21.35 -22.19
C THR L 80 -44.24 22.77 -22.61
N ALA L 81 -45.01 23.33 -23.53
CA ALA L 81 -44.82 24.72 -23.95
C ALA L 81 -46.12 25.46 -23.75
N THR L 82 -46.03 26.62 -23.11
CA THR L 82 -47.20 27.47 -22.87
C THR L 82 -46.80 28.92 -23.14
N TRP L 83 -47.76 29.80 -23.44
CA TRP L 83 -47.34 31.18 -23.64
C TRP L 83 -47.05 31.78 -22.28
N LEU L 84 -45.97 32.53 -22.19
CA LEU L 84 -45.54 33.18 -20.95
C LEU L 84 -46.66 34.06 -20.40
N LYS L 85 -47.46 34.65 -21.31
CA LYS L 85 -48.59 35.50 -20.91
C LYS L 85 -49.62 34.76 -20.09
N ASN L 86 -49.69 33.44 -20.25
CA ASN L 86 -50.62 32.63 -19.50
C ASN L 86 -50.06 32.34 -18.08
N ALA L 87 -48.83 32.81 -17.83
CA ALA L 87 -48.16 32.64 -16.54
C ALA L 87 -48.59 33.73 -15.57
N THR L 88 -48.51 33.42 -14.29
CA THR L 88 -48.91 34.35 -13.24
C THR L 88 -47.92 34.30 -12.10
N GLY L 89 -48.10 35.18 -11.11
CA GLY L 89 -47.23 35.23 -9.93
C GLY L 89 -47.73 34.22 -8.93
N ASN L 90 -47.79 32.95 -9.36
CA ASN L 90 -48.30 31.85 -8.55
C ASN L 90 -47.31 31.11 -7.66
N THR L 91 -46.03 31.48 -7.73
CA THR L 91 -44.99 30.88 -6.91
C THR L 91 -44.00 31.99 -6.51
N PRO L 92 -43.30 31.82 -5.38
CA PRO L 92 -42.32 32.84 -4.97
C PRO L 92 -41.28 33.12 -6.08
N PHE L 93 -40.82 32.09 -6.77
CA PHE L 93 -39.87 32.29 -7.88
C PHE L 93 -40.47 33.14 -9.01
N MET L 94 -41.70 32.84 -9.42
CA MET L 94 -42.32 33.61 -10.49
C MET L 94 -42.49 35.08 -10.08
N LEU L 95 -42.92 35.32 -8.85
CA LEU L 95 -43.08 36.68 -8.32
C LEU L 95 -41.75 37.44 -8.39
N ILE L 96 -40.68 36.73 -8.05
CA ILE L 96 -39.30 37.25 -8.09
C ILE L 96 -38.82 37.56 -9.51
N THR L 97 -39.14 36.70 -10.48
CA THR L 97 -38.70 36.95 -11.86
C THR L 97 -39.40 38.16 -12.43
N ARG L 98 -40.64 38.38 -12.01
CA ARG L 98 -41.44 39.49 -12.50
C ARG L 98 -41.25 40.82 -11.78
N ASN L 99 -41.22 40.78 -10.44
CA ASN L 99 -41.13 42.01 -9.64
C ASN L 99 -42.09 43.04 -10.27
N ASN L 100 -43.36 42.66 -10.30
CA ASN L 100 -44.42 43.45 -10.93
C ASN L 100 -45.31 44.06 -9.86
N PRO L 101 -45.36 45.40 -9.79
CA PRO L 101 -46.18 46.04 -8.77
C PRO L 101 -47.62 45.54 -8.75
N ASP L 102 -48.15 45.15 -9.91
CA ASP L 102 -49.52 44.62 -9.98
C ASP L 102 -49.63 43.29 -9.25
N ASP L 103 -48.53 42.52 -9.15
CA ASP L 103 -48.57 41.26 -8.43
C ASP L 103 -48.56 41.48 -6.91
N TRP L 104 -47.65 42.33 -6.45
CA TRP L 104 -47.47 42.58 -5.01
C TRP L 104 -48.69 43.18 -4.31
N LYS L 105 -49.46 43.96 -5.07
CA LYS L 105 -50.67 44.64 -4.53
C LYS L 105 -51.71 43.61 -4.09
N GLN L 106 -51.60 42.38 -4.59
CA GLN L 106 -52.56 41.33 -4.28
C GLN L 106 -52.28 40.65 -2.92
N TYR L 107 -51.25 41.12 -2.21
CA TYR L 107 -50.89 40.55 -0.91
C TYR L 107 -50.63 41.63 0.13
N ASN L 108 -50.79 41.24 1.39
CA ASN L 108 -50.50 42.10 2.54
C ASN L 108 -49.08 41.74 2.92
N VAL L 109 -48.19 42.72 2.81
CA VAL L 109 -46.78 42.51 3.09
C VAL L 109 -46.33 43.02 4.47
N LYS L 110 -45.65 42.17 5.21
CA LYS L 110 -45.11 42.54 6.54
C LYS L 110 -43.60 42.37 6.50
N GLN L 111 -42.88 43.30 7.15
CA GLN L 111 -41.42 43.28 7.17
C GLN L 111 -40.82 43.25 8.55
N LYS L 112 -39.72 42.54 8.66
CA LYS L 112 -38.96 42.41 9.89
C LYS L 112 -37.53 42.27 9.41
N GLY L 113 -36.82 43.38 9.33
CA GLY L 113 -35.44 43.40 8.84
C GLY L 113 -35.39 43.00 7.36
N ASP L 114 -34.70 41.89 7.08
CA ASP L 114 -34.59 41.37 5.70
C ASP L 114 -35.71 40.40 5.37
N ASP L 115 -36.57 40.10 6.34
CA ASP L 115 -37.62 39.11 6.18
C ASP L 115 -39.02 39.68 5.91
N PHE L 116 -39.57 39.31 4.76
CA PHE L 116 -40.88 39.77 4.32
C PHE L 116 -41.87 38.62 4.32
N GLU L 117 -43.09 38.90 4.77
CA GLU L 117 -44.15 37.88 4.79
C GLU L 117 -45.34 38.37 4.00
N LEU L 118 -45.76 37.59 3.00
CA LEU L 118 -46.87 37.96 2.15
C LEU L 118 -48.03 37.00 2.27
N THR L 119 -49.20 37.55 2.60
CA THR L 119 -50.41 36.75 2.73
C THR L 119 -51.38 37.25 1.66
N PRO L 120 -51.99 36.34 0.90
CA PRO L 120 -52.90 36.79 -0.15
C PRO L 120 -54.15 37.44 0.42
N LYS L 121 -54.66 38.44 -0.29
CA LYS L 121 -55.88 39.14 0.11
C LYS L 121 -57.12 38.33 -0.25
N SER L 122 -57.12 37.71 -1.43
CA SER L 122 -58.26 36.88 -1.87
C SER L 122 -58.13 35.45 -1.36
N LYS L 128 -51.11 29.69 1.16
CA LYS L 128 -51.46 30.22 2.47
C LYS L 128 -50.63 31.52 2.66
N GLN L 129 -49.35 31.47 2.30
CA GLN L 129 -48.48 32.64 2.36
C GLN L 129 -47.14 32.40 1.68
N PHE L 130 -46.47 33.49 1.34
CA PHE L 130 -45.13 33.45 0.79
C PHE L 130 -44.24 34.22 1.76
N ALA L 131 -42.96 33.88 1.77
CA ALA L 131 -41.99 34.55 2.62
C ALA L 131 -40.71 34.67 1.81
N ILE L 132 -40.11 35.86 1.80
CA ILE L 132 -38.91 36.11 1.04
C ILE L 132 -37.94 36.89 1.88
N SER L 133 -36.68 36.48 1.87
N SER L 133 -36.67 36.50 1.88
CA SER L 133 -35.61 37.17 2.61
CA SER L 133 -35.65 37.21 2.65
C SER L 133 -34.62 37.78 1.63
C SER L 133 -34.60 37.78 1.67
N VAL L 134 -34.53 39.11 1.63
CA VAL L 134 -33.64 39.84 0.71
C VAL L 134 -32.88 40.86 1.51
N THR L 135 -31.58 41.00 1.27
N THR L 135 -31.59 41.01 1.26
CA THR L 135 -30.77 41.99 1.99
CA THR L 135 -30.77 41.95 2.01
C THR L 135 -31.02 43.41 1.50
C THR L 135 -30.99 43.39 1.49
N PRO L 136 -30.58 44.42 2.28
CA PRO L 136 -30.74 45.82 1.83
C PRO L 136 -30.17 46.10 0.42
N SER L 137 -29.09 45.43 0.05
CA SER L 137 -28.46 45.58 -1.28
C SER L 137 -29.03 44.72 -2.41
N GLY L 138 -30.03 43.89 -2.09
CA GLY L 138 -30.69 43.06 -3.11
C GLY L 138 -30.28 41.62 -3.27
N THR L 139 -29.58 41.07 -2.27
CA THR L 139 -29.18 39.67 -2.29
C THR L 139 -30.33 38.83 -1.74
N ILE L 140 -30.91 38.00 -2.59
CA ILE L 140 -32.01 37.14 -2.14
C ILE L 140 -31.35 35.98 -1.39
N LYS L 141 -31.74 35.78 -0.15
CA LYS L 141 -31.18 34.71 0.68
C LYS L 141 -32.03 33.45 0.70
N SER L 142 -33.33 33.62 0.65
CA SER L 142 -34.26 32.50 0.72
C SER L 142 -35.70 32.90 0.47
N PHE L 143 -36.53 31.89 0.29
CA PHE L 143 -37.96 32.09 0.11
C PHE L 143 -38.70 30.79 0.37
N THR L 144 -39.91 30.94 0.87
CA THR L 144 -40.73 29.80 1.24
C THR L 144 -42.19 30.02 0.95
N ALA L 145 -42.85 28.98 0.45
CA ALA L 145 -44.25 29.01 0.11
C ALA L 145 -44.93 28.05 1.08
N VAL L 146 -46.06 28.47 1.64
CA VAL L 146 -46.82 27.67 2.60
C VAL L 146 -48.22 27.51 2.05
N GLU L 147 -48.67 26.25 1.89
CA GLU L 147 -50.02 26.02 1.38
C GLU L 147 -51.04 25.78 2.47
N GLN L 148 -52.32 25.86 2.08
CA GLN L 148 -53.44 25.68 3.00
C GLN L 148 -53.24 24.53 4.01
N ASP L 149 -52.86 23.36 3.50
CA ASP L 149 -52.67 22.16 4.34
C ASP L 149 -51.40 22.15 5.22
N GLY L 150 -50.65 23.24 5.21
CA GLY L 150 -49.45 23.36 6.04
C GLY L 150 -48.16 22.96 5.37
N GLN L 151 -48.24 22.38 4.18
CA GLN L 151 -47.03 21.95 3.46
C GLN L 151 -46.18 23.18 3.15
N ARG L 152 -44.86 23.06 3.30
CA ARG L 152 -43.93 24.17 3.06
C ARG L 152 -42.85 23.85 2.06
N SER L 153 -42.63 24.75 1.12
CA SER L 153 -41.58 24.57 0.12
C SER L 153 -40.51 25.59 0.42
N ALA L 154 -39.33 25.16 0.86
CA ALA L 154 -38.30 26.13 1.22
C ALA L 154 -37.03 26.09 0.39
N TYR L 155 -36.62 27.26 -0.08
CA TYR L 155 -35.41 27.41 -0.88
C TYR L 155 -34.42 28.33 -0.16
N THR L 156 -33.14 27.98 -0.27
CA THR L 156 -32.04 28.78 0.26
C THR L 156 -31.10 29.00 -0.92
N LEU L 157 -30.73 30.25 -1.15
CA LEU L 157 -29.85 30.61 -2.26
C LEU L 157 -28.42 30.83 -1.79
N LYS L 158 -27.47 30.44 -2.64
CA LYS L 158 -26.04 30.53 -2.35
C LYS L 158 -25.28 31.05 -3.55
N SER L 159 -24.10 31.61 -3.28
CA SER L 159 -23.20 32.16 -4.30
C SER L 159 -23.96 33.01 -5.31
N GLN L 160 -24.66 34.00 -4.80
CA GLN L 160 -25.45 34.88 -5.64
C GLN L 160 -24.55 35.90 -6.32
N GLN L 161 -24.57 35.87 -7.65
CA GLN L 161 -23.76 36.77 -8.44
C GLN L 161 -24.69 37.64 -9.26
N SER L 162 -24.20 38.83 -9.59
CA SER L 162 -24.96 39.77 -10.39
C SER L 162 -24.19 40.01 -11.69
N SER L 163 -24.62 39.36 -12.76
CA SER L 163 -23.97 39.50 -14.08
C SER L 163 -24.91 39.14 -15.23
N VAL L 164 -24.51 39.54 -16.45
CA VAL L 164 -25.28 39.32 -17.66
C VAL L 164 -24.78 38.11 -18.45
N VAL L 165 -25.42 36.96 -18.28
CA VAL L 165 -25.03 35.75 -19.00
C VAL L 165 -25.47 35.83 -20.45
N ASP L 166 -24.93 34.97 -21.29
CA ASP L 166 -25.32 34.97 -22.71
C ASP L 166 -26.80 34.64 -22.80
N ALA L 167 -27.46 35.19 -23.84
CA ALA L 167 -28.88 34.98 -24.07
C ALA L 167 -29.26 33.51 -24.34
N SER L 168 -28.30 32.67 -24.72
CA SER L 168 -28.59 31.24 -24.99
C SER L 168 -29.11 30.52 -23.74
N LYS L 169 -28.82 31.07 -22.56
CA LYS L 169 -29.34 30.52 -21.32
C LYS L 169 -30.85 30.50 -21.33
N PHE L 170 -31.43 31.51 -21.98
CA PHE L 170 -32.88 31.64 -22.04
C PHE L 170 -33.51 31.16 -23.34
N THR L 171 -33.08 29.97 -23.77
CA THR L 171 -33.59 29.34 -24.99
C THR L 171 -33.86 27.87 -24.70
N PHE L 172 -34.74 27.27 -25.50
CA PHE L 172 -35.02 25.86 -25.35
C PHE L 172 -35.70 25.27 -26.57
N THR L 173 -35.23 24.08 -26.97
N THR L 173 -35.24 24.07 -26.93
CA THR L 173 -35.79 23.33 -28.09
CA THR L 173 -35.80 23.32 -28.03
C THR L 173 -35.82 21.90 -27.59
C THR L 173 -35.85 21.91 -27.48
N PRO L 174 -37.00 21.23 -27.64
CA PRO L 174 -37.09 19.85 -27.11
C PRO L 174 -36.10 18.90 -27.76
N PRO L 175 -35.36 18.11 -26.95
CA PRO L 175 -34.41 17.14 -27.47
C PRO L 175 -35.11 16.11 -28.35
N LYS L 176 -34.35 15.52 -29.27
CA LYS L 176 -34.92 14.52 -30.14
C LYS L 176 -35.50 13.39 -29.26
N GLY L 177 -36.68 12.93 -29.65
CA GLY L 177 -37.36 11.85 -28.92
C GLY L 177 -38.25 12.32 -27.78
N VAL L 178 -38.13 13.58 -27.40
CA VAL L 178 -38.94 14.14 -26.31
C VAL L 178 -40.30 14.56 -26.88
N THR L 179 -41.35 14.16 -26.16
CA THR L 179 -42.71 14.45 -26.57
C THR L 179 -43.10 15.80 -26.03
N LEU L 180 -43.45 16.71 -26.94
CA LEU L 180 -43.84 18.06 -26.57
C LEU L 180 -45.35 18.29 -26.58
N ASP L 181 -45.87 18.68 -25.43
CA ASP L 181 -47.26 19.00 -25.27
C ASP L 181 -47.26 20.49 -25.52
N ASP L 182 -47.61 20.89 -26.73
CA ASP L 182 -47.63 22.29 -27.06
C ASP L 182 -49.00 22.87 -26.83
N GLN L 183 -49.15 23.55 -25.70
N GLN L 183 -49.16 23.56 -25.71
CA GLN L 183 -50.42 24.18 -25.33
CA GLN L 183 -50.44 24.16 -25.35
C GLN L 183 -50.56 25.61 -25.85
C GLN L 183 -50.62 25.56 -25.94
N ARG L 184 -49.65 26.01 -26.74
CA ARG L 184 -49.71 27.35 -27.32
C ARG L 184 -50.81 27.46 -28.40
C ACT M . 25.86 -39.48 -7.44
O ACT M . 24.92 -40.32 -7.40
OXT ACT M . 26.16 -38.93 -6.35
CH3 ACT M . 26.59 -39.13 -8.70
C1 PEG N . 38.62 -46.86 -13.84
O1 PEG N . 39.33 -45.81 -13.16
C2 PEG N . 38.28 -47.96 -12.85
O2 PEG N . 36.92 -48.34 -12.98
C3 PEG N . 36.64 -49.15 -14.13
C4 PEG N . 35.93 -48.33 -15.20
O4 PEG N . 35.07 -49.17 -16.00
C1 GOL O . 43.05 -27.41 -23.90
O1 GOL O . 43.64 -26.54 -22.96
C2 GOL O . 43.83 -27.33 -25.22
O2 GOL O . 43.73 -26.02 -25.71
C3 GOL O . 45.30 -27.70 -25.02
O3 GOL O . 45.41 -28.98 -24.41
C ACT P . 54.40 -7.46 -49.82
O ACT P . 54.84 -6.58 -50.61
OXT ACT P . 55.13 -7.77 -48.84
CH3 ACT P . 53.07 -8.10 -50.08
C ACT Q . 55.48 7.45 11.89
O ACT Q . 54.58 6.60 12.09
OXT ACT Q . 56.13 7.32 10.83
CH3 ACT Q . 55.77 8.55 12.88
C1 PEG R . 69.74 6.17 5.92
C1 PEG R . 69.61 6.40 5.87
O1 PEG R . 70.37 7.42 5.63
O1 PEG R . 70.52 7.35 6.45
C2 PEG R . 68.33 6.42 6.48
C2 PEG R . 68.31 6.38 6.67
O2 PEG R . 68.35 6.38 7.91
O2 PEG R . 68.58 6.02 8.02
C3 PEG R . 67.15 5.82 8.44
C3 PEG R . 67.38 5.96 8.78
C4 PEG R . 67.49 4.73 9.44
C4 PEG R . 67.40 4.68 9.61
O4 PEG R . 67.40 5.25 10.77
O4 PEG R . 68.01 3.62 8.85
C ACT S . -4.99 -19.97 -26.57
O ACT S . -5.19 -19.01 -27.36
OXT ACT S . -5.83 -20.13 -25.66
CH3 ACT S . -3.80 -20.84 -26.75
C ACT T . -1.13 21.12 0.19
O ACT T . -0.25 20.28 -0.12
OXT ACT T . -2.30 20.69 0.32
CH3 ACT T . -0.80 22.56 0.42
C ACT U . 5.73 30.71 26.22
O ACT U . 6.04 31.59 25.38
OXT ACT U . 6.19 30.85 27.39
CH3 ACT U . 4.87 29.52 25.86
C1 GOL V . 4.47 56.57 25.15
O1 GOL V . 5.00 57.82 24.77
C2 GOL V . 5.38 55.50 24.56
O2 GOL V . 6.73 55.89 24.74
C3 GOL V . 5.11 55.34 23.07
O3 GOL V . 4.92 53.97 22.74
C ACT W . -11.05 23.78 41.00
O ACT W . -11.88 23.75 40.06
OXT ACT W . -11.51 23.48 42.13
CH3 ACT W . -9.61 24.14 40.81
C1 PEG X . -45.53 24.95 -16.62
O1 PEG X . -46.07 26.17 -17.15
C2 PEG X . -44.63 25.30 -15.45
O2 PEG X . -44.01 24.11 -14.95
C3 PEG X . -44.35 23.80 -13.60
C4 PEG X . -44.44 22.28 -13.45
O4 PEG X . -45.80 21.86 -13.61
#